data_7FV7
# 
_entry.id   7FV7 
# 
_audit_conform.dict_name       mmcif_pdbx.dic 
_audit_conform.dict_version    5.392 
_audit_conform.dict_location   http://mmcif.pdb.org/dictionaries/ascii/mmcif_pdbx.dic 
# 
loop_
_database_2.database_id 
_database_2.database_code 
_database_2.pdbx_database_accession 
_database_2.pdbx_DOI 
PDB   7FV7         pdb_00007fv7 10.2210/pdb7fv7/pdb 
WWPDB D_1001405388 ?            ?                   
# 
loop_
_pdbx_audit_revision_history.ordinal 
_pdbx_audit_revision_history.data_content_type 
_pdbx_audit_revision_history.major_revision 
_pdbx_audit_revision_history.minor_revision 
_pdbx_audit_revision_history.revision_date 
1 'Structure model' 1 0 2023-03-29 
2 'Structure model' 1 1 2024-05-22 
# 
_pdbx_audit_revision_details.ordinal             1 
_pdbx_audit_revision_details.revision_ordinal    1 
_pdbx_audit_revision_details.data_content_type   'Structure model' 
_pdbx_audit_revision_details.provider            repository 
_pdbx_audit_revision_details.type                'Initial release' 
_pdbx_audit_revision_details.description         ? 
_pdbx_audit_revision_details.details             ? 
# 
_pdbx_audit_revision_group.ordinal             1 
_pdbx_audit_revision_group.revision_ordinal    2 
_pdbx_audit_revision_group.data_content_type   'Structure model' 
_pdbx_audit_revision_group.group               'Data collection' 
# 
loop_
_pdbx_audit_revision_category.ordinal 
_pdbx_audit_revision_category.revision_ordinal 
_pdbx_audit_revision_category.data_content_type 
_pdbx_audit_revision_category.category 
1 2 'Structure model' chem_comp_atom 
2 2 'Structure model' chem_comp_bond 
# 
_pdbx_database_status.entry_id                        7FV7 
_pdbx_database_status.status_code                     REL 
_pdbx_database_status.status_code_sf                  REL 
_pdbx_database_status.status_code_mr                  ? 
_pdbx_database_status.status_code_cs                  ? 
_pdbx_database_status.recvd_initial_deposition_date   2023-03-09 
_pdbx_database_status.status_code_nmr_data            ? 
_pdbx_database_status.deposit_site                    RCSB 
_pdbx_database_status.process_site                    RCSB 
_pdbx_database_status.SG_entry                        ? 
_pdbx_database_status.pdb_format_compatible           Y 
_pdbx_database_status.methods_development_category    ? 
# 
_pdbx_contact_author.id                 1 
_pdbx_contact_author.email              frank.von-delft@diamond.ac.uk 
_pdbx_contact_author.name_first         Frank 
_pdbx_contact_author.name_last          'von Delft' 
_pdbx_contact_author.role               'principal investigator/group leader' 
_pdbx_contact_author.identifier_ORCID   0000-0003-0378-0017 
_pdbx_contact_author.name_mi            ? 
# 
loop_
_audit_author.name 
_audit_author.pdbx_ordinal 
'Grosjean, H.'   1 
'Tomlinson, C.'  2 
'Bradshaw, W.J.' 3 
'Koekemoer, L.'  4 
'Krojer, T.'     5 
'Fearon, D.'     6 
'Biggin, P.C.'   7 
'von Delft, F.'  8 
# 
_citation.id                        primary 
_citation.title                     'PanDDA analysis group deposition' 
_citation.journal_abbrev            'To Be Published' 
_citation.journal_volume            ? 
_citation.page_first                ? 
_citation.page_last                 ? 
_citation.year                      ? 
_citation.journal_id_ASTM           ? 
_citation.country                   ? 
_citation.journal_id_ISSN           ? 
_citation.journal_id_CSD            0353 
_citation.book_publisher            ? 
_citation.pdbx_database_id_PubMed   ? 
_citation.pdbx_database_id_DOI      ? 
# 
loop_
_citation_author.citation_id 
_citation_author.name 
_citation_author.identifier_ORCID 
_citation_author.ordinal 
primary 'Grosjean, H.'   ? 1 
primary 'Tomlinson, C.'  ? 2 
primary 'Bradshaw, W.J.' ? 3 
primary 'Koekemoer, L.'  ? 4 
primary 'Krojer, T.'     ? 5 
primary 'Fearon, D.'     ? 6 
primary 'Biggin, P.C.'   ? 7 
primary 'von Delft, F.'  ? 8 
# 
loop_
_entity.id 
_entity.type 
_entity.src_method 
_entity.pdbx_description 
_entity.formula_weight 
_entity.pdbx_number_of_molecules 
_entity.pdbx_ec 
_entity.pdbx_mutation 
_entity.pdbx_fragment 
_entity.details 
1 polymer     man 'PH-interacting protein'                                                     17627.859 1   ? ? ? ? 
2 non-polymer syn '(3R)-4-(furan-2-carbonyl)-3-methyl-N-(propan-2-yl)piperazine-1-carboxamide' 279.335   1   ? ? ? ? 
3 water       nat water                                                                        18.015    193 ? ? ? ? 
# 
_entity_name_com.entity_id   1 
_entity_name_com.name        
'PHIP,DDB1- and CUL4-associated factor 14,IRS-1 PH domain-binding protein,WD repeat-containing protein 11' 
# 
_entity_poly.entity_id                      1 
_entity_poly.type                           'polypeptide(L)' 
_entity_poly.nstd_linkage                   no 
_entity_poly.nstd_monomer                   no 
_entity_poly.pdbx_seq_one_letter_code       
;MHHHHHHSSGVDLGTENLYFQSMSYDIQAWKKQCEELLNLIFQCEDSEPFRQPVDLLEYPDYRDIIDTPMDFATVRETLE
AGNYESPMELCKDVRLIFSNSKAYTPSKRSRIYSMSLRLSAFFEEHISSVLSDYKSALRFHKRNTITKR
;
_entity_poly.pdbx_seq_one_letter_code_can   
;MHHHHHHSSGVDLGTENLYFQSMSYDIQAWKKQCEELLNLIFQCEDSEPFRQPVDLLEYPDYRDIIDTPMDFATVRETLE
AGNYESPMELCKDVRLIFSNSKAYTPSKRSRIYSMSLRLSAFFEEHISSVLSDYKSALRFHKRNTITKR
;
_entity_poly.pdbx_strand_id                 A 
_entity_poly.pdbx_target_identifier         ? 
# 
loop_
_pdbx_entity_nonpoly.entity_id 
_pdbx_entity_nonpoly.name 
_pdbx_entity_nonpoly.comp_id 
2 '(3R)-4-(furan-2-carbonyl)-3-methyl-N-(propan-2-yl)piperazine-1-carboxamide' ZL3 
3 water                                                                        HOH 
# 
loop_
_entity_poly_seq.entity_id 
_entity_poly_seq.num 
_entity_poly_seq.mon_id 
_entity_poly_seq.hetero 
1 1   MET n 
1 2   HIS n 
1 3   HIS n 
1 4   HIS n 
1 5   HIS n 
1 6   HIS n 
1 7   HIS n 
1 8   SER n 
1 9   SER n 
1 10  GLY n 
1 11  VAL n 
1 12  ASP n 
1 13  LEU n 
1 14  GLY n 
1 15  THR n 
1 16  GLU n 
1 17  ASN n 
1 18  LEU n 
1 19  TYR n 
1 20  PHE n 
1 21  GLN n 
1 22  SER n 
1 23  MET n 
1 24  SER n 
1 25  TYR n 
1 26  ASP n 
1 27  ILE n 
1 28  GLN n 
1 29  ALA n 
1 30  TRP n 
1 31  LYS n 
1 32  LYS n 
1 33  GLN n 
1 34  CYS n 
1 35  GLU n 
1 36  GLU n 
1 37  LEU n 
1 38  LEU n 
1 39  ASN n 
1 40  LEU n 
1 41  ILE n 
1 42  PHE n 
1 43  GLN n 
1 44  CYS n 
1 45  GLU n 
1 46  ASP n 
1 47  SER n 
1 48  GLU n 
1 49  PRO n 
1 50  PHE n 
1 51  ARG n 
1 52  GLN n 
1 53  PRO n 
1 54  VAL n 
1 55  ASP n 
1 56  LEU n 
1 57  LEU n 
1 58  GLU n 
1 59  TYR n 
1 60  PRO n 
1 61  ASP n 
1 62  TYR n 
1 63  ARG n 
1 64  ASP n 
1 65  ILE n 
1 66  ILE n 
1 67  ASP n 
1 68  THR n 
1 69  PRO n 
1 70  MET n 
1 71  ASP n 
1 72  PHE n 
1 73  ALA n 
1 74  THR n 
1 75  VAL n 
1 76  ARG n 
1 77  GLU n 
1 78  THR n 
1 79  LEU n 
1 80  GLU n 
1 81  ALA n 
1 82  GLY n 
1 83  ASN n 
1 84  TYR n 
1 85  GLU n 
1 86  SER n 
1 87  PRO n 
1 88  MET n 
1 89  GLU n 
1 90  LEU n 
1 91  CYS n 
1 92  LYS n 
1 93  ASP n 
1 94  VAL n 
1 95  ARG n 
1 96  LEU n 
1 97  ILE n 
1 98  PHE n 
1 99  SER n 
1 100 ASN n 
1 101 SER n 
1 102 LYS n 
1 103 ALA n 
1 104 TYR n 
1 105 THR n 
1 106 PRO n 
1 107 SER n 
1 108 LYS n 
1 109 ARG n 
1 110 SER n 
1 111 ARG n 
1 112 ILE n 
1 113 TYR n 
1 114 SER n 
1 115 MET n 
1 116 SER n 
1 117 LEU n 
1 118 ARG n 
1 119 LEU n 
1 120 SER n 
1 121 ALA n 
1 122 PHE n 
1 123 PHE n 
1 124 GLU n 
1 125 GLU n 
1 126 HIS n 
1 127 ILE n 
1 128 SER n 
1 129 SER n 
1 130 VAL n 
1 131 LEU n 
1 132 SER n 
1 133 ASP n 
1 134 TYR n 
1 135 LYS n 
1 136 SER n 
1 137 ALA n 
1 138 LEU n 
1 139 ARG n 
1 140 PHE n 
1 141 HIS n 
1 142 LYS n 
1 143 ARG n 
1 144 ASN n 
1 145 THR n 
1 146 ILE n 
1 147 THR n 
1 148 LYS n 
1 149 ARG n 
# 
_entity_src_gen.entity_id                          1 
_entity_src_gen.pdbx_src_id                        1 
_entity_src_gen.pdbx_alt_source_flag               sample 
_entity_src_gen.pdbx_seq_type                      'Biological sequence' 
_entity_src_gen.pdbx_beg_seq_num                   1 
_entity_src_gen.pdbx_end_seq_num                   149 
_entity_src_gen.gene_src_common_name               human 
_entity_src_gen.gene_src_genus                     ? 
_entity_src_gen.pdbx_gene_src_gene                 'PHIP, DCAF14, WDR11' 
_entity_src_gen.gene_src_species                   ? 
_entity_src_gen.gene_src_strain                    ? 
_entity_src_gen.gene_src_tissue                    ? 
_entity_src_gen.gene_src_tissue_fraction           ? 
_entity_src_gen.gene_src_details                   ? 
_entity_src_gen.pdbx_gene_src_fragment             ? 
_entity_src_gen.pdbx_gene_src_scientific_name      'Homo sapiens' 
_entity_src_gen.pdbx_gene_src_ncbi_taxonomy_id     9606 
_entity_src_gen.pdbx_gene_src_variant              ? 
_entity_src_gen.pdbx_gene_src_cell_line            ? 
_entity_src_gen.pdbx_gene_src_atcc                 ? 
_entity_src_gen.pdbx_gene_src_organ                ? 
_entity_src_gen.pdbx_gene_src_organelle            ? 
_entity_src_gen.pdbx_gene_src_cell                 ? 
_entity_src_gen.pdbx_gene_src_cellular_location    ? 
_entity_src_gen.host_org_common_name               ? 
_entity_src_gen.pdbx_host_org_scientific_name      'Escherichia coli' 
_entity_src_gen.pdbx_host_org_ncbi_taxonomy_id     562 
_entity_src_gen.host_org_genus                     ? 
_entity_src_gen.pdbx_host_org_gene                 ? 
_entity_src_gen.pdbx_host_org_organ                ? 
_entity_src_gen.host_org_species                   ? 
_entity_src_gen.pdbx_host_org_tissue               ? 
_entity_src_gen.pdbx_host_org_tissue_fraction      ? 
_entity_src_gen.pdbx_host_org_strain               ? 
_entity_src_gen.pdbx_host_org_variant              ? 
_entity_src_gen.pdbx_host_org_cell_line            ? 
_entity_src_gen.pdbx_host_org_atcc                 ? 
_entity_src_gen.pdbx_host_org_culture_collection   ? 
_entity_src_gen.pdbx_host_org_cell                 ? 
_entity_src_gen.pdbx_host_org_organelle            ? 
_entity_src_gen.pdbx_host_org_cellular_location    ? 
_entity_src_gen.pdbx_host_org_vector_type          ? 
_entity_src_gen.pdbx_host_org_vector               ? 
_entity_src_gen.host_org_details                   ? 
_entity_src_gen.expression_system_id               ? 
_entity_src_gen.plasmid_name                       ? 
_entity_src_gen.plasmid_details                    ? 
_entity_src_gen.pdbx_description                   ? 
# 
loop_
_chem_comp.id 
_chem_comp.type 
_chem_comp.mon_nstd_flag 
_chem_comp.name 
_chem_comp.pdbx_synonyms 
_chem_comp.formula 
_chem_comp.formula_weight 
ALA 'L-peptide linking' y ALANINE                                                                      ? 'C3 H7 N O2'     89.093  
ARG 'L-peptide linking' y ARGININE                                                                     ? 'C6 H15 N4 O2 1' 175.209 
ASN 'L-peptide linking' y ASPARAGINE                                                                   ? 'C4 H8 N2 O3'    132.118 
ASP 'L-peptide linking' y 'ASPARTIC ACID'                                                              ? 'C4 H7 N O4'     133.103 
CYS 'L-peptide linking' y CYSTEINE                                                                     ? 'C3 H7 N O2 S'   121.158 
GLN 'L-peptide linking' y GLUTAMINE                                                                    ? 'C5 H10 N2 O3'   146.144 
GLU 'L-peptide linking' y 'GLUTAMIC ACID'                                                              ? 'C5 H9 N O4'     147.129 
GLY 'peptide linking'   y GLYCINE                                                                      ? 'C2 H5 N O2'     75.067  
HIS 'L-peptide linking' y HISTIDINE                                                                    ? 'C6 H10 N3 O2 1' 156.162 
HOH non-polymer         . WATER                                                                        ? 'H2 O'           18.015  
ILE 'L-peptide linking' y ISOLEUCINE                                                                   ? 'C6 H13 N O2'    131.173 
LEU 'L-peptide linking' y LEUCINE                                                                      ? 'C6 H13 N O2'    131.173 
LYS 'L-peptide linking' y LYSINE                                                                       ? 'C6 H15 N2 O2 1' 147.195 
MET 'L-peptide linking' y METHIONINE                                                                   ? 'C5 H11 N O2 S'  149.211 
PHE 'L-peptide linking' y PHENYLALANINE                                                                ? 'C9 H11 N O2'    165.189 
PRO 'L-peptide linking' y PROLINE                                                                      ? 'C5 H9 N O2'     115.130 
SER 'L-peptide linking' y SERINE                                                                       ? 'C3 H7 N O3'     105.093 
THR 'L-peptide linking' y THREONINE                                                                    ? 'C4 H9 N O3'     119.119 
TRP 'L-peptide linking' y TRYPTOPHAN                                                                   ? 'C11 H12 N2 O2'  204.225 
TYR 'L-peptide linking' y TYROSINE                                                                     ? 'C9 H11 N O3'    181.189 
VAL 'L-peptide linking' y VALINE                                                                       ? 'C5 H11 N O2'    117.146 
ZL3 non-polymer         . '(3R)-4-(furan-2-carbonyl)-3-methyl-N-(propan-2-yl)piperazine-1-carboxamide' ? 'C14 H21 N3 O3'  279.335 
# 
loop_
_pdbx_poly_seq_scheme.asym_id 
_pdbx_poly_seq_scheme.entity_id 
_pdbx_poly_seq_scheme.seq_id 
_pdbx_poly_seq_scheme.mon_id 
_pdbx_poly_seq_scheme.ndb_seq_num 
_pdbx_poly_seq_scheme.pdb_seq_num 
_pdbx_poly_seq_scheme.auth_seq_num 
_pdbx_poly_seq_scheme.pdb_mon_id 
_pdbx_poly_seq_scheme.auth_mon_id 
_pdbx_poly_seq_scheme.pdb_strand_id 
_pdbx_poly_seq_scheme.pdb_ins_code 
_pdbx_poly_seq_scheme.hetero 
A 1 1   MET 1   1292 ?    ?   ?   A . n 
A 1 2   HIS 2   1293 ?    ?   ?   A . n 
A 1 3   HIS 3   1294 ?    ?   ?   A . n 
A 1 4   HIS 4   1295 ?    ?   ?   A . n 
A 1 5   HIS 5   1296 ?    ?   ?   A . n 
A 1 6   HIS 6   1297 ?    ?   ?   A . n 
A 1 7   HIS 7   1298 ?    ?   ?   A . n 
A 1 8   SER 8   1299 ?    ?   ?   A . n 
A 1 9   SER 9   1300 ?    ?   ?   A . n 
A 1 10  GLY 10  1301 ?    ?   ?   A . n 
A 1 11  VAL 11  1302 ?    ?   ?   A . n 
A 1 12  ASP 12  1303 ?    ?   ?   A . n 
A 1 13  LEU 13  1304 ?    ?   ?   A . n 
A 1 14  GLY 14  1305 ?    ?   ?   A . n 
A 1 15  THR 15  1306 ?    ?   ?   A . n 
A 1 16  GLU 16  1307 ?    ?   ?   A . n 
A 1 17  ASN 17  1308 ?    ?   ?   A . n 
A 1 18  LEU 18  1309 ?    ?   ?   A . n 
A 1 19  TYR 19  1310 ?    ?   ?   A . n 
A 1 20  PHE 20  1311 ?    ?   ?   A . n 
A 1 21  GLN 21  1312 ?    ?   ?   A . n 
A 1 22  SER 22  1313 ?    ?   ?   A . n 
A 1 23  MET 23  1314 ?    ?   ?   A . n 
A 1 24  SER 24  1315 1315 SER SER A . n 
A 1 25  TYR 25  1316 1316 TYR TYR A . n 
A 1 26  ASP 26  1317 1317 ASP ASP A . n 
A 1 27  ILE 27  1318 1318 ILE ILE A . n 
A 1 28  GLN 28  1319 1319 GLN GLN A . n 
A 1 29  ALA 29  1320 1320 ALA ALA A . n 
A 1 30  TRP 30  1321 1321 TRP TRP A . n 
A 1 31  LYS 31  1322 1322 LYS LYS A . n 
A 1 32  LYS 32  1323 1323 LYS LYS A . n 
A 1 33  GLN 33  1324 1324 GLN GLN A . n 
A 1 34  CYS 34  1325 1325 CYS CYS A . n 
A 1 35  GLU 35  1326 1326 GLU GLU A . n 
A 1 36  GLU 36  1327 1327 GLU GLU A . n 
A 1 37  LEU 37  1328 1328 LEU LEU A . n 
A 1 38  LEU 38  1329 1329 LEU LEU A . n 
A 1 39  ASN 39  1330 1330 ASN ASN A . n 
A 1 40  LEU 40  1331 1331 LEU LEU A . n 
A 1 41  ILE 41  1332 1332 ILE ILE A . n 
A 1 42  PHE 42  1333 1333 PHE PHE A . n 
A 1 43  GLN 43  1334 1334 GLN GLN A . n 
A 1 44  CYS 44  1335 1335 CYS CYS A . n 
A 1 45  GLU 45  1336 1336 GLU GLU A . n 
A 1 46  ASP 46  1337 1337 ASP ASP A . n 
A 1 47  SER 47  1338 1338 SER SER A . n 
A 1 48  GLU 48  1339 1339 GLU GLU A . n 
A 1 49  PRO 49  1340 1340 PRO PRO A . n 
A 1 50  PHE 50  1341 1341 PHE PHE A . n 
A 1 51  ARG 51  1342 1342 ARG ARG A . n 
A 1 52  GLN 52  1343 1343 GLN GLN A . n 
A 1 53  PRO 53  1344 1344 PRO PRO A . n 
A 1 54  VAL 54  1345 1345 VAL VAL A . n 
A 1 55  ASP 55  1346 1346 ASP ASP A . n 
A 1 56  LEU 56  1347 1347 LEU LEU A . n 
A 1 57  LEU 57  1348 1348 LEU LEU A . n 
A 1 58  GLU 58  1349 1349 GLU GLU A . n 
A 1 59  TYR 59  1350 1350 TYR TYR A . n 
A 1 60  PRO 60  1351 1351 PRO PRO A . n 
A 1 61  ASP 61  1352 1352 ASP ASP A . n 
A 1 62  TYR 62  1353 1353 TYR TYR A . n 
A 1 63  ARG 63  1354 1354 ARG ARG A . n 
A 1 64  ASP 64  1355 1355 ASP ASP A . n 
A 1 65  ILE 65  1356 1356 ILE ILE A . n 
A 1 66  ILE 66  1357 1357 ILE ILE A . n 
A 1 67  ASP 67  1358 1358 ASP ASP A . n 
A 1 68  THR 68  1359 1359 THR THR A . n 
A 1 69  PRO 69  1360 1360 PRO PRO A . n 
A 1 70  MET 70  1361 1361 MET MET A . n 
A 1 71  ASP 71  1362 1362 ASP ASP A . n 
A 1 72  PHE 72  1363 1363 PHE PHE A . n 
A 1 73  ALA 73  1364 1364 ALA ALA A . n 
A 1 74  THR 74  1365 1365 THR THR A . n 
A 1 75  VAL 75  1366 1366 VAL VAL A . n 
A 1 76  ARG 76  1367 1367 ARG ARG A . n 
A 1 77  GLU 77  1368 1368 GLU GLU A . n 
A 1 78  THR 78  1369 1369 THR THR A . n 
A 1 79  LEU 79  1370 1370 LEU LEU A . n 
A 1 80  GLU 80  1371 1371 GLU GLU A . n 
A 1 81  ALA 81  1372 1372 ALA ALA A . n 
A 1 82  GLY 82  1373 1373 GLY GLY A . n 
A 1 83  ASN 83  1374 1374 ASN ASN A . n 
A 1 84  TYR 84  1375 1375 TYR TYR A . n 
A 1 85  GLU 85  1376 1376 GLU GLU A . n 
A 1 86  SER 86  1377 1377 SER SER A . n 
A 1 87  PRO 87  1378 1378 PRO PRO A . n 
A 1 88  MET 88  1379 1379 MET MET A . n 
A 1 89  GLU 89  1380 1380 GLU GLU A . n 
A 1 90  LEU 90  1381 1381 LEU LEU A . n 
A 1 91  CYS 91  1382 1382 CYS CYS A . n 
A 1 92  LYS 92  1383 1383 LYS LYS A . n 
A 1 93  ASP 93  1384 1384 ASP ASP A . n 
A 1 94  VAL 94  1385 1385 VAL VAL A . n 
A 1 95  ARG 95  1386 1386 ARG ARG A . n 
A 1 96  LEU 96  1387 1387 LEU LEU A . n 
A 1 97  ILE 97  1388 1388 ILE ILE A . n 
A 1 98  PHE 98  1389 1389 PHE PHE A . n 
A 1 99  SER 99  1390 1390 SER SER A . n 
A 1 100 ASN 100 1391 1391 ASN ASN A . n 
A 1 101 SER 101 1392 1392 SER SER A . n 
A 1 102 LYS 102 1393 1393 LYS LYS A . n 
A 1 103 ALA 103 1394 1394 ALA ALA A . n 
A 1 104 TYR 104 1395 1395 TYR TYR A . n 
A 1 105 THR 105 1396 1396 THR THR A . n 
A 1 106 PRO 106 1397 1397 PRO PRO A . n 
A 1 107 SER 107 1398 1398 SER SER A . n 
A 1 108 LYS 108 1399 1399 LYS LYS A . n 
A 1 109 ARG 109 1400 1400 ARG ARG A . n 
A 1 110 SER 110 1401 1401 SER SER A . n 
A 1 111 ARG 111 1402 1402 ARG ARG A . n 
A 1 112 ILE 112 1403 1403 ILE ILE A . n 
A 1 113 TYR 113 1404 1404 TYR TYR A . n 
A 1 114 SER 114 1405 1405 SER SER A . n 
A 1 115 MET 115 1406 1406 MET MET A . n 
A 1 116 SER 116 1407 1407 SER SER A . n 
A 1 117 LEU 117 1408 1408 LEU LEU A . n 
A 1 118 ARG 118 1409 1409 ARG ARG A . n 
A 1 119 LEU 119 1410 1410 LEU LEU A . n 
A 1 120 SER 120 1411 1411 SER SER A . n 
A 1 121 ALA 121 1412 1412 ALA ALA A . n 
A 1 122 PHE 122 1413 1413 PHE PHE A . n 
A 1 123 PHE 123 1414 1414 PHE PHE A . n 
A 1 124 GLU 124 1415 1415 GLU GLU A . n 
A 1 125 GLU 125 1416 1416 GLU GLU A . n 
A 1 126 HIS 126 1417 1417 HIS HIS A . n 
A 1 127 ILE 127 1418 1418 ILE ILE A . n 
A 1 128 SER 128 1419 1419 SER SER A . n 
A 1 129 SER 129 1420 1420 SER SER A . n 
A 1 130 VAL 130 1421 1421 VAL VAL A . n 
A 1 131 LEU 131 1422 1422 LEU LEU A . n 
A 1 132 SER 132 1423 1423 SER SER A . n 
A 1 133 ASP 133 1424 1424 ASP ASP A . n 
A 1 134 TYR 134 1425 1425 TYR TYR A . n 
A 1 135 LYS 135 1426 1426 LYS LYS A . n 
A 1 136 SER 136 1427 1427 SER SER A . n 
A 1 137 ALA 137 1428 1428 ALA ALA A . n 
A 1 138 LEU 138 1429 1429 LEU LEU A . n 
A 1 139 ARG 139 1430 1430 ARG ARG A . n 
A 1 140 PHE 140 1431 1431 PHE PHE A . n 
A 1 141 HIS 141 1432 1432 HIS HIS A . n 
A 1 142 LYS 142 1433 1433 LYS LYS A . n 
A 1 143 ARG 143 1434 1434 ARG ARG A . n 
A 1 144 ASN 144 1435 1435 ASN ASN A . n 
A 1 145 THR 145 1436 1436 THR THR A . n 
A 1 146 ILE 146 1437 ?    ?   ?   A . n 
A 1 147 THR 147 1438 ?    ?   ?   A . n 
A 1 148 LYS 148 1439 ?    ?   ?   A . n 
A 1 149 ARG 149 1440 ?    ?   ?   A . n 
# 
loop_
_pdbx_nonpoly_scheme.asym_id 
_pdbx_nonpoly_scheme.entity_id 
_pdbx_nonpoly_scheme.mon_id 
_pdbx_nonpoly_scheme.ndb_seq_num 
_pdbx_nonpoly_scheme.pdb_seq_num 
_pdbx_nonpoly_scheme.auth_seq_num 
_pdbx_nonpoly_scheme.pdb_mon_id 
_pdbx_nonpoly_scheme.auth_mon_id 
_pdbx_nonpoly_scheme.pdb_strand_id 
_pdbx_nonpoly_scheme.pdb_ins_code 
B 2 ZL3 1   1501 1802 ZL3 LIG A . 
C 3 HOH 1   1601 1653 HOH HOH A . 
C 3 HOH 2   1602 1712 HOH HOH A . 
C 3 HOH 3   1603 10   HOH HOH A . 
C 3 HOH 4   1604 1622 HOH HOH A . 
C 3 HOH 5   1605 1771 HOH HOH A . 
C 3 HOH 6   1606 1610 HOH HOH A . 
C 3 HOH 7   1607 1718 HOH HOH A . 
C 3 HOH 8   1608 1614 HOH HOH A . 
C 3 HOH 9   1609 1623 HOH HOH A . 
C 3 HOH 10  1610 11   HOH HOH A . 
C 3 HOH 11  1611 1605 HOH HOH A . 
C 3 HOH 12  1612 1607 HOH HOH A . 
C 3 HOH 13  1613 1665 HOH HOH A . 
C 3 HOH 14  1614 1747 HOH HOH A . 
C 3 HOH 15  1615 5    HOH HOH A . 
C 3 HOH 16  1616 1624 HOH HOH A . 
C 3 HOH 17  1617 1676 HOH HOH A . 
C 3 HOH 18  1618 1680 HOH HOH A . 
C 3 HOH 19  1619 17   HOH HOH A . 
C 3 HOH 20  1620 1731 HOH HOH A . 
C 3 HOH 21  1621 1739 HOH HOH A . 
C 3 HOH 22  1622 1629 HOH HOH A . 
C 3 HOH 23  1623 1620 HOH HOH A . 
C 3 HOH 24  1624 1757 HOH HOH A . 
C 3 HOH 25  1625 1647 HOH HOH A . 
C 3 HOH 26  1626 1638 HOH HOH A . 
C 3 HOH 27  1627 1626 HOH HOH A . 
C 3 HOH 28  1628 1633 HOH HOH A . 
C 3 HOH 29  1629 1694 HOH HOH A . 
C 3 HOH 30  1630 1615 HOH HOH A . 
C 3 HOH 31  1631 1630 HOH HOH A . 
C 3 HOH 32  1632 1692 HOH HOH A . 
C 3 HOH 33  1633 1658 HOH HOH A . 
C 3 HOH 34  1634 16   HOH HOH A . 
C 3 HOH 35  1635 1    HOH HOH A . 
C 3 HOH 36  1636 1674 HOH HOH A . 
C 3 HOH 37  1637 1625 HOH HOH A . 
C 3 HOH 38  1638 1603 HOH HOH A . 
C 3 HOH 39  1639 1628 HOH HOH A . 
C 3 HOH 40  1640 1634 HOH HOH A . 
C 3 HOH 41  1641 1608 HOH HOH A . 
C 3 HOH 42  1642 1750 HOH HOH A . 
C 3 HOH 43  1643 1602 HOH HOH A . 
C 3 HOH 44  1644 1664 HOH HOH A . 
C 3 HOH 45  1645 1720 HOH HOH A . 
C 3 HOH 46  1646 9    HOH HOH A . 
C 3 HOH 47  1647 1641 HOH HOH A . 
C 3 HOH 48  1648 1609 HOH HOH A . 
C 3 HOH 49  1649 1644 HOH HOH A . 
C 3 HOH 50  1650 1621 HOH HOH A . 
C 3 HOH 51  1651 1649 HOH HOH A . 
C 3 HOH 52  1652 1667 HOH HOH A . 
C 3 HOH 53  1653 1655 HOH HOH A . 
C 3 HOH 54  1654 1732 HOH HOH A . 
C 3 HOH 55  1655 1683 HOH HOH A . 
C 3 HOH 56  1656 1687 HOH HOH A . 
C 3 HOH 57  1657 1645 HOH HOH A . 
C 3 HOH 58  1658 1646 HOH HOH A . 
C 3 HOH 59  1659 2    HOH HOH A . 
C 3 HOH 60  1660 1673 HOH HOH A . 
C 3 HOH 61  1661 1651 HOH HOH A . 
C 3 HOH 62  1662 1617 HOH HOH A . 
C 3 HOH 63  1663 1672 HOH HOH A . 
C 3 HOH 64  1664 1709 HOH HOH A . 
C 3 HOH 65  1665 1677 HOH HOH A . 
C 3 HOH 66  1666 1666 HOH HOH A . 
C 3 HOH 67  1667 1663 HOH HOH A . 
C 3 HOH 68  1668 1723 HOH HOH A . 
C 3 HOH 69  1669 1632 HOH HOH A . 
C 3 HOH 70  1670 1696 HOH HOH A . 
C 3 HOH 71  1671 1675 HOH HOH A . 
C 3 HOH 72  1672 1652 HOH HOH A . 
C 3 HOH 73  1673 1733 HOH HOH A . 
C 3 HOH 74  1674 1728 HOH HOH A . 
C 3 HOH 75  1675 1689 HOH HOH A . 
C 3 HOH 76  1676 1650 HOH HOH A . 
C 3 HOH 77  1677 1704 HOH HOH A . 
C 3 HOH 78  1678 1721 HOH HOH A . 
C 3 HOH 79  1679 1671 HOH HOH A . 
C 3 HOH 80  1680 1688 HOH HOH A . 
C 3 HOH 81  1681 1637 HOH HOH A . 
C 3 HOH 82  1682 1643 HOH HOH A . 
C 3 HOH 83  1683 1616 HOH HOH A . 
C 3 HOH 84  1684 1619 HOH HOH A . 
C 3 HOH 85  1685 1681 HOH HOH A . 
C 3 HOH 86  1686 1738 HOH HOH A . 
C 3 HOH 87  1687 1613 HOH HOH A . 
C 3 HOH 88  1688 1686 HOH HOH A . 
C 3 HOH 89  1689 1693 HOH HOH A . 
C 3 HOH 90  1690 1725 HOH HOH A . 
C 3 HOH 91  1691 1648 HOH HOH A . 
C 3 HOH 92  1692 1662 HOH HOH A . 
C 3 HOH 93  1693 1711 HOH HOH A . 
C 3 HOH 94  1694 1700 HOH HOH A . 
C 3 HOH 95  1695 1740 HOH HOH A . 
C 3 HOH 96  1696 1773 HOH HOH A . 
C 3 HOH 97  1697 1714 HOH HOH A . 
C 3 HOH 98  1698 1697 HOH HOH A . 
C 3 HOH 99  1699 1601 HOH HOH A . 
C 3 HOH 100 1700 1682 HOH HOH A . 
C 3 HOH 101 1701 1699 HOH HOH A . 
C 3 HOH 102 1702 1690 HOH HOH A . 
C 3 HOH 103 1703 1701 HOH HOH A . 
C 3 HOH 104 1704 1722 HOH HOH A . 
C 3 HOH 105 1705 1685 HOH HOH A . 
C 3 HOH 106 1706 1734 HOH HOH A . 
C 3 HOH 107 1707 1636 HOH HOH A . 
C 3 HOH 108 1708 1719 HOH HOH A . 
C 3 HOH 109 1709 3    HOH HOH A . 
C 3 HOH 110 1710 1668 HOH HOH A . 
C 3 HOH 111 1711 1611 HOH HOH A . 
C 3 HOH 112 1712 1713 HOH HOH A . 
C 3 HOH 113 1713 1661 HOH HOH A . 
C 3 HOH 114 1714 1715 HOH HOH A . 
C 3 HOH 115 1715 1708 HOH HOH A . 
C 3 HOH 116 1716 1703 HOH HOH A . 
C 3 HOH 117 1717 1736 HOH HOH A . 
C 3 HOH 118 1718 1710 HOH HOH A . 
C 3 HOH 119 1719 1612 HOH HOH A . 
C 3 HOH 120 1720 1706 HOH HOH A . 
C 3 HOH 121 1721 1737 HOH HOH A . 
C 3 HOH 122 1722 14   HOH HOH A . 
C 3 HOH 123 1723 1724 HOH HOH A . 
C 3 HOH 124 1724 1741 HOH HOH A . 
C 3 HOH 125 1725 1716 HOH HOH A . 
C 3 HOH 126 1726 1754 HOH HOH A . 
C 3 HOH 127 1727 1788 HOH HOH A . 
C 3 HOH 128 1728 1801 HOH HOH A . 
C 3 HOH 129 1729 1729 HOH HOH A . 
C 3 HOH 130 1730 1684 HOH HOH A . 
C 3 HOH 131 1731 1695 HOH HOH A . 
C 3 HOH 132 1732 1726 HOH HOH A . 
C 3 HOH 133 1733 1744 HOH HOH A . 
C 3 HOH 134 1734 1767 HOH HOH A . 
C 3 HOH 135 1735 6    HOH HOH A . 
C 3 HOH 136 1736 1727 HOH HOH A . 
C 3 HOH 137 1737 1657 HOH HOH A . 
C 3 HOH 138 1738 1640 HOH HOH A . 
C 3 HOH 139 1739 13   HOH HOH A . 
C 3 HOH 140 1740 1678 HOH HOH A . 
C 3 HOH 141 1741 1642 HOH HOH A . 
C 3 HOH 142 1742 1756 HOH HOH A . 
C 3 HOH 143 1743 1730 HOH HOH A . 
C 3 HOH 144 1744 1758 HOH HOH A . 
C 3 HOH 145 1745 1752 HOH HOH A . 
C 3 HOH 146 1746 1656 HOH HOH A . 
C 3 HOH 147 1747 1751 HOH HOH A . 
C 3 HOH 148 1748 1795 HOH HOH A . 
C 3 HOH 149 1749 1753 HOH HOH A . 
C 3 HOH 150 1750 1759 HOH HOH A . 
C 3 HOH 151 1751 1763 HOH HOH A . 
C 3 HOH 152 1752 1635 HOH HOH A . 
C 3 HOH 153 1753 1769 HOH HOH A . 
C 3 HOH 154 1754 1770 HOH HOH A . 
C 3 HOH 155 1755 1766 HOH HOH A . 
C 3 HOH 156 1756 1742 HOH HOH A . 
C 3 HOH 157 1757 1768 HOH HOH A . 
C 3 HOH 158 1758 15   HOH HOH A . 
C 3 HOH 159 1759 1743 HOH HOH A . 
C 3 HOH 160 1760 1761 HOH HOH A . 
C 3 HOH 161 1761 1779 HOH HOH A . 
C 3 HOH 162 1762 8    HOH HOH A . 
C 3 HOH 163 1763 1786 HOH HOH A . 
C 3 HOH 164 1764 1794 HOH HOH A . 
C 3 HOH 165 1765 1784 HOH HOH A . 
C 3 HOH 166 1766 1762 HOH HOH A . 
C 3 HOH 167 1767 1748 HOH HOH A . 
C 3 HOH 168 1768 1783 HOH HOH A . 
C 3 HOH 169 1769 1777 HOH HOH A . 
C 3 HOH 170 1770 1764 HOH HOH A . 
C 3 HOH 171 1771 7    HOH HOH A . 
C 3 HOH 172 1772 1765 HOH HOH A . 
C 3 HOH 173 1773 1778 HOH HOH A . 
C 3 HOH 174 1774 1755 HOH HOH A . 
C 3 HOH 175 1775 1775 HOH HOH A . 
C 3 HOH 176 1776 1781 HOH HOH A . 
C 3 HOH 177 1777 1785 HOH HOH A . 
C 3 HOH 178 1778 1660 HOH HOH A . 
C 3 HOH 179 1779 1774 HOH HOH A . 
C 3 HOH 180 1780 1782 HOH HOH A . 
C 3 HOH 181 1781 1780 HOH HOH A . 
C 3 HOH 182 1782 1796 HOH HOH A . 
C 3 HOH 183 1783 1787 HOH HOH A . 
C 3 HOH 184 1784 1760 HOH HOH A . 
C 3 HOH 185 1785 1789 HOH HOH A . 
C 3 HOH 186 1786 1790 HOH HOH A . 
C 3 HOH 187 1787 1791 HOH HOH A . 
C 3 HOH 188 1788 1793 HOH HOH A . 
C 3 HOH 189 1789 1798 HOH HOH A . 
C 3 HOH 190 1790 1792 HOH HOH A . 
C 3 HOH 191 1791 12   HOH HOH A . 
C 3 HOH 192 1792 1797 HOH HOH A . 
C 3 HOH 193 1793 1800 HOH HOH A . 
# 
loop_
_pdbx_unobs_or_zero_occ_atoms.id 
_pdbx_unobs_or_zero_occ_atoms.PDB_model_num 
_pdbx_unobs_or_zero_occ_atoms.polymer_flag 
_pdbx_unobs_or_zero_occ_atoms.occupancy_flag 
_pdbx_unobs_or_zero_occ_atoms.auth_asym_id 
_pdbx_unobs_or_zero_occ_atoms.auth_comp_id 
_pdbx_unobs_or_zero_occ_atoms.auth_seq_id 
_pdbx_unobs_or_zero_occ_atoms.PDB_ins_code 
_pdbx_unobs_or_zero_occ_atoms.auth_atom_id 
_pdbx_unobs_or_zero_occ_atoms.label_alt_id 
_pdbx_unobs_or_zero_occ_atoms.label_asym_id 
_pdbx_unobs_or_zero_occ_atoms.label_comp_id 
_pdbx_unobs_or_zero_occ_atoms.label_seq_id 
_pdbx_unobs_or_zero_occ_atoms.label_atom_id 
1 1 Y 1 A GLN 1334 ? CD  ? A GLN 43 CD  
2 1 Y 1 A GLN 1334 ? OE1 ? A GLN 43 OE1 
3 1 Y 1 A GLN 1334 ? NE2 ? A GLN 43 NE2 
# 
loop_
_software.pdbx_ordinal 
_software.name 
_software.version 
_software.date 
_software.type 
_software.contact_author 
_software.contact_author_email 
_software.classification 
_software.location 
_software.language 
_software.citation_id 
1 REFMAC      5.8.0267 ?               program 'Garib N. Murshudov' garib@ysbl.york.ac.uk    refinement        
http://www.ccp4.ac.uk/dist/html/refmac5.html        Fortran_77 ? 
2 Aimless     0.7.7    23/04/21        program 'Phil Evans'         ?                        'data scaling'    
http://www.mrc-lmb.cam.ac.uk/harry/pre/aimless.html ?          ? 
3 PDB_EXTRACT 3.23     'SEP. 23, 2016' package PDB                  deposit@deposit.rcsb.org 'data extraction' 
http://sw-tools.pdb.org/apps/PDB_EXTRACT/           C++        ? 
4 XDS         .        ?               program ?                    ?                        'data reduction'  ? ?          ? 
5 REFMAC      .        ?               program ?                    ?                        phasing           ? ?          ? 
# 
_cell.entry_id           7FV7 
_cell.length_a           81.886 
_cell.length_b           27.518 
_cell.length_c           56.266 
_cell.angle_alpha        90.000 
_cell.angle_beta         99.840 
_cell.angle_gamma        90.000 
_cell.Z_PDB              4 
_cell.pdbx_unique_axis   ? 
# 
_symmetry.entry_id                         7FV7 
_symmetry.space_group_name_H-M             'C 1 2 1' 
_symmetry.pdbx_full_space_group_name_H-M   ? 
_symmetry.cell_setting                     ? 
_symmetry.Int_Tables_number                5 
# 
_exptl.crystals_number   1 
_exptl.entry_id          7FV7 
_exptl.method            'X-RAY DIFFRACTION' 
# 
_exptl_crystal.id                    1 
_exptl_crystal.pdbx_mosaicity        0.000 
_exptl_crystal.pdbx_mosaicity_esd    ? 
_exptl_crystal.density_Matthews      1.77 
_exptl_crystal.density_diffrn        ? 
_exptl_crystal.density_meas          ? 
_exptl_crystal.density_meas_temp     ? 
_exptl_crystal.density_percent_sol   30.57 
_exptl_crystal.size_max              ? 
_exptl_crystal.size_mid              ? 
_exptl_crystal.size_min              ? 
_exptl_crystal.size_rad              ? 
_exptl_crystal.description           ? 
# 
_exptl_crystal_grow.crystal_id      1 
_exptl_crystal_grow.method          'VAPOR DIFFUSION, SITTING DROP' 
_exptl_crystal_grow.pH              5.6 
_exptl_crystal_grow.temp            277 
_exptl_crystal_grow.pdbx_details    '20% PEG 8000, 0.04M potassium phosphate' 
_exptl_crystal_grow.temp_details    ? 
_exptl_crystal_grow.pdbx_pH_range   ? 
# 
_diffrn.id                     1 
_diffrn.ambient_temp           100 
_diffrn.crystal_id             1 
_diffrn.ambient_temp_details   ? 
# 
_diffrn_detector.detector               PIXEL 
_diffrn_detector.type                   'DECTRIS PILATUS 6M' 
_diffrn_detector.pdbx_collection_date   2022-09-24 
_diffrn_detector.diffrn_id              1 
_diffrn_detector.details                ? 
# 
_diffrn_radiation.diffrn_id                        1 
_diffrn_radiation.wavelength_id                    1 
_diffrn_radiation.pdbx_diffrn_protocol             'SINGLE WAVELENGTH' 
_diffrn_radiation.pdbx_monochromatic_or_laue_m_l   ? 
_diffrn_radiation.monochromator                    ? 
_diffrn_radiation.pdbx_scattering_type             x-ray 
# 
_diffrn_radiation_wavelength.id           1 
_diffrn_radiation_wavelength.wavelength   0.92124 
_diffrn_radiation_wavelength.wt           1.0 
# 
_diffrn_source.diffrn_id                   1 
_diffrn_source.source                      SYNCHROTRON 
_diffrn_source.type                        'DIAMOND BEAMLINE I04-1' 
_diffrn_source.pdbx_wavelength_list        0.92124 
_diffrn_source.pdbx_synchrotron_site       Diamond 
_diffrn_source.pdbx_synchrotron_beamline   I04-1 
_diffrn_source.pdbx_wavelength             ? 
# 
_reflns.entry_id                     7FV7 
_reflns.pdbx_diffrn_id               1 
_reflns.pdbx_ordinal                 1 
_reflns.observed_criterion_sigma_I   ? 
_reflns.observed_criterion_sigma_F   ? 
_reflns.d_resolution_low             55.440 
_reflns.d_resolution_high            1.250 
_reflns.number_obs                   29107 
_reflns.number_all                   ? 
_reflns.percent_possible_obs         84.100 
_reflns.pdbx_Rmerge_I_obs            0.099 
_reflns.pdbx_Rsym_value              ? 
_reflns.pdbx_netI_over_sigmaI        19.100 
_reflns.B_iso_Wilson_estimate        ? 
_reflns.pdbx_redundancy              5.800 
_reflns.pdbx_Rrim_I_all              0.110 
_reflns.pdbx_Rpim_I_all              0.048 
_reflns.pdbx_CC_half                 0.969 
_reflns.pdbx_netI_over_av_sigmaI     ? 
_reflns.pdbx_number_measured_all     169612 
_reflns.pdbx_scaling_rejects         0 
_reflns.pdbx_chi_squared             ? 
_reflns.Rmerge_F_all                 ? 
_reflns.Rmerge_F_obs                 ? 
_reflns.observed_criterion_F_max     ? 
_reflns.observed_criterion_F_min     ? 
_reflns.observed_criterion_I_max     ? 
_reflns.observed_criterion_I_min     ? 
_reflns.pdbx_d_res_high_opt          ? 
_reflns.pdbx_d_res_low_opt           ? 
_reflns.details                      ? 
# 
loop_
_reflns_shell.pdbx_diffrn_id 
_reflns_shell.pdbx_ordinal 
_reflns_shell.d_res_high 
_reflns_shell.d_res_low 
_reflns_shell.number_measured_obs 
_reflns_shell.number_measured_all 
_reflns_shell.number_unique_obs 
_reflns_shell.pdbx_rejects 
_reflns_shell.Rmerge_I_obs 
_reflns_shell.meanI_over_sigI_obs 
_reflns_shell.pdbx_Rsym_value 
_reflns_shell.pdbx_chi_squared 
_reflns_shell.pdbx_redundancy 
_reflns_shell.percent_possible_obs 
_reflns_shell.pdbx_netI_over_sigmaI_obs 
_reflns_shell.number_possible 
_reflns_shell.number_unique_all 
_reflns_shell.Rmerge_F_all 
_reflns_shell.Rmerge_F_obs 
_reflns_shell.Rmerge_I_all 
_reflns_shell.meanI_over_sigI_all 
_reflns_shell.percent_possible_all 
_reflns_shell.pdbx_Rrim_I_all 
_reflns_shell.pdbx_Rpim_I_all 
_reflns_shell.pdbx_CC_half 
1 1 1.250 1.270  ? 1689 ? ? 2.017 ? ? ? 3.000 ? 1.200  ? 567 ? ? ? ? 33.700 2.495 1.445 0.165 
1 2 6.840 55.440 ? 1301 ? ? 0.074 ? ? ? 5.400 ? 69.900 ? 240 ? ? ? ? 99.300 0.085 0.040 0.980 
# 
_refine.entry_id                                 7FV7 
_refine.pdbx_refine_id                           'X-RAY DIFFRACTION' 
_refine.ls_d_res_high                            1.2500 
_refine.ls_d_res_low                             55.4400 
_refine.pdbx_ls_sigma_F                          0.000 
_refine.pdbx_data_cutoff_high_absF               ? 
_refine.pdbx_data_cutoff_low_absF                ? 
_refine.ls_percent_reflns_obs                    82.9200 
_refine.ls_number_reflns_obs                     27337 
_refine.ls_number_reflns_all                     ? 
_refine.pdbx_ls_cross_valid_method               THROUGHOUT 
_refine.ls_matrix_type                           ? 
_refine.pdbx_R_Free_selection_details            RANDOM 
_refine.details                                  
'HYDROGENS HAVE BEEN ADDED IN THE RIDING POSITIONS U VALUES      : REFINED INDIVIDUALLY' 
_refine.ls_R_factor_all                          ? 
_refine.ls_R_factor_obs                          0.1955 
_refine.ls_R_factor_R_work                       0.1940 
_refine.ls_wR_factor_R_work                      ? 
_refine.ls_R_factor_R_free                       0.2236 
_refine.ls_wR_factor_R_free                      ? 
_refine.ls_percent_reflns_R_free                 5.1000 
_refine.ls_number_reflns_R_free                  1462 
_refine.ls_number_reflns_R_work                  ? 
_refine.ls_R_factor_R_free_error                 ? 
_refine.B_iso_mean                               21.3710 
_refine.solvent_model_param_bsol                 ? 
_refine.solvent_model_param_ksol                 ? 
_refine.pdbx_isotropic_thermal_model             ? 
_refine.aniso_B[1][1]                            -0.1900 
_refine.aniso_B[2][2]                            1.5200 
_refine.aniso_B[3][3]                            -1.3700 
_refine.aniso_B[1][2]                            -0.0000 
_refine.aniso_B[1][3]                            0.3500 
_refine.aniso_B[2][3]                            0.0000 
_refine.correlation_coeff_Fo_to_Fc               0.9600 
_refine.correlation_coeff_Fo_to_Fc_free          0.9430 
_refine.overall_SU_R_Cruickshank_DPI             ? 
_refine.pdbx_overall_SU_R_free_Cruickshank_DPI   ? 
_refine.pdbx_overall_SU_R_Blow_DPI               ? 
_refine.pdbx_overall_SU_R_free_Blow_DPI          ? 
_refine.overall_SU_R_free                        ? 
_refine.pdbx_overall_ESU_R                       0.1030 
_refine.pdbx_overall_ESU_R_Free                  0.0930 
_refine.overall_SU_ML                            0.0880 
_refine.overall_SU_B                             2.1990 
_refine.solvent_model_details                    MASK 
_refine.pdbx_solvent_vdw_probe_radii             1.2000 
_refine.pdbx_solvent_ion_probe_radii             0.8000 
_refine.pdbx_solvent_shrinkage_radii             0.8000 
_refine.ls_number_parameters                     ? 
_refine.ls_number_restraints                     ? 
_refine.pdbx_starting_model                      7av9 
_refine.pdbx_method_to_determine_struct          'FOURIER SYNTHESIS' 
_refine.pdbx_stereochemistry_target_values       'MAXIMUM LIKELIHOOD' 
_refine.pdbx_stereochem_target_val_spec_case     ? 
_refine.overall_FOM_work_R_set                   ? 
_refine.B_iso_max                                53.080 
_refine.B_iso_min                                11.600 
_refine.pdbx_overall_phase_error                 ? 
_refine.occupancy_max                            ? 
_refine.occupancy_min                            ? 
_refine.pdbx_diffrn_id                           1 
_refine.pdbx_TLS_residual_ADP_flag               ? 
_refine.pdbx_ls_sigma_I                          ? 
_refine.pdbx_data_cutoff_high_rms_absF           ? 
_refine.ls_R_factor_R_free_error_details         ? 
# 
_refine_hist.cycle_id                         final 
_refine_hist.pdbx_refine_id                   'X-RAY DIFFRACTION' 
_refine_hist.d_res_high                       1.2500 
_refine_hist.d_res_low                        55.4400 
_refine_hist.pdbx_number_atoms_ligand         20 
_refine_hist.number_atoms_solvent             193 
_refine_hist.number_atoms_total               1223 
_refine_hist.pdbx_number_residues_total       122 
_refine_hist.pdbx_B_iso_mean_ligand           22.48 
_refine_hist.pdbx_B_iso_mean_solvent          29.83 
_refine_hist.pdbx_number_atoms_protein        1010 
_refine_hist.pdbx_number_atoms_nucleic_acid   0 
# 
loop_
_refine_ls_restr.pdbx_refine_id 
_refine_ls_restr.type 
_refine_ls_restr.number 
_refine_ls_restr.dev_ideal 
_refine_ls_restr.dev_ideal_target 
_refine_ls_restr.weight 
_refine_ls_restr.pdbx_restraint_function 
'X-RAY DIFFRACTION' r_bond_refined_d       3283 0.008  0.015  ? ? 
'X-RAY DIFFRACTION' r_bond_other_d         2183 0.001  0.014  ? ? 
'X-RAY DIFFRACTION' r_angle_refined_deg    3253 1.509  1.670  ? ? 
'X-RAY DIFFRACTION' r_angle_other_deg      5079 1.365  1.610  ? ? 
'X-RAY DIFFRACTION' r_dihedral_angle_1_deg 296  6.393  5.000  ? ? 
'X-RAY DIFFRACTION' r_dihedral_angle_2_deg 134  23.955 20.224 ? ? 
'X-RAY DIFFRACTION' r_dihedral_angle_3_deg 409  14.842 15.000 ? ? 
'X-RAY DIFFRACTION' r_dihedral_angle_4_deg 24   12.683 15.000 ? ? 
'X-RAY DIFFRACTION' r_chiral_restr         307  0.074  0.200  ? ? 
'X-RAY DIFFRACTION' r_gen_planes_refined   2820 0.007  0.020  ? ? 
'X-RAY DIFFRACTION' r_gen_planes_other     580  0.002  0.020  ? ? 
'X-RAY DIFFRACTION' r_mcbond_it            1566 1.333  2.094  ? ? 
'X-RAY DIFFRACTION' r_mcbond_other         1550 1.340  2.086  ? ? 
'X-RAY DIFFRACTION' r_mcangle_it           1436 2.722  2.972  ? ? 
# 
_refine_ls_shell.d_res_high                       1.2490 
_refine_ls_shell.d_res_low                        1.2810 
_refine_ls_shell.pdbx_total_number_of_bins_used   20 
_refine_ls_shell.percent_reflns_obs               27.9800 
_refine_ls_shell.number_reflns_R_work             674 
_refine_ls_shell.R_factor_all                     ? 
_refine_ls_shell.R_factor_R_work                  0.4110 
_refine_ls_shell.R_factor_R_free                  0.4000 
_refine_ls_shell.percent_reflns_R_free            ? 
_refine_ls_shell.number_reflns_R_free             34 
_refine_ls_shell.R_factor_R_free_error            ? 
_refine_ls_shell.number_reflns_all                708 
_refine_ls_shell.number_reflns_obs                ? 
_refine_ls_shell.pdbx_refine_id                   'X-RAY DIFFRACTION' 
# 
_struct.entry_id                  7FV7 
_struct.title                     'PanDDA analysis group deposition -- PHIP in complex with Z1929967066' 
_struct.pdbx_model_details        ? 
_struct.pdbx_CASP_flag            ? 
_struct.pdbx_model_type_details   ? 
# 
_struct_keywords.entry_id        7FV7 
_struct_keywords.text            
'False negatives, ligand features, rescreening, catalogue, fragment follow-ups, automated chemistry, SIGNALING PROTEIN' 
_struct_keywords.pdbx_keywords   'SIGNALING PROTEIN' 
# 
loop_
_struct_asym.id 
_struct_asym.pdbx_blank_PDB_chainid_flag 
_struct_asym.pdbx_modified 
_struct_asym.entity_id 
_struct_asym.details 
A N N 1 ? 
B N N 2 ? 
C N N 3 ? 
# 
_struct_ref.id                         1 
_struct_ref.db_name                    UNP 
_struct_ref.db_code                    PHIP_HUMAN 
_struct_ref.pdbx_db_accession          Q8WWQ0 
_struct_ref.pdbx_db_isoform            ? 
_struct_ref.entity_id                  1 
_struct_ref.pdbx_seq_one_letter_code   
;SYDIQAWKKQCEELLNLIFQCEDSEPFRQPVDLLEYPDYRDIIDTPMDFATVRETLEAGNYESPMELCKDVRLIFSNSKA
YTPSKRSRIYSMSLRLSAFFEEHISSVLSDYKSALRFHKRNTITKR
;
_struct_ref.pdbx_align_begin           1315 
# 
_struct_ref_seq.align_id                      1 
_struct_ref_seq.ref_id                        1 
_struct_ref_seq.pdbx_PDB_id_code              7FV7 
_struct_ref_seq.pdbx_strand_id                A 
_struct_ref_seq.seq_align_beg                 24 
_struct_ref_seq.pdbx_seq_align_beg_ins_code   ? 
_struct_ref_seq.seq_align_end                 149 
_struct_ref_seq.pdbx_seq_align_end_ins_code   ? 
_struct_ref_seq.pdbx_db_accession             Q8WWQ0 
_struct_ref_seq.db_align_beg                  1315 
_struct_ref_seq.pdbx_db_align_beg_ins_code    ? 
_struct_ref_seq.db_align_end                  1440 
_struct_ref_seq.pdbx_db_align_end_ins_code    ? 
_struct_ref_seq.pdbx_auth_seq_align_beg       1315 
_struct_ref_seq.pdbx_auth_seq_align_end       1440 
# 
loop_
_struct_ref_seq_dif.align_id 
_struct_ref_seq_dif.pdbx_pdb_id_code 
_struct_ref_seq_dif.mon_id 
_struct_ref_seq_dif.pdbx_pdb_strand_id 
_struct_ref_seq_dif.seq_num 
_struct_ref_seq_dif.pdbx_pdb_ins_code 
_struct_ref_seq_dif.pdbx_seq_db_name 
_struct_ref_seq_dif.pdbx_seq_db_accession_code 
_struct_ref_seq_dif.db_mon_id 
_struct_ref_seq_dif.pdbx_seq_db_seq_num 
_struct_ref_seq_dif.details 
_struct_ref_seq_dif.pdbx_auth_seq_num 
_struct_ref_seq_dif.pdbx_ordinal 
1 7FV7 MET A 1  ? UNP Q8WWQ0 ? ? 'initiating methionine' 1292 1  
1 7FV7 HIS A 2  ? UNP Q8WWQ0 ? ? 'expression tag'        1293 2  
1 7FV7 HIS A 3  ? UNP Q8WWQ0 ? ? 'expression tag'        1294 3  
1 7FV7 HIS A 4  ? UNP Q8WWQ0 ? ? 'expression tag'        1295 4  
1 7FV7 HIS A 5  ? UNP Q8WWQ0 ? ? 'expression tag'        1296 5  
1 7FV7 HIS A 6  ? UNP Q8WWQ0 ? ? 'expression tag'        1297 6  
1 7FV7 HIS A 7  ? UNP Q8WWQ0 ? ? 'expression tag'        1298 7  
1 7FV7 SER A 8  ? UNP Q8WWQ0 ? ? 'expression tag'        1299 8  
1 7FV7 SER A 9  ? UNP Q8WWQ0 ? ? 'expression tag'        1300 9  
1 7FV7 GLY A 10 ? UNP Q8WWQ0 ? ? 'expression tag'        1301 10 
1 7FV7 VAL A 11 ? UNP Q8WWQ0 ? ? 'expression tag'        1302 11 
1 7FV7 ASP A 12 ? UNP Q8WWQ0 ? ? 'expression tag'        1303 12 
1 7FV7 LEU A 13 ? UNP Q8WWQ0 ? ? 'expression tag'        1304 13 
1 7FV7 GLY A 14 ? UNP Q8WWQ0 ? ? 'expression tag'        1305 14 
1 7FV7 THR A 15 ? UNP Q8WWQ0 ? ? 'expression tag'        1306 15 
1 7FV7 GLU A 16 ? UNP Q8WWQ0 ? ? 'expression tag'        1307 16 
1 7FV7 ASN A 17 ? UNP Q8WWQ0 ? ? 'expression tag'        1308 17 
1 7FV7 LEU A 18 ? UNP Q8WWQ0 ? ? 'expression tag'        1309 18 
1 7FV7 TYR A 19 ? UNP Q8WWQ0 ? ? 'expression tag'        1310 19 
1 7FV7 PHE A 20 ? UNP Q8WWQ0 ? ? 'expression tag'        1311 20 
1 7FV7 GLN A 21 ? UNP Q8WWQ0 ? ? 'expression tag'        1312 21 
1 7FV7 SER A 22 ? UNP Q8WWQ0 ? ? 'expression tag'        1313 22 
1 7FV7 MET A 23 ? UNP Q8WWQ0 ? ? 'expression tag'        1314 23 
# 
_pdbx_struct_assembly.id                   1 
_pdbx_struct_assembly.details              author_and_software_defined_assembly 
_pdbx_struct_assembly.method_details       PISA 
_pdbx_struct_assembly.oligomeric_details   monomeric 
_pdbx_struct_assembly.oligomeric_count     1 
# 
_pdbx_struct_assembly_gen.assembly_id       1 
_pdbx_struct_assembly_gen.oper_expression   1 
_pdbx_struct_assembly_gen.asym_id_list      A,B,C 
# 
_pdbx_struct_oper_list.id                   1 
_pdbx_struct_oper_list.type                 'identity operation' 
_pdbx_struct_oper_list.name                 1_555 
_pdbx_struct_oper_list.symmetry_operation   x,y,z 
_pdbx_struct_oper_list.matrix[1][1]         1.0000000000 
_pdbx_struct_oper_list.matrix[1][2]         0.0000000000 
_pdbx_struct_oper_list.matrix[1][3]         0.0000000000 
_pdbx_struct_oper_list.vector[1]            0.0000000000 
_pdbx_struct_oper_list.matrix[2][1]         0.0000000000 
_pdbx_struct_oper_list.matrix[2][2]         1.0000000000 
_pdbx_struct_oper_list.matrix[2][3]         0.0000000000 
_pdbx_struct_oper_list.vector[2]            0.0000000000 
_pdbx_struct_oper_list.matrix[3][1]         0.0000000000 
_pdbx_struct_oper_list.matrix[3][2]         0.0000000000 
_pdbx_struct_oper_list.matrix[3][3]         1.0000000000 
_pdbx_struct_oper_list.vector[3]            0.0000000000 
# 
loop_
_struct_conf.conf_type_id 
_struct_conf.id 
_struct_conf.pdbx_PDB_helix_id 
_struct_conf.beg_label_comp_id 
_struct_conf.beg_label_asym_id 
_struct_conf.beg_label_seq_id 
_struct_conf.pdbx_beg_PDB_ins_code 
_struct_conf.end_label_comp_id 
_struct_conf.end_label_asym_id 
_struct_conf.end_label_seq_id 
_struct_conf.pdbx_end_PDB_ins_code 
_struct_conf.beg_auth_comp_id 
_struct_conf.beg_auth_asym_id 
_struct_conf.beg_auth_seq_id 
_struct_conf.end_auth_comp_id 
_struct_conf.end_auth_asym_id 
_struct_conf.end_auth_seq_id 
_struct_conf.pdbx_PDB_helix_class 
_struct_conf.details 
_struct_conf.pdbx_PDB_helix_length 
HELX_P HELX_P1 AA1 ALA A 29  ? CYS A 44  ? ALA A 1320 CYS A 1335 1 ? 16 
HELX_P HELX_P2 AA2 GLU A 45  ? ARG A 51  ? GLU A 1336 ARG A 1342 5 ? 7  
HELX_P HELX_P3 AA3 ASP A 61  ? ILE A 66  ? ASP A 1352 ILE A 1357 1 ? 6  
HELX_P HELX_P4 AA4 ASP A 71  ? ALA A 81  ? ASP A 1362 ALA A 1372 1 ? 11 
HELX_P HELX_P5 AA5 SER A 86  ? THR A 105 ? SER A 1377 THR A 1396 1 ? 20 
HELX_P HELX_P6 AA6 SER A 110 ? LYS A 142 ? SER A 1401 LYS A 1433 1 ? 33 
# 
_struct_conf_type.id          HELX_P 
_struct_conf_type.criteria    ? 
_struct_conf_type.reference   ? 
# 
loop_
_pdbx_validate_close_contact.id 
_pdbx_validate_close_contact.PDB_model_num 
_pdbx_validate_close_contact.auth_atom_id_1 
_pdbx_validate_close_contact.auth_asym_id_1 
_pdbx_validate_close_contact.auth_comp_id_1 
_pdbx_validate_close_contact.auth_seq_id_1 
_pdbx_validate_close_contact.PDB_ins_code_1 
_pdbx_validate_close_contact.label_alt_id_1 
_pdbx_validate_close_contact.auth_atom_id_2 
_pdbx_validate_close_contact.auth_asym_id_2 
_pdbx_validate_close_contact.auth_comp_id_2 
_pdbx_validate_close_contact.auth_seq_id_2 
_pdbx_validate_close_contact.PDB_ins_code_2 
_pdbx_validate_close_contact.label_alt_id_2 
_pdbx_validate_close_contact.dist 
1 1 O A HOH 1686 ? ? O A HOH 1694 ? ? 1.77 
2 1 O A HOH 1627 ? ? O A HOH 1746 ? ? 2.14 
# 
_pdbx_validate_rmsd_bond.id                        1 
_pdbx_validate_rmsd_bond.PDB_model_num             1 
_pdbx_validate_rmsd_bond.auth_atom_id_1            CD 
_pdbx_validate_rmsd_bond.auth_asym_id_1            A 
_pdbx_validate_rmsd_bond.auth_comp_id_1            GLU 
_pdbx_validate_rmsd_bond.auth_seq_id_1             1371 
_pdbx_validate_rmsd_bond.PDB_ins_code_1            ? 
_pdbx_validate_rmsd_bond.label_alt_id_1            ? 
_pdbx_validate_rmsd_bond.auth_atom_id_2            OE2 
_pdbx_validate_rmsd_bond.auth_asym_id_2            A 
_pdbx_validate_rmsd_bond.auth_comp_id_2            GLU 
_pdbx_validate_rmsd_bond.auth_seq_id_2             1371 
_pdbx_validate_rmsd_bond.PDB_ins_code_2            ? 
_pdbx_validate_rmsd_bond.label_alt_id_2            ? 
_pdbx_validate_rmsd_bond.bond_value                1.326 
_pdbx_validate_rmsd_bond.bond_target_value         1.252 
_pdbx_validate_rmsd_bond.bond_deviation            0.074 
_pdbx_validate_rmsd_bond.bond_standard_deviation   0.011 
_pdbx_validate_rmsd_bond.linker_flag               N 
# 
_pdbx_validate_torsion.id              1 
_pdbx_validate_torsion.PDB_model_num   1 
_pdbx_validate_torsion.auth_comp_id    LEU 
_pdbx_validate_torsion.auth_asym_id    A 
_pdbx_validate_torsion.auth_seq_id     1347 
_pdbx_validate_torsion.PDB_ins_code    ? 
_pdbx_validate_torsion.label_alt_id    ? 
_pdbx_validate_torsion.phi             -87.76 
_pdbx_validate_torsion.psi             33.57 
# 
_pdbx_struct_special_symmetry.id              1 
_pdbx_struct_special_symmetry.PDB_model_num   1 
_pdbx_struct_special_symmetry.auth_asym_id    A 
_pdbx_struct_special_symmetry.auth_comp_id    HOH 
_pdbx_struct_special_symmetry.auth_seq_id     1786 
_pdbx_struct_special_symmetry.PDB_ins_code    ? 
_pdbx_struct_special_symmetry.label_asym_id   C 
_pdbx_struct_special_symmetry.label_comp_id   HOH 
_pdbx_struct_special_symmetry.label_seq_id    . 
# 
_phasing.method   MR 
# 
_pdbx_entry_details.entry_id                 7FV7 
_pdbx_entry_details.compound_details         ? 
_pdbx_entry_details.source_details           ? 
_pdbx_entry_details.nonpolymer_details       ? 
_pdbx_entry_details.sequence_details         ? 
_pdbx_entry_details.has_ligand_of_interest   Y 
# 
loop_
_pdbx_unobs_or_zero_occ_residues.id 
_pdbx_unobs_or_zero_occ_residues.PDB_model_num 
_pdbx_unobs_or_zero_occ_residues.polymer_flag 
_pdbx_unobs_or_zero_occ_residues.occupancy_flag 
_pdbx_unobs_or_zero_occ_residues.auth_asym_id 
_pdbx_unobs_or_zero_occ_residues.auth_comp_id 
_pdbx_unobs_or_zero_occ_residues.auth_seq_id 
_pdbx_unobs_or_zero_occ_residues.PDB_ins_code 
_pdbx_unobs_or_zero_occ_residues.label_asym_id 
_pdbx_unobs_or_zero_occ_residues.label_comp_id 
_pdbx_unobs_or_zero_occ_residues.label_seq_id 
1  1 Y 1 A MET 1292 ? A MET 1   
2  1 Y 1 A HIS 1293 ? A HIS 2   
3  1 Y 1 A HIS 1294 ? A HIS 3   
4  1 Y 1 A HIS 1295 ? A HIS 4   
5  1 Y 1 A HIS 1296 ? A HIS 5   
6  1 Y 1 A HIS 1297 ? A HIS 6   
7  1 Y 1 A HIS 1298 ? A HIS 7   
8  1 Y 1 A SER 1299 ? A SER 8   
9  1 Y 1 A SER 1300 ? A SER 9   
10 1 Y 1 A GLY 1301 ? A GLY 10  
11 1 Y 1 A VAL 1302 ? A VAL 11  
12 1 Y 1 A ASP 1303 ? A ASP 12  
13 1 Y 1 A LEU 1304 ? A LEU 13  
14 1 Y 1 A GLY 1305 ? A GLY 14  
15 1 Y 1 A THR 1306 ? A THR 15  
16 1 Y 1 A GLU 1307 ? A GLU 16  
17 1 Y 1 A ASN 1308 ? A ASN 17  
18 1 Y 1 A LEU 1309 ? A LEU 18  
19 1 Y 1 A TYR 1310 ? A TYR 19  
20 1 Y 1 A PHE 1311 ? A PHE 20  
21 1 Y 1 A GLN 1312 ? A GLN 21  
22 1 Y 1 A SER 1313 ? A SER 22  
23 1 Y 1 A MET 1314 ? A MET 23  
24 1 Y 1 A ILE 1437 ? A ILE 146 
25 1 Y 1 A THR 1438 ? A THR 147 
26 1 Y 1 A LYS 1439 ? A LYS 148 
27 1 Y 1 A ARG 1440 ? A ARG 149 
# 
loop_
_chem_comp_atom.comp_id 
_chem_comp_atom.atom_id 
_chem_comp_atom.type_symbol 
_chem_comp_atom.pdbx_aromatic_flag 
_chem_comp_atom.pdbx_stereo_config 
_chem_comp_atom.pdbx_ordinal 
ALA N    N N N 1   
ALA CA   C N S 2   
ALA C    C N N 3   
ALA O    O N N 4   
ALA CB   C N N 5   
ALA OXT  O N N 6   
ALA H    H N N 7   
ALA H2   H N N 8   
ALA HA   H N N 9   
ALA HB1  H N N 10  
ALA HB2  H N N 11  
ALA HB3  H N N 12  
ALA HXT  H N N 13  
ARG N    N N N 14  
ARG CA   C N S 15  
ARG C    C N N 16  
ARG O    O N N 17  
ARG CB   C N N 18  
ARG CG   C N N 19  
ARG CD   C N N 20  
ARG NE   N N N 21  
ARG CZ   C N N 22  
ARG NH1  N N N 23  
ARG NH2  N N N 24  
ARG OXT  O N N 25  
ARG H    H N N 26  
ARG H2   H N N 27  
ARG HA   H N N 28  
ARG HB2  H N N 29  
ARG HB3  H N N 30  
ARG HG2  H N N 31  
ARG HG3  H N N 32  
ARG HD2  H N N 33  
ARG HD3  H N N 34  
ARG HE   H N N 35  
ARG HH11 H N N 36  
ARG HH12 H N N 37  
ARG HH21 H N N 38  
ARG HH22 H N N 39  
ARG HXT  H N N 40  
ASN N    N N N 41  
ASN CA   C N S 42  
ASN C    C N N 43  
ASN O    O N N 44  
ASN CB   C N N 45  
ASN CG   C N N 46  
ASN OD1  O N N 47  
ASN ND2  N N N 48  
ASN OXT  O N N 49  
ASN H    H N N 50  
ASN H2   H N N 51  
ASN HA   H N N 52  
ASN HB2  H N N 53  
ASN HB3  H N N 54  
ASN HD21 H N N 55  
ASN HD22 H N N 56  
ASN HXT  H N N 57  
ASP N    N N N 58  
ASP CA   C N S 59  
ASP C    C N N 60  
ASP O    O N N 61  
ASP CB   C N N 62  
ASP CG   C N N 63  
ASP OD1  O N N 64  
ASP OD2  O N N 65  
ASP OXT  O N N 66  
ASP H    H N N 67  
ASP H2   H N N 68  
ASP HA   H N N 69  
ASP HB2  H N N 70  
ASP HB3  H N N 71  
ASP HD2  H N N 72  
ASP HXT  H N N 73  
CYS N    N N N 74  
CYS CA   C N R 75  
CYS C    C N N 76  
CYS O    O N N 77  
CYS CB   C N N 78  
CYS SG   S N N 79  
CYS OXT  O N N 80  
CYS H    H N N 81  
CYS H2   H N N 82  
CYS HA   H N N 83  
CYS HB2  H N N 84  
CYS HB3  H N N 85  
CYS HG   H N N 86  
CYS HXT  H N N 87  
GLN N    N N N 88  
GLN CA   C N S 89  
GLN C    C N N 90  
GLN O    O N N 91  
GLN CB   C N N 92  
GLN CG   C N N 93  
GLN CD   C N N 94  
GLN OE1  O N N 95  
GLN NE2  N N N 96  
GLN OXT  O N N 97  
GLN H    H N N 98  
GLN H2   H N N 99  
GLN HA   H N N 100 
GLN HB2  H N N 101 
GLN HB3  H N N 102 
GLN HG2  H N N 103 
GLN HG3  H N N 104 
GLN HE21 H N N 105 
GLN HE22 H N N 106 
GLN HXT  H N N 107 
GLU N    N N N 108 
GLU CA   C N S 109 
GLU C    C N N 110 
GLU O    O N N 111 
GLU CB   C N N 112 
GLU CG   C N N 113 
GLU CD   C N N 114 
GLU OE1  O N N 115 
GLU OE2  O N N 116 
GLU OXT  O N N 117 
GLU H    H N N 118 
GLU H2   H N N 119 
GLU HA   H N N 120 
GLU HB2  H N N 121 
GLU HB3  H N N 122 
GLU HG2  H N N 123 
GLU HG3  H N N 124 
GLU HE2  H N N 125 
GLU HXT  H N N 126 
GLY N    N N N 127 
GLY CA   C N N 128 
GLY C    C N N 129 
GLY O    O N N 130 
GLY OXT  O N N 131 
GLY H    H N N 132 
GLY H2   H N N 133 
GLY HA2  H N N 134 
GLY HA3  H N N 135 
GLY HXT  H N N 136 
HIS N    N N N 137 
HIS CA   C N S 138 
HIS C    C N N 139 
HIS O    O N N 140 
HIS CB   C N N 141 
HIS CG   C Y N 142 
HIS ND1  N Y N 143 
HIS CD2  C Y N 144 
HIS CE1  C Y N 145 
HIS NE2  N Y N 146 
HIS OXT  O N N 147 
HIS H    H N N 148 
HIS H2   H N N 149 
HIS HA   H N N 150 
HIS HB2  H N N 151 
HIS HB3  H N N 152 
HIS HD1  H N N 153 
HIS HD2  H N N 154 
HIS HE1  H N N 155 
HIS HE2  H N N 156 
HIS HXT  H N N 157 
HOH O    O N N 158 
HOH H1   H N N 159 
HOH H2   H N N 160 
ILE N    N N N 161 
ILE CA   C N S 162 
ILE C    C N N 163 
ILE O    O N N 164 
ILE CB   C N S 165 
ILE CG1  C N N 166 
ILE CG2  C N N 167 
ILE CD1  C N N 168 
ILE OXT  O N N 169 
ILE H    H N N 170 
ILE H2   H N N 171 
ILE HA   H N N 172 
ILE HB   H N N 173 
ILE HG12 H N N 174 
ILE HG13 H N N 175 
ILE HG21 H N N 176 
ILE HG22 H N N 177 
ILE HG23 H N N 178 
ILE HD11 H N N 179 
ILE HD12 H N N 180 
ILE HD13 H N N 181 
ILE HXT  H N N 182 
LEU N    N N N 183 
LEU CA   C N S 184 
LEU C    C N N 185 
LEU O    O N N 186 
LEU CB   C N N 187 
LEU CG   C N N 188 
LEU CD1  C N N 189 
LEU CD2  C N N 190 
LEU OXT  O N N 191 
LEU H    H N N 192 
LEU H2   H N N 193 
LEU HA   H N N 194 
LEU HB2  H N N 195 
LEU HB3  H N N 196 
LEU HG   H N N 197 
LEU HD11 H N N 198 
LEU HD12 H N N 199 
LEU HD13 H N N 200 
LEU HD21 H N N 201 
LEU HD22 H N N 202 
LEU HD23 H N N 203 
LEU HXT  H N N 204 
LYS N    N N N 205 
LYS CA   C N S 206 
LYS C    C N N 207 
LYS O    O N N 208 
LYS CB   C N N 209 
LYS CG   C N N 210 
LYS CD   C N N 211 
LYS CE   C N N 212 
LYS NZ   N N N 213 
LYS OXT  O N N 214 
LYS H    H N N 215 
LYS H2   H N N 216 
LYS HA   H N N 217 
LYS HB2  H N N 218 
LYS HB3  H N N 219 
LYS HG2  H N N 220 
LYS HG3  H N N 221 
LYS HD2  H N N 222 
LYS HD3  H N N 223 
LYS HE2  H N N 224 
LYS HE3  H N N 225 
LYS HZ1  H N N 226 
LYS HZ2  H N N 227 
LYS HZ3  H N N 228 
LYS HXT  H N N 229 
MET N    N N N 230 
MET CA   C N S 231 
MET C    C N N 232 
MET O    O N N 233 
MET CB   C N N 234 
MET CG   C N N 235 
MET SD   S N N 236 
MET CE   C N N 237 
MET OXT  O N N 238 
MET H    H N N 239 
MET H2   H N N 240 
MET HA   H N N 241 
MET HB2  H N N 242 
MET HB3  H N N 243 
MET HG2  H N N 244 
MET HG3  H N N 245 
MET HE1  H N N 246 
MET HE2  H N N 247 
MET HE3  H N N 248 
MET HXT  H N N 249 
PHE N    N N N 250 
PHE CA   C N S 251 
PHE C    C N N 252 
PHE O    O N N 253 
PHE CB   C N N 254 
PHE CG   C Y N 255 
PHE CD1  C Y N 256 
PHE CD2  C Y N 257 
PHE CE1  C Y N 258 
PHE CE2  C Y N 259 
PHE CZ   C Y N 260 
PHE OXT  O N N 261 
PHE H    H N N 262 
PHE H2   H N N 263 
PHE HA   H N N 264 
PHE HB2  H N N 265 
PHE HB3  H N N 266 
PHE HD1  H N N 267 
PHE HD2  H N N 268 
PHE HE1  H N N 269 
PHE HE2  H N N 270 
PHE HZ   H N N 271 
PHE HXT  H N N 272 
PRO N    N N N 273 
PRO CA   C N S 274 
PRO C    C N N 275 
PRO O    O N N 276 
PRO CB   C N N 277 
PRO CG   C N N 278 
PRO CD   C N N 279 
PRO OXT  O N N 280 
PRO H    H N N 281 
PRO HA   H N N 282 
PRO HB2  H N N 283 
PRO HB3  H N N 284 
PRO HG2  H N N 285 
PRO HG3  H N N 286 
PRO HD2  H N N 287 
PRO HD3  H N N 288 
PRO HXT  H N N 289 
SER N    N N N 290 
SER CA   C N S 291 
SER C    C N N 292 
SER O    O N N 293 
SER CB   C N N 294 
SER OG   O N N 295 
SER OXT  O N N 296 
SER H    H N N 297 
SER H2   H N N 298 
SER HA   H N N 299 
SER HB2  H N N 300 
SER HB3  H N N 301 
SER HG   H N N 302 
SER HXT  H N N 303 
THR N    N N N 304 
THR CA   C N S 305 
THR C    C N N 306 
THR O    O N N 307 
THR CB   C N R 308 
THR OG1  O N N 309 
THR CG2  C N N 310 
THR OXT  O N N 311 
THR H    H N N 312 
THR H2   H N N 313 
THR HA   H N N 314 
THR HB   H N N 315 
THR HG1  H N N 316 
THR HG21 H N N 317 
THR HG22 H N N 318 
THR HG23 H N N 319 
THR HXT  H N N 320 
TRP N    N N N 321 
TRP CA   C N S 322 
TRP C    C N N 323 
TRP O    O N N 324 
TRP CB   C N N 325 
TRP CG   C Y N 326 
TRP CD1  C Y N 327 
TRP CD2  C Y N 328 
TRP NE1  N Y N 329 
TRP CE2  C Y N 330 
TRP CE3  C Y N 331 
TRP CZ2  C Y N 332 
TRP CZ3  C Y N 333 
TRP CH2  C Y N 334 
TRP OXT  O N N 335 
TRP H    H N N 336 
TRP H2   H N N 337 
TRP HA   H N N 338 
TRP HB2  H N N 339 
TRP HB3  H N N 340 
TRP HD1  H N N 341 
TRP HE1  H N N 342 
TRP HE3  H N N 343 
TRP HZ2  H N N 344 
TRP HZ3  H N N 345 
TRP HH2  H N N 346 
TRP HXT  H N N 347 
TYR N    N N N 348 
TYR CA   C N S 349 
TYR C    C N N 350 
TYR O    O N N 351 
TYR CB   C N N 352 
TYR CG   C Y N 353 
TYR CD1  C Y N 354 
TYR CD2  C Y N 355 
TYR CE1  C Y N 356 
TYR CE2  C Y N 357 
TYR CZ   C Y N 358 
TYR OH   O N N 359 
TYR OXT  O N N 360 
TYR H    H N N 361 
TYR H2   H N N 362 
TYR HA   H N N 363 
TYR HB2  H N N 364 
TYR HB3  H N N 365 
TYR HD1  H N N 366 
TYR HD2  H N N 367 
TYR HE1  H N N 368 
TYR HE2  H N N 369 
TYR HH   H N N 370 
TYR HXT  H N N 371 
VAL N    N N N 372 
VAL CA   C N S 373 
VAL C    C N N 374 
VAL O    O N N 375 
VAL CB   C N N 376 
VAL CG1  C N N 377 
VAL CG2  C N N 378 
VAL OXT  O N N 379 
VAL H    H N N 380 
VAL H2   H N N 381 
VAL HA   H N N 382 
VAL HB   H N N 383 
VAL HG11 H N N 384 
VAL HG12 H N N 385 
VAL HG13 H N N 386 
VAL HG21 H N N 387 
VAL HG22 H N N 388 
VAL HG23 H N N 389 
VAL HXT  H N N 390 
ZL3 N1   N N N 391 
ZL3 C4   C N N 392 
ZL3 C5   C N S 393 
ZL3 C6   C N N 394 
ZL3 C7   C N N 395 
ZL3 C8   C N N 396 
ZL3 C10  C Y N 397 
ZL3 C13  C N N 398 
ZL3 N    N N N 399 
ZL3 C    C N N 400 
ZL3 O    O Y N 401 
ZL3 C1   C N N 402 
ZL3 C11  C Y N 403 
ZL3 C12  C Y N 404 
ZL3 C2   C N N 405 
ZL3 C3   C N N 406 
ZL3 C9   C Y N 407 
ZL3 N2   N N N 408 
ZL3 O1   O N N 409 
ZL3 O2   O N N 410 
ZL3 H8   H N N 411 
ZL3 H7   H N N 412 
ZL3 H9   H N N 413 
ZL3 H11  H N N 414 
ZL3 H10  H N N 415 
ZL3 H12  H N N 416 
ZL3 H13  H N N 417 
ZL3 H14  H N N 418 
ZL3 H15  H N N 419 
ZL3 H19  H N N 420 
ZL3 H20  H N N 421 
ZL3 H18  H N N 422 
ZL3 H4   H N N 423 
ZL3 H1   H N N 424 
ZL3 H2   H N N 425 
ZL3 H    H N N 426 
ZL3 H3   H N N 427 
ZL3 H16  H N N 428 
ZL3 H17  H N N 429 
ZL3 H5   H N N 430 
ZL3 H6   H N N 431 
# 
loop_
_chem_comp_bond.comp_id 
_chem_comp_bond.atom_id_1 
_chem_comp_bond.atom_id_2 
_chem_comp_bond.value_order 
_chem_comp_bond.pdbx_aromatic_flag 
_chem_comp_bond.pdbx_stereo_config 
_chem_comp_bond.pdbx_ordinal 
ALA N   CA   sing N N 1   
ALA N   H    sing N N 2   
ALA N   H2   sing N N 3   
ALA CA  C    sing N N 4   
ALA CA  CB   sing N N 5   
ALA CA  HA   sing N N 6   
ALA C   O    doub N N 7   
ALA C   OXT  sing N N 8   
ALA CB  HB1  sing N N 9   
ALA CB  HB2  sing N N 10  
ALA CB  HB3  sing N N 11  
ALA OXT HXT  sing N N 12  
ARG N   CA   sing N N 13  
ARG N   H    sing N N 14  
ARG N   H2   sing N N 15  
ARG CA  C    sing N N 16  
ARG CA  CB   sing N N 17  
ARG CA  HA   sing N N 18  
ARG C   O    doub N N 19  
ARG C   OXT  sing N N 20  
ARG CB  CG   sing N N 21  
ARG CB  HB2  sing N N 22  
ARG CB  HB3  sing N N 23  
ARG CG  CD   sing N N 24  
ARG CG  HG2  sing N N 25  
ARG CG  HG3  sing N N 26  
ARG CD  NE   sing N N 27  
ARG CD  HD2  sing N N 28  
ARG CD  HD3  sing N N 29  
ARG NE  CZ   sing N N 30  
ARG NE  HE   sing N N 31  
ARG CZ  NH1  sing N N 32  
ARG CZ  NH2  doub N N 33  
ARG NH1 HH11 sing N N 34  
ARG NH1 HH12 sing N N 35  
ARG NH2 HH21 sing N N 36  
ARG NH2 HH22 sing N N 37  
ARG OXT HXT  sing N N 38  
ASN N   CA   sing N N 39  
ASN N   H    sing N N 40  
ASN N   H2   sing N N 41  
ASN CA  C    sing N N 42  
ASN CA  CB   sing N N 43  
ASN CA  HA   sing N N 44  
ASN C   O    doub N N 45  
ASN C   OXT  sing N N 46  
ASN CB  CG   sing N N 47  
ASN CB  HB2  sing N N 48  
ASN CB  HB3  sing N N 49  
ASN CG  OD1  doub N N 50  
ASN CG  ND2  sing N N 51  
ASN ND2 HD21 sing N N 52  
ASN ND2 HD22 sing N N 53  
ASN OXT HXT  sing N N 54  
ASP N   CA   sing N N 55  
ASP N   H    sing N N 56  
ASP N   H2   sing N N 57  
ASP CA  C    sing N N 58  
ASP CA  CB   sing N N 59  
ASP CA  HA   sing N N 60  
ASP C   O    doub N N 61  
ASP C   OXT  sing N N 62  
ASP CB  CG   sing N N 63  
ASP CB  HB2  sing N N 64  
ASP CB  HB3  sing N N 65  
ASP CG  OD1  doub N N 66  
ASP CG  OD2  sing N N 67  
ASP OD2 HD2  sing N N 68  
ASP OXT HXT  sing N N 69  
CYS N   CA   sing N N 70  
CYS N   H    sing N N 71  
CYS N   H2   sing N N 72  
CYS CA  C    sing N N 73  
CYS CA  CB   sing N N 74  
CYS CA  HA   sing N N 75  
CYS C   O    doub N N 76  
CYS C   OXT  sing N N 77  
CYS CB  SG   sing N N 78  
CYS CB  HB2  sing N N 79  
CYS CB  HB3  sing N N 80  
CYS SG  HG   sing N N 81  
CYS OXT HXT  sing N N 82  
GLN N   CA   sing N N 83  
GLN N   H    sing N N 84  
GLN N   H2   sing N N 85  
GLN CA  C    sing N N 86  
GLN CA  CB   sing N N 87  
GLN CA  HA   sing N N 88  
GLN C   O    doub N N 89  
GLN C   OXT  sing N N 90  
GLN CB  CG   sing N N 91  
GLN CB  HB2  sing N N 92  
GLN CB  HB3  sing N N 93  
GLN CG  CD   sing N N 94  
GLN CG  HG2  sing N N 95  
GLN CG  HG3  sing N N 96  
GLN CD  OE1  doub N N 97  
GLN CD  NE2  sing N N 98  
GLN NE2 HE21 sing N N 99  
GLN NE2 HE22 sing N N 100 
GLN OXT HXT  sing N N 101 
GLU N   CA   sing N N 102 
GLU N   H    sing N N 103 
GLU N   H2   sing N N 104 
GLU CA  C    sing N N 105 
GLU CA  CB   sing N N 106 
GLU CA  HA   sing N N 107 
GLU C   O    doub N N 108 
GLU C   OXT  sing N N 109 
GLU CB  CG   sing N N 110 
GLU CB  HB2  sing N N 111 
GLU CB  HB3  sing N N 112 
GLU CG  CD   sing N N 113 
GLU CG  HG2  sing N N 114 
GLU CG  HG3  sing N N 115 
GLU CD  OE1  doub N N 116 
GLU CD  OE2  sing N N 117 
GLU OE2 HE2  sing N N 118 
GLU OXT HXT  sing N N 119 
GLY N   CA   sing N N 120 
GLY N   H    sing N N 121 
GLY N   H2   sing N N 122 
GLY CA  C    sing N N 123 
GLY CA  HA2  sing N N 124 
GLY CA  HA3  sing N N 125 
GLY C   O    doub N N 126 
GLY C   OXT  sing N N 127 
GLY OXT HXT  sing N N 128 
HIS N   CA   sing N N 129 
HIS N   H    sing N N 130 
HIS N   H2   sing N N 131 
HIS CA  C    sing N N 132 
HIS CA  CB   sing N N 133 
HIS CA  HA   sing N N 134 
HIS C   O    doub N N 135 
HIS C   OXT  sing N N 136 
HIS CB  CG   sing N N 137 
HIS CB  HB2  sing N N 138 
HIS CB  HB3  sing N N 139 
HIS CG  ND1  sing Y N 140 
HIS CG  CD2  doub Y N 141 
HIS ND1 CE1  doub Y N 142 
HIS ND1 HD1  sing N N 143 
HIS CD2 NE2  sing Y N 144 
HIS CD2 HD2  sing N N 145 
HIS CE1 NE2  sing Y N 146 
HIS CE1 HE1  sing N N 147 
HIS NE2 HE2  sing N N 148 
HIS OXT HXT  sing N N 149 
HOH O   H1   sing N N 150 
HOH O   H2   sing N N 151 
ILE N   CA   sing N N 152 
ILE N   H    sing N N 153 
ILE N   H2   sing N N 154 
ILE CA  C    sing N N 155 
ILE CA  CB   sing N N 156 
ILE CA  HA   sing N N 157 
ILE C   O    doub N N 158 
ILE C   OXT  sing N N 159 
ILE CB  CG1  sing N N 160 
ILE CB  CG2  sing N N 161 
ILE CB  HB   sing N N 162 
ILE CG1 CD1  sing N N 163 
ILE CG1 HG12 sing N N 164 
ILE CG1 HG13 sing N N 165 
ILE CG2 HG21 sing N N 166 
ILE CG2 HG22 sing N N 167 
ILE CG2 HG23 sing N N 168 
ILE CD1 HD11 sing N N 169 
ILE CD1 HD12 sing N N 170 
ILE CD1 HD13 sing N N 171 
ILE OXT HXT  sing N N 172 
LEU N   CA   sing N N 173 
LEU N   H    sing N N 174 
LEU N   H2   sing N N 175 
LEU CA  C    sing N N 176 
LEU CA  CB   sing N N 177 
LEU CA  HA   sing N N 178 
LEU C   O    doub N N 179 
LEU C   OXT  sing N N 180 
LEU CB  CG   sing N N 181 
LEU CB  HB2  sing N N 182 
LEU CB  HB3  sing N N 183 
LEU CG  CD1  sing N N 184 
LEU CG  CD2  sing N N 185 
LEU CG  HG   sing N N 186 
LEU CD1 HD11 sing N N 187 
LEU CD1 HD12 sing N N 188 
LEU CD1 HD13 sing N N 189 
LEU CD2 HD21 sing N N 190 
LEU CD2 HD22 sing N N 191 
LEU CD2 HD23 sing N N 192 
LEU OXT HXT  sing N N 193 
LYS N   CA   sing N N 194 
LYS N   H    sing N N 195 
LYS N   H2   sing N N 196 
LYS CA  C    sing N N 197 
LYS CA  CB   sing N N 198 
LYS CA  HA   sing N N 199 
LYS C   O    doub N N 200 
LYS C   OXT  sing N N 201 
LYS CB  CG   sing N N 202 
LYS CB  HB2  sing N N 203 
LYS CB  HB3  sing N N 204 
LYS CG  CD   sing N N 205 
LYS CG  HG2  sing N N 206 
LYS CG  HG3  sing N N 207 
LYS CD  CE   sing N N 208 
LYS CD  HD2  sing N N 209 
LYS CD  HD3  sing N N 210 
LYS CE  NZ   sing N N 211 
LYS CE  HE2  sing N N 212 
LYS CE  HE3  sing N N 213 
LYS NZ  HZ1  sing N N 214 
LYS NZ  HZ2  sing N N 215 
LYS NZ  HZ3  sing N N 216 
LYS OXT HXT  sing N N 217 
MET N   CA   sing N N 218 
MET N   H    sing N N 219 
MET N   H2   sing N N 220 
MET CA  C    sing N N 221 
MET CA  CB   sing N N 222 
MET CA  HA   sing N N 223 
MET C   O    doub N N 224 
MET C   OXT  sing N N 225 
MET CB  CG   sing N N 226 
MET CB  HB2  sing N N 227 
MET CB  HB3  sing N N 228 
MET CG  SD   sing N N 229 
MET CG  HG2  sing N N 230 
MET CG  HG3  sing N N 231 
MET SD  CE   sing N N 232 
MET CE  HE1  sing N N 233 
MET CE  HE2  sing N N 234 
MET CE  HE3  sing N N 235 
MET OXT HXT  sing N N 236 
PHE N   CA   sing N N 237 
PHE N   H    sing N N 238 
PHE N   H2   sing N N 239 
PHE CA  C    sing N N 240 
PHE CA  CB   sing N N 241 
PHE CA  HA   sing N N 242 
PHE C   O    doub N N 243 
PHE C   OXT  sing N N 244 
PHE CB  CG   sing N N 245 
PHE CB  HB2  sing N N 246 
PHE CB  HB3  sing N N 247 
PHE CG  CD1  doub Y N 248 
PHE CG  CD2  sing Y N 249 
PHE CD1 CE1  sing Y N 250 
PHE CD1 HD1  sing N N 251 
PHE CD2 CE2  doub Y N 252 
PHE CD2 HD2  sing N N 253 
PHE CE1 CZ   doub Y N 254 
PHE CE1 HE1  sing N N 255 
PHE CE2 CZ   sing Y N 256 
PHE CE2 HE2  sing N N 257 
PHE CZ  HZ   sing N N 258 
PHE OXT HXT  sing N N 259 
PRO N   CA   sing N N 260 
PRO N   CD   sing N N 261 
PRO N   H    sing N N 262 
PRO CA  C    sing N N 263 
PRO CA  CB   sing N N 264 
PRO CA  HA   sing N N 265 
PRO C   O    doub N N 266 
PRO C   OXT  sing N N 267 
PRO CB  CG   sing N N 268 
PRO CB  HB2  sing N N 269 
PRO CB  HB3  sing N N 270 
PRO CG  CD   sing N N 271 
PRO CG  HG2  sing N N 272 
PRO CG  HG3  sing N N 273 
PRO CD  HD2  sing N N 274 
PRO CD  HD3  sing N N 275 
PRO OXT HXT  sing N N 276 
SER N   CA   sing N N 277 
SER N   H    sing N N 278 
SER N   H2   sing N N 279 
SER CA  C    sing N N 280 
SER CA  CB   sing N N 281 
SER CA  HA   sing N N 282 
SER C   O    doub N N 283 
SER C   OXT  sing N N 284 
SER CB  OG   sing N N 285 
SER CB  HB2  sing N N 286 
SER CB  HB3  sing N N 287 
SER OG  HG   sing N N 288 
SER OXT HXT  sing N N 289 
THR N   CA   sing N N 290 
THR N   H    sing N N 291 
THR N   H2   sing N N 292 
THR CA  C    sing N N 293 
THR CA  CB   sing N N 294 
THR CA  HA   sing N N 295 
THR C   O    doub N N 296 
THR C   OXT  sing N N 297 
THR CB  OG1  sing N N 298 
THR CB  CG2  sing N N 299 
THR CB  HB   sing N N 300 
THR OG1 HG1  sing N N 301 
THR CG2 HG21 sing N N 302 
THR CG2 HG22 sing N N 303 
THR CG2 HG23 sing N N 304 
THR OXT HXT  sing N N 305 
TRP N   CA   sing N N 306 
TRP N   H    sing N N 307 
TRP N   H2   sing N N 308 
TRP CA  C    sing N N 309 
TRP CA  CB   sing N N 310 
TRP CA  HA   sing N N 311 
TRP C   O    doub N N 312 
TRP C   OXT  sing N N 313 
TRP CB  CG   sing N N 314 
TRP CB  HB2  sing N N 315 
TRP CB  HB3  sing N N 316 
TRP CG  CD1  doub Y N 317 
TRP CG  CD2  sing Y N 318 
TRP CD1 NE1  sing Y N 319 
TRP CD1 HD1  sing N N 320 
TRP CD2 CE2  doub Y N 321 
TRP CD2 CE3  sing Y N 322 
TRP NE1 CE2  sing Y N 323 
TRP NE1 HE1  sing N N 324 
TRP CE2 CZ2  sing Y N 325 
TRP CE3 CZ3  doub Y N 326 
TRP CE3 HE3  sing N N 327 
TRP CZ2 CH2  doub Y N 328 
TRP CZ2 HZ2  sing N N 329 
TRP CZ3 CH2  sing Y N 330 
TRP CZ3 HZ3  sing N N 331 
TRP CH2 HH2  sing N N 332 
TRP OXT HXT  sing N N 333 
TYR N   CA   sing N N 334 
TYR N   H    sing N N 335 
TYR N   H2   sing N N 336 
TYR CA  C    sing N N 337 
TYR CA  CB   sing N N 338 
TYR CA  HA   sing N N 339 
TYR C   O    doub N N 340 
TYR C   OXT  sing N N 341 
TYR CB  CG   sing N N 342 
TYR CB  HB2  sing N N 343 
TYR CB  HB3  sing N N 344 
TYR CG  CD1  doub Y N 345 
TYR CG  CD2  sing Y N 346 
TYR CD1 CE1  sing Y N 347 
TYR CD1 HD1  sing N N 348 
TYR CD2 CE2  doub Y N 349 
TYR CD2 HD2  sing N N 350 
TYR CE1 CZ   doub Y N 351 
TYR CE1 HE1  sing N N 352 
TYR CE2 CZ   sing Y N 353 
TYR CE2 HE2  sing N N 354 
TYR CZ  OH   sing N N 355 
TYR OH  HH   sing N N 356 
TYR OXT HXT  sing N N 357 
VAL N   CA   sing N N 358 
VAL N   H    sing N N 359 
VAL N   H2   sing N N 360 
VAL CA  C    sing N N 361 
VAL CA  CB   sing N N 362 
VAL CA  HA   sing N N 363 
VAL C   O    doub N N 364 
VAL C   OXT  sing N N 365 
VAL CB  CG1  sing N N 366 
VAL CB  CG2  sing N N 367 
VAL CB  HB   sing N N 368 
VAL CG1 HG11 sing N N 369 
VAL CG1 HG12 sing N N 370 
VAL CG1 HG13 sing N N 371 
VAL CG2 HG21 sing N N 372 
VAL CG2 HG22 sing N N 373 
VAL CG2 HG23 sing N N 374 
VAL OXT HXT  sing N N 375 
ZL3 C   C1   sing N N 376 
ZL3 C1  N    sing N N 377 
ZL3 N   C2   sing N N 378 
ZL3 N1  C2   sing N N 379 
ZL3 N1  C3   sing N N 380 
ZL3 C3  C4   sing N N 381 
ZL3 C4  N2   sing N N 382 
ZL3 N2  C5   sing N N 383 
ZL3 C5  C6   sing N N 384 
ZL3 C6  N1   sing N N 385 
ZL3 C7  C5   sing N N 386 
ZL3 C8  N2   sing N N 387 
ZL3 C9  C8   sing N N 388 
ZL3 C9  O    sing Y N 389 
ZL3 O   C10  sing Y N 390 
ZL3 C10 C11  doub Y N 391 
ZL3 C11 C12  sing Y N 392 
ZL3 C12 C9   doub Y N 393 
ZL3 O1  C8   doub N N 394 
ZL3 C2  O2   doub N N 395 
ZL3 C13 C1   sing N N 396 
ZL3 C4  H8   sing N N 397 
ZL3 C4  H7   sing N N 398 
ZL3 C5  H9   sing N N 399 
ZL3 C6  H11  sing N N 400 
ZL3 C6  H10  sing N N 401 
ZL3 C7  H12  sing N N 402 
ZL3 C7  H13  sing N N 403 
ZL3 C7  H14  sing N N 404 
ZL3 C10 H15  sing N N 405 
ZL3 C13 H19  sing N N 406 
ZL3 C13 H20  sing N N 407 
ZL3 C13 H18  sing N N 408 
ZL3 N   H4   sing N N 409 
ZL3 C   H1   sing N N 410 
ZL3 C   H2   sing N N 411 
ZL3 C   H    sing N N 412 
ZL3 C1  H3   sing N N 413 
ZL3 C11 H16  sing N N 414 
ZL3 C12 H17  sing N N 415 
ZL3 C3  H5   sing N N 416 
ZL3 C3  H6   sing N N 417 
# 
_pdbx_audit_support.ordinal                1 
_pdbx_audit_support.funding_organization   'Wellcome Trust' 
_pdbx_audit_support.grant_number           None 
_pdbx_audit_support.country                'United Kingdom' 
# 
_pdbx_deposit_group.group_id            G_1002265 
_pdbx_deposit_group.group_description   
;XDomainX of XOrganismX PHIP screened against predicted false negatives and catalogue compounds by X-ray Crystallography at the XChem facility of Diamond Light Source beamline I04-1
;
_pdbx_deposit_group.group_title         'PanDDA analysis group deposition' 
_pdbx_deposit_group.group_type          'changed state' 
# 
_pdbx_entity_instance_feature.ordinal        1 
_pdbx_entity_instance_feature.comp_id        ZL3 
_pdbx_entity_instance_feature.asym_id        ? 
_pdbx_entity_instance_feature.seq_num        ? 
_pdbx_entity_instance_feature.auth_comp_id   ZL3 
_pdbx_entity_instance_feature.auth_asym_id   ? 
_pdbx_entity_instance_feature.auth_seq_num   ? 
_pdbx_entity_instance_feature.feature_type   'SUBJECT OF INVESTIGATION' 
_pdbx_entity_instance_feature.details        ? 
# 
_atom_sites.entry_id                    7FV7 
_atom_sites.fract_transf_matrix[1][1]   -0.00939824 
_atom_sites.fract_transf_matrix[1][2]   0.00028878 
_atom_sites.fract_transf_matrix[1][3]   -0.00807519 
_atom_sites.fract_transf_matrix[2][1]   -0.02362005 
_atom_sites.fract_transf_matrix[2][2]   0.00183681 
_atom_sites.fract_transf_matrix[2][3]   0.02755567 
_atom_sites.fract_transf_matrix[3][1]   -0.00143803 
_atom_sites.fract_transf_matrix[3][2]   0.01781695 
_atom_sites.fract_transf_matrix[3][3]   -0.00242029 
_atom_sites.fract_transf_vector[1]      -0.145494 
_atom_sites.fract_transf_vector[2]      0.446335 
_atom_sites.fract_transf_vector[3]      0.213523 
# 
loop_
_atom_type.symbol 
C 
N 
O 
S 
# 
loop_
_atom_site.group_PDB 
_atom_site.id 
_atom_site.type_symbol 
_atom_site.label_atom_id 
_atom_site.label_alt_id 
_atom_site.label_comp_id 
_atom_site.label_asym_id 
_atom_site.label_entity_id 
_atom_site.label_seq_id 
_atom_site.pdbx_PDB_ins_code 
_atom_site.Cartn_x 
_atom_site.Cartn_y 
_atom_site.Cartn_z 
_atom_site.occupancy 
_atom_site.B_iso_or_equiv 
_atom_site.pdbx_formal_charge 
_atom_site.auth_seq_id 
_atom_site.auth_comp_id 
_atom_site.auth_asym_id 
_atom_site.auth_atom_id 
_atom_site.pdbx_PDB_model_num 
ATOM   1    N N   . SER A 1 24  ? -0.775  -24.351 1.553   1.00 25.63 ? 1315 SER A N   1 
ATOM   2    C CA  . SER A 1 24  ? -1.640  -23.128 1.572   1.00 25.41 ? 1315 SER A CA  1 
ATOM   3    C C   . SER A 1 24  ? -1.739  -22.540 0.158   1.00 22.74 ? 1315 SER A C   1 
ATOM   4    O O   . SER A 1 24  ? -1.091  -21.502 -0.095  1.00 21.43 ? 1315 SER A O   1 
ATOM   5    C CB  . SER A 1 24  ? -1.093  -22.114 2.549   1.00 26.66 ? 1315 SER A CB  1 
ATOM   6    O OG  . SER A 1 24  ? -1.119  -22.625 3.874   1.00 29.97 ? 1315 SER A OG  1 
ATOM   7    N N   . TYR A 1 25  ? -2.522  -23.159 -0.734  1.00 20.32 ? 1316 TYR A N   1 
ATOM   8    C CA  . TYR A 1 25  ? -2.418  -22.908 -2.199  1.00 17.65 ? 1316 TYR A CA  1 
ATOM   9    C C   . TYR A 1 25  ? -3.689  -22.213 -2.707  1.00 16.16 ? 1316 TYR A C   1 
ATOM   10   O O   . TYR A 1 25  ? -3.984  -22.330 -3.901  1.00 14.80 ? 1316 TYR A O   1 
ATOM   11   C CB  . TYR A 1 25  ? -2.117  -24.200 -2.966  1.00 17.58 ? 1316 TYR A CB  1 
ATOM   12   C CG  . TYR A 1 25  ? -0.883  -24.943 -2.506  1.00 16.82 ? 1316 TYR A CG  1 
ATOM   13   C CD1 . TYR A 1 25  ? 0.364   -24.334 -2.481  1.00 16.91 ? 1316 TYR A CD1 1 
ATOM   14   C CD2 . TYR A 1 25  ? -0.954  -26.273 -2.138  1.00 17.35 ? 1316 TYR A CD2 1 
ATOM   15   C CE1 . TYR A 1 25  ? 1.496   -25.021 -2.066  1.00 16.51 ? 1316 TYR A CE1 1 
ATOM   16   C CE2 . TYR A 1 25  ? 0.169   -26.974 -1.727  1.00 16.32 ? 1316 TYR A CE2 1 
ATOM   17   C CZ  . TYR A 1 25  ? 1.400   -26.350 -1.699  1.00 16.29 ? 1316 TYR A CZ  1 
ATOM   18   O OH  . TYR A 1 25  ? 2.506   -27.055 -1.292  1.00 17.22 ? 1316 TYR A OH  1 
ATOM   19   N N   . ASP A 1 26  ? -4.366  -21.443 -1.845  1.00 15.66 ? 1317 ASP A N   1 
ATOM   20   C CA  . ASP A 1 26  ? -5.570  -20.650 -2.254  1.00 14.91 ? 1317 ASP A CA  1 
ATOM   21   C C   . ASP A 1 26  ? -5.104  -19.407 -3.027  1.00 14.10 ? 1317 ASP A C   1 
ATOM   22   O O   . ASP A 1 26  ? -4.528  -18.464 -2.438  1.00 15.08 ? 1317 ASP A O   1 
ATOM   23   C CB  . ASP A 1 26  ? -6.400  -20.267 -1.037  1.00 15.79 ? 1317 ASP A CB  1 
ATOM   24   C CG  . ASP A 1 26  ? -7.675  -19.489 -1.325  1.00 13.94 ? 1317 ASP A CG  1 
ATOM   25   O OD1 . ASP A 1 26  ? -7.832  -18.969 -2.473  1.00 16.16 ? 1317 ASP A OD1 1 
ATOM   26   O OD2 . ASP A 1 26  ? -8.543  -19.521 -0.471  1.00 21.32 ? 1317 ASP A OD2 1 
ATOM   27   N N   . ILE A 1 27  ? -5.390  -19.382 -4.329  1.00 12.69 ? 1318 ILE A N   1 
ATOM   28   C CA  . ILE A 1 27  ? -4.957  -18.307 -5.270  1.00 13.68 ? 1318 ILE A CA  1 
ATOM   29   C C   . ILE A 1 27  ? -5.698  -17.004 -4.935  1.00 13.72 ? 1318 ILE A C   1 
ATOM   30   O O   . ILE A 1 27  ? -5.170  -15.926 -5.265  1.00 15.18 ? 1318 ILE A O   1 
ATOM   31   C CB  . ILE A 1 27  ? -5.222  -18.733 -6.726  1.00 13.86 ? 1318 ILE A CB  1 
ATOM   32   C CG1 . ILE A 1 27  ? -4.429  -19.978 -7.133  1.00 14.77 ? 1318 ILE A CG1 1 
ATOM   33   C CG2 . ILE A 1 27  ? -4.942  -17.570 -7.666  1.00 14.74 ? 1318 ILE A CG2 1 
ATOM   34   C CD1 . ILE A 1 27  ? -4.982  -20.687 -8.352  1.00 14.65 ? 1318 ILE A CD1 1 
ATOM   35   N N   . GLN A 1 28  ? -6.881  -17.099 -4.317  1.00 13.73 ? 1319 GLN A N   1 
ATOM   36   C CA  . GLN A 1 28  ? -7.736  -15.911 -4.012  1.00 13.58 ? 1319 GLN A CA  1 
ATOM   37   C C   . GLN A 1 28  ? -7.505  -15.320 -2.615  1.00 13.26 ? 1319 GLN A C   1 
ATOM   38   O O   . GLN A 1 28  ? -8.032  -14.241 -2.325  1.00 13.56 ? 1319 GLN A O   1 
ATOM   39   C CB  . GLN A 1 28  ? -9.217  -16.269 -4.222  1.00 13.73 ? 1319 GLN A CB  1 
ATOM   40   C CG  . GLN A 1 28  ? -9.584  -16.282 -5.703  1.00 15.21 ? 1319 GLN A CG  1 
ATOM   41   C CD  . GLN A 1 28  ? -9.542  -17.677 -6.306  1.00 13.62 ? 1319 GLN A CD  1 
ATOM   42   O OE1 . GLN A 1 28  ? -10.061 -18.652 -5.778  1.00 14.25 ? 1319 GLN A OE1 1 
ATOM   43   N NE2 . GLN A 1 28  ? -8.967  -17.802 -7.462  1.00 14.35 ? 1319 GLN A NE2 1 
ATOM   44   N N   . ALA A 1 29  ? -6.711  -15.988 -1.761  1.00 13.80 ? 1320 ALA A N   1 
ATOM   45   C CA  . ALA A 1 29  ? -6.686  -15.668 -0.319  1.00 13.50 ? 1320 ALA A CA  1 
ATOM   46   C C   . ALA A 1 29  ? -6.090  -14.268 -0.086  1.00 12.28 ? 1320 ALA A C   1 
ATOM   47   O O   . ALA A 1 29  ? -6.434  -13.649 0.939   1.00 13.22 ? 1320 ALA A O   1 
ATOM   48   C CB  . ALA A 1 29  ? -5.888  -16.735 0.428   1.00 14.42 ? 1320 ALA A CB  1 
ATOM   49   N N   . TRP A 1 30  ? -5.244  -13.768 -1.007  1.00 12.14 ? 1321 TRP A N   1 
ATOM   50   C CA  . TRP A 1 30  ? -4.549  -12.468 -0.864  1.00 12.32 ? 1321 TRP A CA  1 
ATOM   51   C C   . TRP A 1 30  ? -5.581  -11.351 -0.627  1.00 12.69 ? 1321 TRP A C   1 
ATOM   52   O O   . TRP A 1 30  ? -5.277  -10.376 0.049   1.00 12.82 ? 1321 TRP A O   1 
ATOM   53   C CB  . TRP A 1 30  ? -3.634  -12.177 -2.044  1.00 12.24 ? 1321 TRP A CB  1 
ATOM   54   C CG  . TRP A 1 30  ? -4.387  -12.042 -3.338  1.00 12.13 ? 1321 TRP A CG  1 
ATOM   55   C CD1 . TRP A 1 30  ? -4.766  -13.044 -4.173  1.00 13.23 ? 1321 TRP A CD1 1 
ATOM   56   C CD2 . TRP A 1 30  ? -4.942  -10.821 -3.877  1.00 12.88 ? 1321 TRP A CD2 1 
ATOM   57   N NE1 . TRP A 1 30  ? -5.465  -12.529 -5.250  1.00 15.31 ? 1321 TRP A NE1 1 
ATOM   58   C CE2 . TRP A 1 30  ? -5.605  -11.190 -5.056  1.00 12.88 ? 1321 TRP A CE2 1 
ATOM   59   C CE3 . TRP A 1 30  ? -4.866  -9.469  -3.537  1.00 13.98 ? 1321 TRP A CE3 1 
ATOM   60   C CZ2 . TRP A 1 30  ? -6.261  -10.264 -5.855  1.00 13.95 ? 1321 TRP A CZ2 1 
ATOM   61   C CZ3 . TRP A 1 30  ? -5.521  -8.557  -4.323  1.00 13.66 ? 1321 TRP A CZ3 1 
ATOM   62   C CH2 . TRP A 1 30  ? -6.196  -8.947  -5.473  1.00 14.73 ? 1321 TRP A CH2 1 
ATOM   63   N N   . LYS A 1 31  ? -6.800  -11.448 -1.187  1.00 12.51 ? 1322 LYS A N   1 
ATOM   64   C CA  . LYS A 1 31  ? -7.694  -10.282 -1.215  1.00 13.69 ? 1322 LYS A CA  1 
ATOM   65   C C   . LYS A 1 31  ? -8.197  -9.940  0.205   1.00 12.82 ? 1322 LYS A C   1 
ATOM   66   O O   . LYS A 1 31  ? -8.019  -8.806  0.626   1.00 13.42 ? 1322 LYS A O   1 
ATOM   67   C CB  . LYS A 1 31  ? -8.806  -10.507 -2.234  1.00 13.68 ? 1322 LYS A CB  1 
ATOM   68   C CG  . LYS A 1 31  ? -9.783  -9.339  -2.318  1.00 14.00 ? 1322 LYS A CG  1 
ATOM   69   C CD  . LYS A 1 31  ? -10.638 -9.400  -3.556  1.00 14.11 ? 1322 LYS A CD  1 
ATOM   70   C CE  . LYS A 1 31  ? -11.633 -8.267  -3.689  1.00 14.89 ? 1322 LYS A CE  1 
ATOM   71   N NZ  . LYS A 1 31  ? -12.605 -8.548  -4.785  1.00 15.54 ? 1322 LYS A NZ  1 
ATOM   72   N N   . LYS A 1 32  ? -8.735  -10.931 0.948   1.00 14.27 ? 1323 LYS A N   1 
ATOM   73   C CA  . LYS A 1 32  ? -9.172  -10.714 2.340   1.00 14.08 ? 1323 LYS A CA  1 
ATOM   74   C C   . LYS A 1 32  ? -7.941  -10.386 3.212   1.00 13.62 ? 1323 LYS A C   1 
ATOM   75   O O   . LYS A 1 32  ? -8.100  -9.584  4.159   1.00 15.60 ? 1323 LYS A O   1 
ATOM   76   C CB  . LYS A 1 32  ? -9.901  -11.982 2.780   1.00 18.57 ? 1323 LYS A CB  1 
ATOM   77   C CG  . LYS A 1 32  ? -10.503 -11.885 4.167   1.00 25.86 ? 1323 LYS A CG  1 
ATOM   78   C CD  . LYS A 1 32  ? -11.813 -12.657 4.400   1.00 35.27 ? 1323 LYS A CD  1 
ATOM   79   C CE  . LYS A 1 32  ? -12.778 -11.864 5.271   1.00 42.27 ? 1323 LYS A CE  1 
ATOM   80   N NZ  . LYS A 1 32  ? -13.449 -12.679 6.316   1.00 45.88 ? 1323 LYS A NZ  1 
ATOM   81   N N   . GLN A 1 33  ? -6.774  -10.977 2.911   1.00 14.05 ? 1324 GLN A N   1 
ATOM   82   C CA  . GLN A 1 33  ? -5.558  -10.707 3.710   1.00 14.22 ? 1324 GLN A CA  1 
ATOM   83   C C   . GLN A 1 33  ? -5.202  -9.214  3.544   1.00 14.04 ? 1324 GLN A C   1 
ATOM   84   O O   . GLN A 1 33  ? -4.884  -8.524  4.517   1.00 14.64 ? 1324 GLN A O   1 
ATOM   85   C CB  . GLN A 1 33  ? -4.381  -11.587 3.263   1.00 15.07 ? 1324 GLN A CB  1 
ATOM   86   C CG  . GLN A 1 33  ? -4.533  -13.026 3.744   1.00 14.85 ? 1324 GLN A CG  1 
ATOM   87   C CD  . GLN A 1 33  ? -3.681  -14.016 3.034   1.00 17.40 ? 1324 GLN A CD  1 
ATOM   88   O OE1 . GLN A 1 33  ? -2.917  -13.644 2.171   1.00 16.96 ? 1324 GLN A OE1 1 
ATOM   89   N NE2 . GLN A 1 33  ? -3.950  -15.294 3.286   1.00 18.95 ? 1324 GLN A NE2 1 
ATOM   90   N N   . CYS A 1 34  ? -5.349  -8.697  2.316   1.00 12.87 ? 1325 CYS A N   1 
ATOM   91   C CA  . CYS A 1 34  ? -5.081  -7.268  2.058   1.00 12.42 ? 1325 CYS A CA  1 
ATOM   92   C C   . CYS A 1 34  ? -6.169  -6.381  2.716   1.00 12.82 ? 1325 CYS A C   1 
ATOM   93   O O   . CYS A 1 34  ? -5.843  -5.280  3.224   1.00 13.84 ? 1325 CYS A O   1 
ATOM   94   C CB  . CYS A 1 34  ? -4.922  -7.044  0.556   1.00 11.73 ? 1325 CYS A CB  1 
ATOM   95   S SG  . CYS A 1 34  ? -3.364  -7.592  -0.146  1.00 14.65 ? 1325 CYS A SG  1 
ATOM   96   N N   . GLU A 1 35  ? -7.446  -6.765  2.669   1.00 14.47 ? 1326 GLU A N   1 
ATOM   97   C CA  . GLU A 1 35  ? -8.523  -6.009  3.348   1.00 14.88 ? 1326 GLU A CA  1 
ATOM   98   C C   . GLU A 1 35  ? -8.205  -5.870  4.848   1.00 15.22 ? 1326 GLU A C   1 
ATOM   99   O O   . GLU A 1 35  ? -8.327  -4.756  5.388   1.00 16.83 ? 1326 GLU A O   1 
ATOM   100  C CB  . GLU A 1 35  ? -9.844  -6.777  3.217   1.00 17.58 ? 1326 GLU A CB  1 
ATOM   101  C CG  . GLU A 1 35  ? -10.440 -6.737  1.835   1.00 21.19 ? 1326 GLU A CG  1 
ATOM   102  C CD  . GLU A 1 35  ? -11.591 -7.695  1.572   1.00 23.97 ? 1326 GLU A CD  1 
ATOM   103  O OE1 . GLU A 1 35  ? -12.050 -8.385  2.536   1.00 27.01 ? 1326 GLU A OE1 1 
ATOM   104  O OE2 . GLU A 1 35  ? -12.091 -7.676  0.423   1.00 24.99 ? 1326 GLU A OE2 1 
ATOM   105  N N   . GLU A 1 36  ? -7.756  -6.942  5.497   1.00 16.86 ? 1327 GLU A N   1 
ATOM   106  C CA  . GLU A 1 36  ? -7.507  -6.980  6.955   1.00 17.73 ? 1327 GLU A CA  1 
ATOM   107  C C   . GLU A 1 36  ? -6.285  -6.096  7.195   1.00 16.58 ? 1327 GLU A C   1 
ATOM   108  O O   . GLU A 1 36  ? -6.278  -5.363  8.165   1.00 16.74 ? 1327 GLU A O   1 
ATOM   109  C CB  . GLU A 1 36  ? -7.369  -8.431  7.430   1.00 22.45 ? 1327 GLU A CB  1 
ATOM   110  C CG  . GLU A 1 36  ? -8.701  -9.169  7.364   1.00 29.57 ? 1327 GLU A CG  1 
ATOM   111  C CD  . GLU A 1 36  ? -8.620  -10.681 7.502   1.00 33.65 ? 1327 GLU A CD  1 
ATOM   112  O OE1 . GLU A 1 36  ? -7.532  -11.206 7.872   1.00 40.35 ? 1327 GLU A OE1 1 
ATOM   113  O OE2 . GLU A 1 36  ? -9.643  -11.336 7.232   1.00 41.59 ? 1327 GLU A OE2 1 
ATOM   114  N N   . LEU A 1 37  ? -5.249  -6.155  6.354   1.00 16.36 ? 1328 LEU A N   1 
ATOM   115  C CA  . LEU A 1 37  ? -4.069  -5.305  6.570   1.00 14.36 ? 1328 LEU A CA  1 
ATOM   116  C C   . LEU A 1 37  ? -4.423  -3.821  6.358   1.00 12.79 ? 1328 LEU A C   1 
ATOM   117  O O   . LEU A 1 37  ? -3.960  -2.961  7.158   1.00 14.09 ? 1328 LEU A O   1 
ATOM   118  C CB  . LEU A 1 37  ? -2.924  -5.700  5.649   1.00 14.61 ? 1328 LEU A CB  1 
ATOM   119  C CG  . LEU A 1 37  ? -1.651  -4.850  5.671   1.00 14.96 ? 1328 LEU A CG  1 
ATOM   120  C CD1 . LEU A 1 37  ? -1.058  -4.745  7.070   1.00 14.57 ? 1328 LEU A CD1 1 
ATOM   121  C CD2 . LEU A 1 37  ? -0.637  -5.458  4.761   1.00 15.75 ? 1328 LEU A CD2 1 
ATOM   122  N N   . LEU A 1 38  ? -5.220  -3.474  5.348   1.00 14.40 ? 1329 LEU A N   1 
ATOM   123  C CA  . LEU A 1 38  ? -5.717  -2.083  5.224   1.00 15.04 ? 1329 LEU A CA  1 
ATOM   124  C C   . LEU A 1 38  ? -6.501  -1.660  6.489   1.00 14.48 ? 1329 LEU A C   1 
ATOM   125  O O   . LEU A 1 38  ? -6.335  -0.485  6.968   1.00 17.95 ? 1329 LEU A O   1 
ATOM   126  C CB  . LEU A 1 38  ? -6.550  -1.978  3.950   1.00 15.09 ? 1329 LEU A CB  1 
ATOM   127  C CG  . LEU A 1 38  ? -5.740  -2.057  2.648   1.00 15.23 ? 1329 LEU A CG  1 
ATOM   128  C CD1 . LEU A 1 38  ? -6.669  -2.153  1.455   1.00 16.10 ? 1329 LEU A CD1 1 
ATOM   129  C CD2 . LEU A 1 38  ? -4.802  -0.848  2.442   1.00 18.54 ? 1329 LEU A CD2 1 
ATOM   130  N N   . ASN A 1 39  ? -7.348  -2.525  7.046   1.00 17.93 ? 1330 ASN A N   1 
ATOM   131  C CA  . ASN A 1 39  ? -8.046  -2.208  8.323   1.00 19.37 ? 1330 ASN A CA  1 
ATOM   132  C C   . ASN A 1 39  ? -7.017  -1.879  9.420   1.00 17.97 ? 1330 ASN A C   1 
ATOM   133  O O   . ASN A 1 39  ? -7.181  -0.814  10.142  1.00 20.39 ? 1330 ASN A O   1 
ATOM   134  C CB  . ASN A 1 39  ? -8.968  -3.360  8.726   1.00 21.79 ? 1330 ASN A CB  1 
ATOM   135  C CG  . ASN A 1 39  ? -10.212 -3.470  7.871   1.00 26.71 ? 1330 ASN A CG  1 
ATOM   136  O OD1 . ASN A 1 39  ? -10.588 -2.549  7.143   1.00 30.70 ? 1330 ASN A OD1 1 
ATOM   137  N ND2 . ASN A 1 39  ? -10.867 -4.616  7.957   1.00 29.47 ? 1330 ASN A ND2 1 
ATOM   138  N N   . LEU A 1 40  ? -5.947  -2.654  9.515   1.00 16.94 ? 1331 LEU A N   1 
ATOM   139  C CA  . LEU A 1 40  ? -4.925  -2.392  10.568  1.00 18.19 ? 1331 LEU A CA  1 
ATOM   140  C C   . LEU A 1 40  ? -4.292  -1.034  10.300  1.00 18.77 ? 1331 LEU A C   1 
ATOM   141  O O   . LEU A 1 40  ? -4.131  -0.233  11.253  1.00 20.60 ? 1331 LEU A O   1 
ATOM   142  C CB  . LEU A 1 40  ? -3.873  -3.498  10.559  1.00 17.76 ? 1331 LEU A CB  1 
ATOM   143  C CG  . LEU A 1 40  ? -4.334  -4.830  11.156  1.00 17.62 ? 1331 LEU A CG  1 
ATOM   144  C CD1 . LEU A 1 40  ? -3.207  -5.836  11.029  1.00 20.28 ? 1331 LEU A CD1 1 
ATOM   145  C CD2 . LEU A 1 40  ? -4.797  -4.728  12.606  1.00 21.94 ? 1331 LEU A CD2 1 
ATOM   146  N N   . ILE A 1 41  ? -3.932  -0.761  9.038   1.00 16.05 ? 1332 ILE A N   1 
ATOM   147  C CA  . ILE A 1 41  ? -3.307  0.523   8.652   1.00 16.01 ? 1332 ILE A CA  1 
ATOM   148  C C   . ILE A 1 41  ? -4.247  1.678   9.016   1.00 17.34 ? 1332 ILE A C   1 
ATOM   149  O O   . ILE A 1 41  ? -3.738  2.667   9.565   1.00 17.27 ? 1332 ILE A O   1 
ATOM   150  C CB  . ILE A 1 41  ? -2.911  0.496   7.154   1.00 15.66 ? 1332 ILE A CB  1 
ATOM   151  C CG1 . ILE A 1 41  ? -1.707  -0.441  6.924   1.00 15.57 ? 1332 ILE A CG1 1 
ATOM   152  C CG2 . ILE A 1 41  ? -2.663  1.897   6.611   1.00 14.85 ? 1332 ILE A CG2 1 
ATOM   153  C CD1 . ILE A 1 41  ? -1.381  -0.690  5.488   1.00 17.76 ? 1332 ILE A CD1 1 
ATOM   154  N N   . PHE A 1 42  ? -5.555  1.583   8.755   1.00 17.41 ? 1333 PHE A N   1 
ATOM   155  C CA  . PHE A 1 42  ? -6.545  2.645   9.105   1.00 20.08 ? 1333 PHE A CA  1 
ATOM   156  C C   . PHE A 1 42  ? -6.591  2.831   10.632  1.00 21.16 ? 1333 PHE A C   1 
ATOM   157  O O   . PHE A 1 42  ? -6.799  4.009   11.051  1.00 27.85 ? 1333 PHE A O   1 
ATOM   158  C CB  . PHE A 1 42  ? -7.876  2.385   8.381   1.00 19.35 ? 1333 PHE A CB  1 
ATOM   159  C CG  . PHE A 1 42  ? -7.994  2.995   7.002   1.00 19.83 ? 1333 PHE A CG  1 
ATOM   160  C CD1 . PHE A 1 42  ? -8.516  4.266   6.821   1.00 22.45 ? 1333 PHE A CD1 1 
ATOM   161  C CD2 . PHE A 1 42  ? -7.605  2.306   5.865   1.00 21.57 ? 1333 PHE A CD2 1 
ATOM   162  C CE1 . PHE A 1 42  ? -8.647  4.823   5.552   1.00 25.23 ? 1333 PHE A CE1 1 
ATOM   163  C CE2 . PHE A 1 42  ? -7.753  2.860   4.596   1.00 23.97 ? 1333 PHE A CE2 1 
ATOM   164  C CZ  . PHE A 1 42  ? -8.243  4.133   4.439   1.00 24.64 ? 1333 PHE A CZ  1 
ATOM   165  N N   . GLN A 1 43  ? -6.290  1.813   11.458  1.00 22.12 ? 1334 GLN A N   1 
ATOM   166  C CA  . GLN A 1 43  ? -6.292  1.961   12.958  1.00 23.78 ? 1334 GLN A CA  1 
ATOM   167  C C   . GLN A 1 43  ? -5.004  2.622   13.482  1.00 24.30 ? 1334 GLN A C   1 
ATOM   168  O O   . GLN A 1 43  ? -4.992  3.146   14.646  1.00 26.85 ? 1334 GLN A O   1 
ATOM   169  C CB  . GLN A 1 43  ? -6.495  0.593   13.620  1.00 24.06 ? 1334 GLN A CB  1 
ATOM   170  C CG  . GLN A 1 43  ? -7.898  0.017   13.427  1.00 26.88 ? 1334 GLN A CG  1 
ATOM   171  N N   A CYS A 1 44  ? -3.931  2.580   12.693  0.25 22.90 ? 1335 CYS A N   1 
ATOM   172  N N   B CYS A 1 44  ? -3.924  2.585   12.691  0.25 23.22 ? 1335 CYS A N   1 
ATOM   173  C CA  A CYS A 1 44  ? -2.637  3.213   13.039  0.25 21.45 ? 1335 CYS A CA  1 
ATOM   174  C CA  B CYS A 1 44  ? -2.614  3.203   13.029  0.25 21.95 ? 1335 CYS A CA  1 
ATOM   175  C C   A CYS A 1 44  ? -2.828  4.733   13.012  0.25 20.92 ? 1335 CYS A C   1 
ATOM   176  C C   B CYS A 1 44  ? -2.787  4.729   13.000  0.25 21.20 ? 1335 CYS A C   1 
ATOM   177  O O   A CYS A 1 44  ? -3.344  5.256   12.002  0.25 19.26 ? 1335 CYS A O   1 
ATOM   178  O O   B CYS A 1 44  ? -3.238  5.257   11.964  0.25 19.36 ? 1335 CYS A O   1 
ATOM   179  C CB  A CYS A 1 44  ? -1.524  2.777   12.093  0.25 20.94 ? 1335 CYS A CB  1 
ATOM   180  C CB  B CYS A 1 44  ? -1.508  2.770   12.067  0.25 21.77 ? 1335 CYS A CB  1 
ATOM   181  S SG  A CYS A 1 44  ? -1.069  1.039   12.324  0.25 22.05 ? 1335 CYS A SG  1 
ATOM   182  S SG  B CYS A 1 44  ? 0.172   2.976   12.727  0.25 23.92 ? 1335 CYS A SG  1 
ATOM   183  N N   . GLU A 1 45  ? -2.450  5.425   14.089  1.00 20.44 ? 1336 GLU A N   1 
ATOM   184  C CA  . GLU A 1 45  ? -2.405  6.918   14.052  1.00 19.90 ? 1336 GLU A CA  1 
ATOM   185  C C   . GLU A 1 45  ? -1.492  7.420   12.914  1.00 18.35 ? 1336 GLU A C   1 
ATOM   186  O O   . GLU A 1 45  ? -1.757  8.489   12.327  1.00 19.19 ? 1336 GLU A O   1 
ATOM   187  C CB  . GLU A 1 45  ? -1.992  7.460   15.411  1.00 21.83 ? 1336 GLU A CB  1 
ATOM   188  C CG  . GLU A 1 45  ? -3.076  7.242   16.441  1.00 24.01 ? 1336 GLU A CG  1 
ATOM   189  C CD  . GLU A 1 45  ? -2.787  7.799   17.823  1.00 29.18 ? 1336 GLU A CD  1 
ATOM   190  O OE1 . GLU A 1 45  ? -1.656  8.288   18.026  1.00 29.12 ? 1336 GLU A OE1 1 
ATOM   191  O OE2 . GLU A 1 45  ? -3.695  7.732   18.704  1.00 31.00 ? 1336 GLU A OE2 1 
ATOM   192  N N   . ASP A 1 46  ? -0.460  6.657   12.561  1.00 16.99 ? 1337 ASP A N   1 
ATOM   193  C CA  . ASP A 1 46  ? 0.528   7.067   11.529  1.00 16.94 ? 1337 ASP A CA  1 
ATOM   194  C C   . ASP A 1 46  ? -0.116  7.145   10.134  1.00 16.48 ? 1337 ASP A C   1 
ATOM   195  O O   . ASP A 1 46  ? 0.511   7.728   9.254   1.00 15.84 ? 1337 ASP A O   1 
ATOM   196  C CB  . ASP A 1 46  ? 1.742   6.139   11.533  1.00 17.08 ? 1337 ASP A CB  1 
ATOM   197  C CG  . ASP A 1 46  ? 2.601   6.279   12.781  1.00 18.22 ? 1337 ASP A CG  1 
ATOM   198  O OD1 . ASP A 1 46  ? 2.525   7.345   13.433  1.00 18.74 ? 1337 ASP A OD1 1 
ATOM   199  O OD2 . ASP A 1 46  ? 3.370   5.345   13.064  1.00 18.84 ? 1337 ASP A OD2 1 
ATOM   200  N N   . SER A 1 47  ? -1.305  6.577   9.914   1.00 15.77 ? 1338 SER A N   1 
ATOM   201  C CA  . SER A 1 47  ? -1.947  6.583   8.570   1.00 15.98 ? 1338 SER A CA  1 
ATOM   202  C C   . SER A 1 47  ? -2.695  7.896   8.303   1.00 16.11 ? 1338 SER A C   1 
ATOM   203  O O   . SER A 1 47  ? -2.999  8.153   7.126   1.00 15.99 ? 1338 SER A O   1 
ATOM   204  C CB  . SER A 1 47  ? -2.855  5.402   8.370   1.00 15.93 ? 1338 SER A CB  1 
ATOM   205  O OG  . SER A 1 47  ? -3.921  5.399   9.314   1.00 16.40 ? 1338 SER A OG  1 
ATOM   206  N N   . GLU A 1 48  ? -2.970  8.708   9.328   1.00 15.69 ? 1339 GLU A N   1 
ATOM   207  C CA  . GLU A 1 48  ? -3.908  9.864   9.210   1.00 16.77 ? 1339 GLU A CA  1 
ATOM   208  C C   . GLU A 1 48  ? -3.624  10.667  7.937   1.00 15.04 ? 1339 GLU A C   1 
ATOM   209  O O   . GLU A 1 48  ? -4.539  10.942  7.160   1.00 14.82 ? 1339 GLU A O   1 
ATOM   210  C CB  . GLU A 1 48  ? -3.868  10.761  10.451  1.00 19.38 ? 1339 GLU A CB  1 
ATOM   211  C CG  . GLU A 1 48  ? -4.907  11.869  10.400  1.00 19.99 ? 1339 GLU A CG  1 
ATOM   212  C CD  . GLU A 1 48  ? -4.881  12.874  11.543  1.00 21.79 ? 1339 GLU A CD  1 
ATOM   213  O OE1 . GLU A 1 48  ? -3.999  12.775  12.409  1.00 22.66 ? 1339 GLU A OE1 1 
ATOM   214  O OE2 . GLU A 1 48  ? -5.761  13.748  11.557  1.00 22.98 ? 1339 GLU A OE2 1 
ATOM   215  N N   . PRO A 1 49  ? -2.371  11.102  7.661   1.00 14.92 ? 1340 PRO A N   1 
ATOM   216  C CA  . PRO A 1 49  ? -2.121  11.958  6.497   1.00 14.95 ? 1340 PRO A CA  1 
ATOM   217  C C   . PRO A 1 49  ? -2.327  11.264  5.142   1.00 14.44 ? 1340 PRO A C   1 
ATOM   218  O O   . PRO A 1 49  ? -2.392  11.961  4.142   1.00 14.47 ? 1340 PRO A O   1 
ATOM   219  C CB  . PRO A 1 49  ? -0.655  12.391  6.689   1.00 15.40 ? 1340 PRO A CB  1 
ATOM   220  C CG  . PRO A 1 49  ? -0.362  12.116  8.148   1.00 15.69 ? 1340 PRO A CG  1 
ATOM   221  C CD  . PRO A 1 49  ? -1.148  10.857  8.445   1.00 15.16 ? 1340 PRO A CD  1 
ATOM   222  N N   . PHE A 1 50  ? -2.517  9.939   5.165   1.00 14.40 ? 1341 PHE A N   1 
ATOM   223  C CA  . PHE A 1 50  ? -2.474  9.032   3.987   1.00 14.29 ? 1341 PHE A CA  1 
ATOM   224  C C   . PHE A 1 50  ? -3.824  8.341   3.764   1.00 15.79 ? 1341 PHE A C   1 
ATOM   225  O O   . PHE A 1 50  ? -3.914  7.477   2.889   1.00 14.11 ? 1341 PHE A O   1 
ATOM   226  C CB  . PHE A 1 50  ? -1.332  8.032   4.194   1.00 14.36 ? 1341 PHE A CB  1 
ATOM   227  C CG  . PHE A 1 50  ? 0.000   8.689   4.465   1.00 14.04 ? 1341 PHE A CG  1 
ATOM   228  C CD1 . PHE A 1 50  ? 0.571   9.517   3.512   1.00 14.53 ? 1341 PHE A CD1 1 
ATOM   229  C CD2 . PHE A 1 50  ? 0.664   8.531   5.678   1.00 13.94 ? 1341 PHE A CD2 1 
ATOM   230  C CE1 . PHE A 1 50  ? 1.775   10.158  3.751   1.00 14.44 ? 1341 PHE A CE1 1 
ATOM   231  C CE2 . PHE A 1 50  ? 1.876   9.167   5.910   1.00 14.16 ? 1341 PHE A CE2 1 
ATOM   232  C CZ  . PHE A 1 50  ? 2.425   9.981   4.951   1.00 14.39 ? 1341 PHE A CZ  1 
ATOM   233  N N   . ARG A 1 51  ? -4.861  8.738   4.498   1.00 16.98 ? 1342 ARG A N   1 
ATOM   234  C CA  . ARG A 1 51  ? -6.173  8.041   4.478   1.00 18.21 ? 1342 ARG A CA  1 
ATOM   235  C C   . ARG A 1 51  ? -7.063  8.585   3.360   1.00 18.96 ? 1342 ARG A C   1 
ATOM   236  O O   . ARG A 1 51  ? -8.131  7.979   3.133   1.00 18.21 ? 1342 ARG A O   1 
ATOM   237  C CB  . ARG A 1 51  ? -6.904  8.212   5.811   1.00 18.77 ? 1342 ARG A CB  1 
ATOM   238  C CG  . ARG A 1 51  ? -6.257  7.465   6.963   1.00 19.85 ? 1342 ARG A CG  1 
ATOM   239  C CD  . ARG A 1 51  ? -6.986  7.752   8.253   1.00 20.05 ? 1342 ARG A CD  1 
ATOM   240  N NE  . ARG A 1 51  ? -6.245  7.284   9.410   1.00 20.65 ? 1342 ARG A NE  1 
ATOM   241  C CZ  . ARG A 1 51  ? -6.273  7.836   10.618  1.00 21.27 ? 1342 ARG A CZ  1 
ATOM   242  N NH1 . ARG A 1 51  ? -7.011  8.912   10.859  1.00 21.87 ? 1342 ARG A NH1 1 
ATOM   243  N NH2 . ARG A 1 51  ? -5.551  7.306   11.590  1.00 21.39 ? 1342 ARG A NH2 1 
ATOM   244  N N   . GLN A 1 52  ? -6.680  9.702   2.730   1.00 19.76 ? 1343 GLN A N   1 
ATOM   245  C CA  . GLN A 1 52  ? -7.516  10.407  1.725   1.00 21.10 ? 1343 GLN A CA  1 
ATOM   246  C C   . GLN A 1 52  ? -6.590  11.063  0.706   1.00 21.26 ? 1343 GLN A C   1 
ATOM   247  O O   . GLN A 1 52  ? -5.414  11.285  0.995   1.00 21.26 ? 1343 GLN A O   1 
ATOM   248  C CB  . GLN A 1 52  ? -8.419  11.439  2.418   1.00 22.22 ? 1343 GLN A CB  1 
ATOM   249  C CG  . GLN A 1 52  ? -9.203  10.900  3.612   1.00 24.02 ? 1343 GLN A CG  1 
ATOM   250  C CD  . GLN A 1 52  ? -10.417 10.082  3.235   1.00 25.93 ? 1343 GLN A CD  1 
ATOM   251  O OE1 . GLN A 1 52  ? -11.262 10.513  2.451   1.00 29.08 ? 1343 GLN A OE1 1 
ATOM   252  N NE2 . GLN A 1 52  ? -10.530 8.895   3.813   1.00 27.00 ? 1343 GLN A NE2 1 
ATOM   253  N N   . PRO A 1 53  ? -7.052  11.351  -0.532  1.00 22.67 ? 1344 PRO A N   1 
ATOM   254  C CA  . PRO A 1 53  ? -6.202  12.042  -1.498  1.00 23.43 ? 1344 PRO A CA  1 
ATOM   255  C C   . PRO A 1 53  ? -5.808  13.431  -0.973  1.00 23.31 ? 1344 PRO A C   1 
ATOM   256  O O   . PRO A 1 53  ? -6.663  14.077  -0.366  1.00 23.26 ? 1344 PRO A O   1 
ATOM   257  C CB  . PRO A 1 53  ? -7.069  12.148  -2.760  1.00 23.08 ? 1344 PRO A CB  1 
ATOM   258  C CG  . PRO A 1 53  ? -8.488  11.963  -2.263  1.00 24.21 ? 1344 PRO A CG  1 
ATOM   259  C CD  . PRO A 1 53  ? -8.381  11.028  -1.076  1.00 22.18 ? 1344 PRO A CD  1 
ATOM   260  N N   . VAL A 1 54  ? -4.553  13.838  -1.197  1.00 23.35 ? 1345 VAL A N   1 
ATOM   261  C CA  . VAL A 1 54  ? -4.029  15.198  -0.861  1.00 24.89 ? 1345 VAL A CA  1 
ATOM   262  C C   . VAL A 1 54  ? -4.946  16.225  -1.535  1.00 26.48 ? 1345 VAL A C   1 
ATOM   263  O O   . VAL A 1 54  ? -5.376  15.978  -2.678  1.00 24.66 ? 1345 VAL A O   1 
ATOM   264  C CB  . VAL A 1 54  ? -2.559  15.389  -1.294  1.00 24.78 ? 1345 VAL A CB  1 
ATOM   265  C CG1 . VAL A 1 54  ? -2.094  16.829  -1.117  1.00 24.97 ? 1345 VAL A CG1 1 
ATOM   266  C CG2 . VAL A 1 54  ? -1.619  14.450  -0.559  1.00 25.40 ? 1345 VAL A CG2 1 
ATOM   267  N N   . ASP A 1 55  ? -5.253  17.320  -0.838  1.00 27.93 ? 1346 ASP A N   1 
ATOM   268  C CA  . ASP A 1 55  ? -6.078  18.439  -1.362  1.00 30.63 ? 1346 ASP A CA  1 
ATOM   269  C C   . ASP A 1 55  ? -5.140  19.427  -2.063  1.00 33.25 ? 1346 ASP A C   1 
ATOM   270  O O   . ASP A 1 55  ? -4.134  19.833  -1.445  1.00 33.30 ? 1346 ASP A O   1 
ATOM   271  C CB  . ASP A 1 55  ? -6.885  19.089  -0.235  1.00 29.90 ? 1346 ASP A CB  1 
ATOM   272  C CG  . ASP A 1 55  ? -7.916  20.112  -0.695  1.00 30.27 ? 1346 ASP A CG  1 
ATOM   273  O OD1 . ASP A 1 55  ? -7.813  20.572  -1.842  1.00 29.96 ? 1346 ASP A OD1 1 
ATOM   274  O OD2 . ASP A 1 55  ? -8.809  20.449  0.114   1.00 31.93 ? 1346 ASP A OD2 1 
ATOM   275  N N   . LEU A 1 56  ? -5.458  19.811  -3.304  1.00 39.24 ? 1347 LEU A N   1 
ATOM   276  C CA  . LEU A 1 56  ? -4.624  20.753  -4.102  1.00 43.40 ? 1347 LEU A CA  1 
ATOM   277  C C   . LEU A 1 56  ? -5.025  22.210  -3.817  1.00 46.16 ? 1347 LEU A C   1 
ATOM   278  O O   . LEU A 1 56  ? -4.924  23.034  -4.750  1.00 48.06 ? 1347 LEU A O   1 
ATOM   279  C CB  . LEU A 1 56  ? -4.760  20.419  -5.593  1.00 46.10 ? 1347 LEU A CB  1 
ATOM   280  C CG  . LEU A 1 56  ? -4.579  18.951  -5.979  1.00 46.37 ? 1347 LEU A CG  1 
ATOM   281  C CD1 . LEU A 1 56  ? -4.542  18.797  -7.491  1.00 47.44 ? 1347 LEU A CD1 1 
ATOM   282  C CD2 . LEU A 1 56  ? -3.321  18.356  -5.359  1.00 47.35 ? 1347 LEU A CD2 1 
ATOM   283  N N   . LEU A 1 57  ? -5.440  22.520  -2.579  1.00 46.97 ? 1348 LEU A N   1 
ATOM   284  C CA  . LEU A 1 57  ? -5.613  23.905  -2.058  1.00 46.99 ? 1348 LEU A CA  1 
ATOM   285  C C   . LEU A 1 57  ? -4.465  24.214  -1.097  1.00 46.59 ? 1348 LEU A C   1 
ATOM   286  O O   . LEU A 1 57  ? -3.726  25.186  -1.353  1.00 47.81 ? 1348 LEU A O   1 
ATOM   287  C CB  . LEU A 1 57  ? -6.955  24.040  -1.327  1.00 48.26 ? 1348 LEU A CB  1 
ATOM   288  C CG  . LEU A 1 57  ? -8.222  23.940  -2.175  1.00 49.90 ? 1348 LEU A CG  1 
ATOM   289  C CD1 . LEU A 1 57  ? -9.357  24.701  -1.506  1.00 50.04 ? 1348 LEU A CD1 1 
ATOM   290  C CD2 . LEU A 1 57  ? -8.000  24.438  -3.595  1.00 50.99 ? 1348 LEU A CD2 1 
ATOM   291  N N   . GLU A 1 58  ? -4.340  23.414  -0.034  1.00 43.04 ? 1349 GLU A N   1 
ATOM   292  C CA  . GLU A 1 58  ? -3.278  23.557  0.999   1.00 42.90 ? 1349 GLU A CA  1 
ATOM   293  C C   . GLU A 1 58  ? -1.911  23.320  0.344   1.00 40.87 ? 1349 GLU A C   1 
ATOM   294  O O   . GLU A 1 58  ? -0.911  23.878  0.850   1.00 40.83 ? 1349 GLU A O   1 
ATOM   295  C CB  . GLU A 1 58  ? -3.506  22.633  2.204   1.00 43.68 ? 1349 GLU A CB  1 
ATOM   296  C CG  . GLU A 1 58  ? -4.230  21.326  1.918   1.00 44.99 ? 1349 GLU A CG  1 
ATOM   297  C CD  . GLU A 1 58  ? -5.736  21.375  2.120   1.00 46.52 ? 1349 GLU A CD  1 
ATOM   298  O OE1 . GLU A 1 58  ? -6.241  20.619  2.977   1.00 43.68 ? 1349 GLU A OE1 1 
ATOM   299  O OE2 . GLU A 1 58  ? -6.399  22.159  1.414   1.00 46.73 ? 1349 GLU A OE2 1 
ATOM   300  N N   . TYR A 1 59  ? -1.876  22.535  -0.742  1.00 37.11 ? 1350 TYR A N   1 
ATOM   301  C CA  . TYR A 1 59  ? -0.651  22.183  -1.509  1.00 34.19 ? 1350 TYR A CA  1 
ATOM   302  C C   . TYR A 1 59  ? -0.932  22.385  -3.000  1.00 31.27 ? 1350 TYR A C   1 
ATOM   303  O O   . TYR A 1 59  ? -1.142  21.431  -3.752  1.00 30.45 ? 1350 TYR A O   1 
ATOM   304  C CB  . TYR A 1 59  ? -0.197  20.778  -1.096  1.00 34.97 ? 1350 TYR A CB  1 
ATOM   305  C CG  . TYR A 1 59  ? -0.228  20.573  0.398   1.00 35.95 ? 1350 TYR A CG  1 
ATOM   306  C CD1 . TYR A 1 59  ? 0.767   21.090  1.212   1.00 37.27 ? 1350 TYR A CD1 1 
ATOM   307  C CD2 . TYR A 1 59  ? -1.285  19.919  1.010   1.00 37.36 ? 1350 TYR A CD2 1 
ATOM   308  C CE1 . TYR A 1 59  ? 0.728   20.939  2.589   1.00 37.38 ? 1350 TYR A CE1 1 
ATOM   309  C CE2 . TYR A 1 59  ? -1.337  19.757  2.384   1.00 37.24 ? 1350 TYR A CE2 1 
ATOM   310  C CZ  . TYR A 1 59  ? -0.328  20.269  3.178   1.00 37.07 ? 1350 TYR A CZ  1 
ATOM   311  O OH  . TYR A 1 59  ? -0.385  20.105  4.529   1.00 38.10 ? 1350 TYR A OH  1 
ATOM   312  N N   . PRO A 1 60  ? -0.952  23.651  -3.482  1.00 28.36 ? 1351 PRO A N   1 
ATOM   313  C CA  . PRO A 1 60  ? -1.296  23.942  -4.874  1.00 25.44 ? 1351 PRO A CA  1 
ATOM   314  C C   . PRO A 1 60  ? -0.194  23.530  -5.864  1.00 24.09 ? 1351 PRO A C   1 
ATOM   315  O O   . PRO A 1 60  ? -0.481  23.390  -7.043  1.00 22.83 ? 1351 PRO A O   1 
ATOM   316  C CB  . PRO A 1 60  ? -1.526  25.468  -4.859  1.00 26.07 ? 1351 PRO A CB  1 
ATOM   317  C CG  . PRO A 1 60  ? -0.608  25.966  -3.763  1.00 27.25 ? 1351 PRO A CG  1 
ATOM   318  C CD  . PRO A 1 60  ? -0.610  24.864  -2.722  1.00 28.22 ? 1351 PRO A CD  1 
ATOM   319  N N   . ASP A 1 61  ? 1.030   23.321  -5.370  1.00 22.80 ? 1352 ASP A N   1 
ATOM   320  C CA  . ASP A 1 61  ? 2.195   22.867  -6.176  1.00 22.40 ? 1352 ASP A CA  1 
ATOM   321  C C   . ASP A 1 61  ? 2.268   21.331  -6.234  1.00 21.90 ? 1352 ASP A C   1 
ATOM   322  O O   . ASP A 1 61  ? 3.095   20.824  -7.015  1.00 21.77 ? 1352 ASP A O   1 
ATOM   323  C CB  . ASP A 1 61  ? 3.502   23.412  -5.596  1.00 23.80 ? 1352 ASP A CB  1 
ATOM   324  C CG  . ASP A 1 61  ? 3.835   22.843  -4.227  1.00 24.05 ? 1352 ASP A CG  1 
ATOM   325  O OD1 . ASP A 1 61  ? 2.878   22.458  -3.496  1.00 25.44 ? 1352 ASP A OD1 1 
ATOM   326  O OD2 . ASP A 1 61  ? 5.038   22.750  -3.915  1.00 25.81 ? 1352 ASP A OD2 1 
ATOM   327  N N   . TYR A 1 62  ? 1.458   20.611  -5.443  1.00 20.10 ? 1353 TYR A N   1 
ATOM   328  C CA  . TYR A 1 62  ? 1.591   19.139  -5.242  1.00 19.93 ? 1353 TYR A CA  1 
ATOM   329  C C   . TYR A 1 62  ? 1.794   18.429  -6.588  1.00 20.18 ? 1353 TYR A C   1 
ATOM   330  O O   . TYR A 1 62  ? 2.694   17.571  -6.684  1.00 19.56 ? 1353 TYR A O   1 
ATOM   331  C CB  . TYR A 1 62  ? 0.385   18.547  -4.508  1.00 18.79 ? 1353 TYR A CB  1 
ATOM   332  C CG  . TYR A 1 62  ? 0.611   17.155  -3.966  1.00 17.69 ? 1353 TYR A CG  1 
ATOM   333  C CD1 . TYR A 1 62  ? 1.669   16.888  -3.111  1.00 16.98 ? 1353 TYR A CD1 1 
ATOM   334  C CD2 . TYR A 1 62  ? -0.214  16.100  -4.321  1.00 17.34 ? 1353 TYR A CD2 1 
ATOM   335  C CE1 . TYR A 1 62  ? 1.895   15.617  -2.609  1.00 16.93 ? 1353 TYR A CE1 1 
ATOM   336  C CE2 . TYR A 1 62  ? -0.003  14.820  -3.826  1.00 16.33 ? 1353 TYR A CE2 1 
ATOM   337  C CZ  . TYR A 1 62  ? 1.057   14.578  -2.966  1.00 16.88 ? 1353 TYR A CZ  1 
ATOM   338  O OH  . TYR A 1 62  ? 1.289   13.318  -2.480  1.00 16.35 ? 1353 TYR A OH  1 
ATOM   339  N N   . ARG A 1 63  ? 0.999   18.782  -7.601  1.00 20.48 ? 1354 ARG A N   1 
ATOM   340  C CA  . ARG A 1 63  ? 1.029   18.108  -8.925  1.00 22.98 ? 1354 ARG A CA  1 
ATOM   341  C C   . ARG A 1 63  ? 2.257   18.526  -9.745  1.00 22.56 ? 1354 ARG A C   1 
ATOM   342  O O   . ARG A 1 63  ? 2.497   17.864  -10.764 1.00 23.67 ? 1354 ARG A O   1 
ATOM   343  C CB  . ARG A 1 63  ? -0.262  18.364  -9.707  1.00 25.21 ? 1354 ARG A CB  1 
ATOM   344  C CG  . ARG A 1 63  ? -1.476  17.627  -9.159  1.00 27.29 ? 1354 ARG A CG  1 
ATOM   345  C CD  . ARG A 1 63  ? -1.248  16.144  -8.911  1.00 30.20 ? 1354 ARG A CD  1 
ATOM   346  N NE  . ARG A 1 63  ? -0.773  15.440  -10.098 1.00 32.93 ? 1354 ARG A NE  1 
ATOM   347  C CZ  . ARG A 1 63  ? -1.545  14.998  -11.093 1.00 34.41 ? 1354 ARG A CZ  1 
ATOM   348  N NH1 . ARG A 1 63  ? -2.857  15.179  -11.069 1.00 35.38 ? 1354 ARG A NH1 1 
ATOM   349  N NH2 . ARG A 1 63  ? -0.995  14.371  -12.120 1.00 35.76 ? 1354 ARG A NH2 1 
ATOM   350  N N   . ASP A 1 64  ? 3.012   19.556  -9.346  1.00 23.54 ? 1355 ASP A N   1 
ATOM   351  C CA  . ASP A 1 64  ? 4.297   19.906  -10.017 1.00 23.66 ? 1355 ASP A CA  1 
ATOM   352  C C   . ASP A 1 64  ? 5.368   18.883  -9.615  1.00 23.03 ? 1355 ASP A C   1 
ATOM   353  O O   . ASP A 1 64  ? 6.236   18.585  -10.448 1.00 23.19 ? 1355 ASP A O   1 
ATOM   354  C CB  . ASP A 1 64  ? 4.787   21.316  -9.671  1.00 25.02 ? 1355 ASP A CB  1 
ATOM   355  C CG  . ASP A 1 64  ? 3.825   22.437  -10.026 1.00 25.91 ? 1355 ASP A CG  1 
ATOM   356  O OD1 . ASP A 1 64  ? 3.038   22.273  -10.983 1.00 27.05 ? 1355 ASP A OD1 1 
ATOM   357  O OD2 . ASP A 1 64  ? 3.869   23.473  -9.337  1.00 28.13 ? 1355 ASP A OD2 1 
ATOM   358  N N   . ILE A 1 65  ? 5.315   18.387  -8.372  1.00 21.68 ? 1356 ILE A N   1 
ATOM   359  C CA  . ILE A 1 65  ? 6.320   17.459  -7.771  1.00 20.87 ? 1356 ILE A CA  1 
ATOM   360  C C   . ILE A 1 65  ? 5.888   16.011  -8.041  1.00 20.30 ? 1356 ILE A C   1 
ATOM   361  O O   . ILE A 1 65  ? 6.722   15.217  -8.505  1.00 20.78 ? 1356 ILE A O   1 
ATOM   362  C CB  . ILE A 1 65  ? 6.477   17.718  -6.256  1.00 21.50 ? 1356 ILE A CB  1 
ATOM   363  C CG1 . ILE A 1 65  ? 6.765   19.193  -5.950  1.00 22.00 ? 1356 ILE A CG1 1 
ATOM   364  C CG2 . ILE A 1 65  ? 7.518   16.802  -5.632  1.00 22.03 ? 1356 ILE A CG2 1 
ATOM   365  C CD1 . ILE A 1 65  ? 5.555   19.989  -5.555  1.00 23.05 ? 1356 ILE A CD1 1 
ATOM   366  N N   . ILE A 1 66  ? 4.623   15.709  -7.752  1.00 18.32 ? 1357 ILE A N   1 
ATOM   367  C CA  . ILE A 1 66  ? 4.064   14.333  -7.737  1.00 19.45 ? 1357 ILE A CA  1 
ATOM   368  C C   . ILE A 1 66  ? 3.244   14.111  -8.997  1.00 18.42 ? 1357 ILE A C   1 
ATOM   369  O O   . ILE A 1 66  ? 2.136   14.702  -9.158  1.00 20.58 ? 1357 ILE A O   1 
ATOM   370  C CB  . ILE A 1 66  ? 3.254   14.183  -6.435  1.00 16.65 ? 1357 ILE A CB  1 
ATOM   371  C CG1 . ILE A 1 66  ? 4.128   14.432  -5.199  1.00 19.37 ? 1357 ILE A CG1 1 
ATOM   372  C CG2 . ILE A 1 66  ? 2.498   12.858  -6.381  1.00 19.02 ? 1357 ILE A CG2 1 
ATOM   373  C CD1 . ILE A 1 66  ? 5.360   13.594  -5.094  1.00 19.13 ? 1357 ILE A CD1 1 
ATOM   374  N N   . ASP A 1 67  ? 3.706   13.170  -9.810  1.00 22.22 ? 1358 ASP A N   1 
ATOM   375  C CA  . ASP A 1 67  ? 3.013   12.808  -11.075 1.00 25.26 ? 1358 ASP A CA  1 
ATOM   376  C C   . ASP A 1 67  ? 1.758   11.976  -10.822 1.00 23.51 ? 1358 ASP A C   1 
ATOM   377  O O   . ASP A 1 67  ? 0.854   11.994  -11.669 1.00 23.66 ? 1358 ASP A O   1 
ATOM   378  C CB  . ASP A 1 67  ? 3.878   11.888  -11.922 1.00 26.54 ? 1358 ASP A CB  1 
ATOM   379  C CG  . ASP A 1 67  ? 5.082   12.573  -12.504 1.00 33.25 ? 1358 ASP A CG  1 
ATOM   380  O OD1 . ASP A 1 67  ? 5.086   13.807  -12.479 1.00 35.04 ? 1358 ASP A OD1 1 
ATOM   381  O OD2 . ASP A 1 67  ? 5.994   11.870  -12.928 1.00 36.06 ? 1358 ASP A OD2 1 
ATOM   382  N N   . THR A 1 68  ? 1.786   11.100  -9.801  1.00 19.50 ? 1359 THR A N   1 
ATOM   383  C CA  . THR A 1 68  ? 0.708   10.114  -9.566  1.00 19.16 ? 1359 THR A CA  1 
ATOM   384  C C   . THR A 1 68  ? 0.358   10.070  -8.085  1.00 17.83 ? 1359 THR A C   1 
ATOM   385  O O   . THR A 1 68  ? 0.918   9.278   -7.304  1.00 18.68 ? 1359 THR A O   1 
ATOM   386  C CB  . THR A 1 68  ? 1.045   8.688   -10.028 1.00 19.43 ? 1359 THR A CB  1 
ATOM   387  O OG1 . THR A 1 68  ? 1.513   8.694   -11.366 1.00 22.90 ? 1359 THR A OG1 1 
ATOM   388  C CG2 . THR A 1 68  ? -0.162  7.768   -9.974  1.00 20.65 ? 1359 THR A CG2 1 
ATOM   389  N N   . PRO A 1 69  ? -0.600  10.908  -7.662  1.00 15.66 ? 1360 PRO A N   1 
ATOM   390  C CA  . PRO A 1 69  ? -1.101  10.872  -6.278  1.00 15.48 ? 1360 PRO A CA  1 
ATOM   391  C C   . PRO A 1 69  ? -1.637  9.474   -5.951  1.00 16.34 ? 1360 PRO A C   1 
ATOM   392  O O   . PRO A 1 69  ? -2.181  8.801   -6.783  1.00 17.27 ? 1360 PRO A O   1 
ATOM   393  C CB  . PRO A 1 69  ? -2.219  11.917  -6.249  1.00 16.84 ? 1360 PRO A CB  1 
ATOM   394  C CG  . PRO A 1 69  ? -1.847  12.841  -7.406  1.00 20.03 ? 1360 PRO A CG  1 
ATOM   395  C CD  . PRO A 1 69  ? -1.285  11.938  -8.492  1.00 18.64 ? 1360 PRO A CD  1 
ATOM   396  N N   . MET A 1 70  ? -1.517  9.084   -4.678  1.00 16.56 ? 1361 MET A N   1 
ATOM   397  C CA  . MET A 1 70  ? -2.083  7.811   -4.201  1.00 14.80 ? 1361 MET A CA  1 
ATOM   398  C C   . MET A 1 70  ? -2.279  7.946   -2.697  1.00 14.17 ? 1361 MET A C   1 
ATOM   399  O O   . MET A 1 70  ? -1.579  8.704   -2.049  1.00 14.96 ? 1361 MET A O   1 
ATOM   400  C CB  . MET A 1 70  ? -1.129  6.654   -4.496  1.00 14.59 ? 1361 MET A CB  1 
ATOM   401  C CG  . MET A 1 70  ? -1.707  5.271   -4.266  1.00 15.36 ? 1361 MET A CG  1 
ATOM   402  S SD  . MET A 1 70  ? -3.331  4.930   -5.020  1.00 15.09 ? 1361 MET A SD  1 
ATOM   403  C CE  . MET A 1 70  ? -3.015  5.274   -6.747  1.00 16.96 ? 1361 MET A CE  1 
ATOM   404  N N   . ASP A 1 71  ? -3.260  7.239   -2.192  1.00 13.57 ? 1362 ASP A N   1 
ATOM   405  C CA  . ASP A 1 71  ? -3.683  7.278   -0.775  1.00 14.35 ? 1362 ASP A CA  1 
ATOM   406  C C   . ASP A 1 71  ? -4.396  5.956   -0.463  1.00 13.20 ? 1362 ASP A C   1 
ATOM   407  O O   . ASP A 1 71  ? -4.772  5.201   -1.385  1.00 13.80 ? 1362 ASP A O   1 
ATOM   408  C CB  . ASP A 1 71  ? -4.644  8.440   -0.566  1.00 15.48 ? 1362 ASP A CB  1 
ATOM   409  C CG  . ASP A 1 71  ? -5.966  8.251   -1.280  1.00 15.53 ? 1362 ASP A CG  1 
ATOM   410  O OD1 . ASP A 1 71  ? -5.997  8.551   -2.469  1.00 17.91 ? 1362 ASP A OD1 1 
ATOM   411  O OD2 . ASP A 1 71  ? -6.878  7.683   -0.670  1.00 17.72 ? 1362 ASP A OD2 1 
ATOM   412  N N   . PHE A 1 72  ? -4.587  5.653   0.820   1.00 13.50 ? 1363 PHE A N   1 
ATOM   413  C CA  . PHE A 1 72  ? -5.125  4.336   1.248   1.00 12.98 ? 1363 PHE A CA  1 
ATOM   414  C C   . PHE A 1 72  ? -6.618  4.162   0.981   1.00 14.20 ? 1363 PHE A C   1 
ATOM   415  O O   . PHE A 1 72  ? -7.043  3.049   0.798   1.00 13.59 ? 1363 PHE A O   1 
ATOM   416  C CB  . PHE A 1 72  ? -4.879  4.092   2.737   1.00 13.58 ? 1363 PHE A CB  1 
ATOM   417  C CG  . PHE A 1 72  ? -3.442  3.722   2.998   1.00 13.03 ? 1363 PHE A CG  1 
ATOM   418  C CD1 . PHE A 1 72  ? -2.954  2.482   2.672   1.00 12.14 ? 1363 PHE A CD1 1 
ATOM   419  C CD2 . PHE A 1 72  ? -2.568  4.613   3.586   1.00 13.88 ? 1363 PHE A CD2 1 
ATOM   420  C CE1 . PHE A 1 72  ? -1.616  2.153   2.855   1.00 14.73 ? 1363 PHE A CE1 1 
ATOM   421  C CE2 . PHE A 1 72  ? -1.230  4.287   3.778   1.00 12.44 ? 1363 PHE A CE2 1 
ATOM   422  C CZ  . PHE A 1 72  ? -0.754  3.051   3.422   1.00 12.24 ? 1363 PHE A CZ  1 
ATOM   423  N N   . ALA A 1 73  ? -7.394  5.233   0.919   1.00 14.00 ? 1364 ALA A N   1 
ATOM   424  C CA  . ALA A 1 73  ? -8.800  5.124   0.501   1.00 14.61 ? 1364 ALA A CA  1 
ATOM   425  C C   . ALA A 1 73  ? -8.896  4.735   -0.987  1.00 15.44 ? 1364 ALA A C   1 
ATOM   426  O O   . ALA A 1 73  ? -9.646  3.813   -1.335  1.00 14.66 ? 1364 ALA A O   1 
ATOM   427  C CB  . ALA A 1 73  ? -9.555  6.397   0.791   1.00 15.81 ? 1364 ALA A CB  1 
ATOM   428  N N   . THR A 1 74  ? -8.045  5.266   -1.848  1.00 14.40 ? 1365 THR A N   1 
ATOM   429  C CA  . THR A 1 74  ? -7.981  4.903   -3.287  1.00 15.21 ? 1365 THR A CA  1 
ATOM   430  C C   . THR A 1 74  ? -7.584  3.423   -3.417  1.00 13.06 ? 1365 THR A C   1 
ATOM   431  O O   . THR A 1 74  ? -8.231  2.660   -4.106  1.00 13.59 ? 1365 THR A O   1 
ATOM   432  C CB  . THR A 1 74  ? -7.070  5.826   -4.063  1.00 15.12 ? 1365 THR A CB  1 
ATOM   433  O OG1 . THR A 1 74  ? -7.678  7.130   -3.967  1.00 17.73 ? 1365 THR A OG1 1 
ATOM   434  C CG2 . THR A 1 74  ? -6.901  5.355   -5.489  1.00 15.07 ? 1365 THR A CG2 1 
ATOM   435  N N   . VAL A 1 75  ? -6.592  2.995   -2.621  1.00 13.29 ? 1366 VAL A N   1 
ATOM   436  C CA  . VAL A 1 75  ? -6.185  1.567   -2.640  1.00 13.33 ? 1366 VAL A CA  1 
ATOM   437  C C   . VAL A 1 75  ? -7.370  0.680   -2.200  1.00 12.30 ? 1366 VAL A C   1 
ATOM   438  O O   . VAL A 1 75  ? -7.626  -0.364  -2.884  1.00 12.06 ? 1366 VAL A O   1 
ATOM   439  C CB  . VAL A 1 75  ? -4.916  1.336   -1.801  1.00 12.57 ? 1366 VAL A CB  1 
ATOM   440  C CG1 . VAL A 1 75  ? -4.638  -0.148  -1.732  1.00 13.01 ? 1366 VAL A CG1 1 
ATOM   441  C CG2 . VAL A 1 75  ? -3.738  2.099   -2.335  1.00 13.07 ? 1366 VAL A CG2 1 
ATOM   442  N N   . ARG A 1 76  ? -8.029  0.938   -1.048  1.00 12.89 ? 1367 ARG A N   1 
ATOM   443  C CA  . ARG A 1 76  ? -9.183  0.145   -0.554  1.00 14.48 ? 1367 ARG A CA  1 
ATOM   444  C C   . ARG A 1 76  ? -10.288 0.099   -1.631  1.00 14.65 ? 1367 ARG A C   1 
ATOM   445  O O   . ARG A 1 76  ? -10.809 -1.004  -1.892  1.00 14.65 ? 1367 ARG A O   1 
ATOM   446  C CB  . ARG A 1 76  ? -9.690  0.772   0.746   1.00 16.64 ? 1367 ARG A CB  1 
ATOM   447  C CG  . ARG A 1 76  ? -10.844 0.037   1.379   1.00 21.02 ? 1367 ARG A CG  1 
ATOM   448  C CD  . ARG A 1 76  ? -11.187 0.712   2.694   1.00 24.74 ? 1367 ARG A CD  1 
ATOM   449  N NE  . ARG A 1 76  ? -10.583 0.057   3.820   1.00 27.00 ? 1367 ARG A NE  1 
ATOM   450  C CZ  . ARG A 1 76  ? -10.498 0.571   5.041   1.00 29.74 ? 1367 ARG A CZ  1 
ATOM   451  N NH1 . ARG A 1 76  ? -10.930 1.801   5.275   1.00 27.12 ? 1367 ARG A NH1 1 
ATOM   452  N NH2 . ARG A 1 76  ? -10.006 -0.166  6.012   1.00 29.48 ? 1367 ARG A NH2 1 
ATOM   453  N N   . GLU A 1 77  ? -10.570 1.235   -2.282  1.00 14.84 ? 1368 GLU A N   1 
ATOM   454  C CA  . GLU A 1 77  ? -11.650 1.279   -3.300  1.00 17.11 ? 1368 GLU A CA  1 
ATOM   455  C C   . GLU A 1 77  ? -11.283 0.420   -4.488  1.00 16.03 ? 1368 GLU A C   1 
ATOM   456  O O   . GLU A 1 77  ? -12.199 -0.254  -5.021  1.00 14.33 ? 1368 GLU A O   1 
ATOM   457  C CB  . GLU A 1 77  ? -11.866 2.722   -3.687  1.00 18.85 ? 1368 GLU A CB  1 
ATOM   458  C CG  . GLU A 1 77  ? -12.668 3.471   -2.650  1.00 22.86 ? 1368 GLU A CG  1 
ATOM   459  C CD  . GLU A 1 77  ? -12.544 4.987   -2.665  1.00 30.23 ? 1368 GLU A CD  1 
ATOM   460  O OE1 . GLU A 1 77  ? -12.142 5.551   -3.724  1.00 34.79 ? 1368 GLU A OE1 1 
ATOM   461  O OE2 . GLU A 1 77  ? -12.928 5.604   -1.638  1.00 39.06 ? 1368 GLU A OE2 1 
ATOM   462  N N   . THR A 1 78  ? -10.040 0.513   -4.958  1.00 13.39 ? 1369 THR A N   1 
ATOM   463  C CA  . THR A 1 78  ? -9.558  -0.246  -6.141  1.00 13.33 ? 1369 THR A CA  1 
ATOM   464  C C   . THR A 1 78  ? -9.676  -1.748  -5.830  1.00 13.72 ? 1369 THR A C   1 
ATOM   465  O O   . THR A 1 78  ? -10.163 -2.516  -6.670  1.00 13.22 ? 1369 THR A O   1 
ATOM   466  C CB  . THR A 1 78  ? -8.134  0.177   -6.482  1.00 13.50 ? 1369 THR A CB  1 
ATOM   467  O OG1 . THR A 1 78  ? -8.014  1.582   -6.751  1.00 14.71 ? 1369 THR A OG1 1 
ATOM   468  C CG2 . THR A 1 78  ? -7.611  -0.579  -7.673  1.00 14.29 ? 1369 THR A CG2 1 
ATOM   469  N N   . LEU A 1 79  ? -9.256  -2.169  -4.626  1.00 12.19 ? 1370 LEU A N   1 
ATOM   470  C CA  . LEU A 1 79  ? -9.391  -3.582  -4.180  1.00 13.03 ? 1370 LEU A CA  1 
ATOM   471  C C   . LEU A 1 79  ? -10.882 -3.997  -4.165  1.00 12.74 ? 1370 LEU A C   1 
ATOM   472  O O   . LEU A 1 79  ? -11.224 -5.081  -4.808  1.00 14.13 ? 1370 LEU A O   1 
ATOM   473  C CB  . LEU A 1 79  ? -8.742  -3.705  -2.789  1.00 13.12 ? 1370 LEU A CB  1 
ATOM   474  C CG  . LEU A 1 79  ? -8.639  -5.138  -2.234  1.00 13.05 ? 1370 LEU A CG  1 
ATOM   475  C CD1 . LEU A 1 79  ? -7.697  -5.961  -3.160  1.00 12.84 ? 1370 LEU A CD1 1 
ATOM   476  C CD2 . LEU A 1 79  ? -8.163  -5.140  -0.782  1.00 13.55 ? 1370 LEU A CD2 1 
ATOM   477  N N   . GLU A 1 80  ? -11.761 -3.203  -3.553  1.00 13.67 ? 1371 GLU A N   1 
ATOM   478  C CA  . GLU A 1 80  ? -13.200 -3.590  -3.376  1.00 17.23 ? 1371 GLU A CA  1 
ATOM   479  C C   . GLU A 1 80  ? -13.957 -3.556  -4.713  1.00 15.27 ? 1371 GLU A C   1 
ATOM   480  O O   . GLU A 1 80  ? -14.903 -4.353  -4.894  1.00 17.77 ? 1371 GLU A O   1 
ATOM   481  C CB  . GLU A 1 80  ? -13.805 -2.694  -2.307  1.00 18.72 ? 1371 GLU A CB  1 
ATOM   482  C CG  . GLU A 1 80  ? -13.183 -2.990  -0.933  1.00 25.50 ? 1371 GLU A CG  1 
ATOM   483  C CD  . GLU A 1 80  ? -13.260 -4.451  -0.463  1.00 31.81 ? 1371 GLU A CD  1 
ATOM   484  O OE1 . GLU A 1 80  ? -14.273 -4.724  0.238   1.00 37.93 ? 1371 GLU A OE1 1 
ATOM   485  O OE2 . GLU A 1 80  ? -12.319 -5.334  -0.767  1.00 23.63 ? 1371 GLU A OE2 1 
ATOM   486  N N   . ALA A 1 81  ? -13.509 -2.760  -5.667  1.00 14.92 ? 1372 ALA A N   1 
ATOM   487  C CA  . ALA A 1 81  ? -14.045 -2.706  -7.042  1.00 14.98 ? 1372 ALA A CA  1 
ATOM   488  C C   . ALA A 1 81  ? -13.642 -3.964  -7.826  1.00 15.83 ? 1372 ALA A C   1 
ATOM   489  O O   . ALA A 1 81  ? -14.225 -4.190  -8.877  1.00 17.36 ? 1372 ALA A O   1 
ATOM   490  C CB  . ALA A 1 81  ? -13.550 -1.478  -7.722  1.00 17.12 ? 1372 ALA A CB  1 
ATOM   491  N N   . GLY A 1 82  ? -12.675 -4.783  -7.352  1.00 14.32 ? 1373 GLY A N   1 
ATOM   492  C CA  . GLY A 1 82  ? -12.224 -5.909  -8.179  1.00 13.28 ? 1373 GLY A CA  1 
ATOM   493  C C   . GLY A 1 82  ? -11.282 -5.421  -9.244  1.00 14.37 ? 1373 GLY A C   1 
ATOM   494  O O   . GLY A 1 82  ? -11.233 -6.012  -10.335 1.00 14.87 ? 1373 GLY A O   1 
ATOM   495  N N   . ASN A 1 83  ? -10.496 -4.382  -8.967  1.00 14.13 ? 1374 ASN A N   1 
ATOM   496  C CA  . ASN A 1 83  ? -9.594  -3.777  -9.969  1.00 13.33 ? 1374 ASN A CA  1 
ATOM   497  C C   . ASN A 1 83  ? -8.100  -3.995  -9.672  1.00 13.45 ? 1374 ASN A C   1 
ATOM   498  O O   . ASN A 1 83  ? -7.218  -3.448  -10.409 1.00 13.17 ? 1374 ASN A O   1 
ATOM   499  C CB  . ASN A 1 83  ? -9.917  -2.308  -10.209 1.00 14.93 ? 1374 ASN A CB  1 
ATOM   500  C CG  . ASN A 1 83  ? -11.199 -2.028  -10.985 1.00 16.39 ? 1374 ASN A CG  1 
ATOM   501  O OD1 . ASN A 1 83  ? -11.499 -0.846  -11.171 1.00 20.63 ? 1374 ASN A OD1 1 
ATOM   502  N ND2 . ASN A 1 83  ? -11.967 -3.017  -11.440 1.00 15.21 ? 1374 ASN A ND2 1 
ATOM   503  N N   . TYR A 1 84  ? -7.778  -4.835  -8.703  1.00 13.61 ? 1375 TYR A N   1 
ATOM   504  C CA  . TYR A 1 84  ? -6.425  -5.438  -8.593  1.00 13.19 ? 1375 TYR A CA  1 
ATOM   505  C C   . TYR A 1 84  ? -6.505  -6.914  -9.069  1.00 13.94 ? 1375 TYR A C   1 
ATOM   506  O O   . TYR A 1 84  ? -7.384  -7.631  -8.584  1.00 14.78 ? 1375 TYR A O   1 
ATOM   507  C CB  . TYR A 1 84  ? -5.856  -5.344  -7.172  1.00 13.40 ? 1375 TYR A CB  1 
ATOM   508  C CG  . TYR A 1 84  ? -5.493  -3.955  -6.722  1.00 12.86 ? 1375 TYR A CG  1 
ATOM   509  C CD1 . TYR A 1 84  ? -4.615  -3.169  -7.463  1.00 12.20 ? 1375 TYR A CD1 1 
ATOM   510  C CD2 . TYR A 1 84  ? -6.025  -3.439  -5.541  1.00 13.02 ? 1375 TYR A CD2 1 
ATOM   511  C CE1 . TYR A 1 84  ? -4.253  -1.900  -7.015  1.00 12.10 ? 1375 TYR A CE1 1 
ATOM   512  C CE2 . TYR A 1 84  ? -5.677  -2.176  -5.101  1.00 12.68 ? 1375 TYR A CE2 1 
ATOM   513  C CZ  . TYR A 1 84  ? -4.794  -1.397  -5.839  1.00 12.74 ? 1375 TYR A CZ  1 
ATOM   514  O OH  . TYR A 1 84  ? -4.444  -0.137  -5.400  1.00 13.65 ? 1375 TYR A OH  1 
ATOM   515  N N   . GLU A 1 85  ? -5.560  -7.367  -9.906  1.00 15.89 ? 1376 GLU A N   1 
ATOM   516  C CA  . GLU A 1 85  ? -5.473  -8.808  -10.267 1.00 16.64 ? 1376 GLU A CA  1 
ATOM   517  C C   . GLU A 1 85  ? -4.585  -9.582  -9.272  1.00 16.76 ? 1376 GLU A C   1 
ATOM   518  O O   . GLU A 1 85  ? -4.742  -10.803 -9.126  1.00 17.79 ? 1376 GLU A O   1 
ATOM   519  C CB  . GLU A 1 85  ? -4.965  -8.967  -11.688 1.00 18.06 ? 1376 GLU A CB  1 
ATOM   520  C CG  . GLU A 1 85  ? -4.992  -10.418 -12.077 1.00 24.73 ? 1376 GLU A CG  1 
ATOM   521  C CD  . GLU A 1 85  ? -4.609  -10.704 -13.505 1.00 30.09 ? 1376 GLU A CD  1 
ATOM   522  O OE1 . GLU A 1 85  ? -4.067  -9.779  -14.154 1.00 32.53 ? 1376 GLU A OE1 1 
ATOM   523  O OE2 . GLU A 1 85  ? -4.936  -11.845 -13.971 1.00 34.46 ? 1376 GLU A OE2 1 
ATOM   524  N N   . SER A 1 86  ? -3.718  -8.891  -8.538  1.00 15.03 ? 1377 SER A N   1 
ATOM   525  C CA  . SER A 1 86  ? -2.708  -9.563  -7.679  1.00 15.09 ? 1377 SER A CA  1 
ATOM   526  C C   . SER A 1 86  ? -2.321  -8.664  -6.537  1.00 14.50 ? 1377 SER A C   1 
ATOM   527  O O   . SER A 1 86  ? -2.478  -7.432  -6.627  1.00 14.42 ? 1377 SER A O   1 
ATOM   528  C CB  . SER A 1 86  ? -1.473  -9.909  -8.465  1.00 14.48 ? 1377 SER A CB  1 
ATOM   529  O OG  . SER A 1 86  ? -0.722  -8.772  -8.809  1.00 14.60 ? 1377 SER A OG  1 
ATOM   530  N N   . PRO A 1 87  ? -1.766  -9.257  -5.439  1.00 14.18 ? 1378 PRO A N   1 
ATOM   531  C CA  . PRO A 1 87  ? -1.290  -8.442  -4.339  1.00 13.64 ? 1378 PRO A CA  1 
ATOM   532  C C   . PRO A 1 87  ? -0.042  -7.648  -4.768  1.00 12.89 ? 1378 PRO A C   1 
ATOM   533  O O   . PRO A 1 87  ? 0.181   -6.635  -4.120  1.00 12.41 ? 1378 PRO A O   1 
ATOM   534  C CB  . PRO A 1 87  ? -1.002  -9.472  -3.225  1.00 13.89 ? 1378 PRO A CB  1 
ATOM   535  C CG  . PRO A 1 87  ? -0.664  -10.744 -4.012  1.00 14.16 ? 1378 PRO A CG  1 
ATOM   536  C CD  . PRO A 1 87  ? -1.632  -10.718 -5.194  1.00 15.11 ? 1378 PRO A CD  1 
ATOM   537  N N   . MET A 1 88  ? 0.719   -8.044  -5.810  1.00 12.74 ? 1379 MET A N   1 
ATOM   538  C CA  . MET A 1 88  ? 1.846   -7.232  -6.333  1.00 14.30 ? 1379 MET A CA  1 
ATOM   539  C C   . MET A 1 88  ? 1.334   -5.860  -6.802  1.00 12.52 ? 1379 MET A C   1 
ATOM   540  O O   . MET A 1 88  ? 2.013   -4.842  -6.600  1.00 13.21 ? 1379 MET A O   1 
ATOM   541  C CB  . MET A 1 88  ? 2.655   -7.943  -7.428  1.00 14.91 ? 1379 MET A CB  1 
ATOM   542  C CG  . MET A 1 88  ? 3.305   -9.243  -6.961  1.00 15.14 ? 1379 MET A CG  1 
ATOM   543  S SD  . MET A 1 88  ? 2.213   -10.717 -6.887  1.00 16.36 ? 1379 MET A SD  1 
ATOM   544  C CE  . MET A 1 88  ? 2.250   -11.127 -8.619  1.00 18.45 ? 1379 MET A CE  1 
ATOM   545  N N   . GLU A 1 89  ? 0.181   -5.823  -7.479  1.00 12.71 ? 1380 GLU A N   1 
ATOM   546  C CA  . GLU A 1 89  ? -0.318  -4.532  -7.977  1.00 13.52 ? 1380 GLU A CA  1 
ATOM   547  C C   . GLU A 1 89  ? -0.693  -3.661  -6.768  1.00 12.36 ? 1380 GLU A C   1 
ATOM   548  O O   . GLU A 1 89  ? -0.492  -2.431  -6.816  1.00 12.69 ? 1380 GLU A O   1 
ATOM   549  C CB  . GLU A 1 89  ? -1.516  -4.742  -8.884  1.00 14.79 ? 1380 GLU A CB  1 
ATOM   550  C CG  . GLU A 1 89  ? -1.217  -5.504  -10.167 1.00 15.58 ? 1380 GLU A CG  1 
ATOM   551  C CD  . GLU A 1 89  ? -2.455  -5.679  -11.017 1.00 16.40 ? 1380 GLU A CD  1 
ATOM   552  O OE1 . GLU A 1 89  ? -3.548  -5.471  -10.501 1.00 16.69 ? 1380 GLU A OE1 1 
ATOM   553  O OE2 . GLU A 1 89  ? -2.302  -5.978  -12.240 1.00 21.60 ? 1380 GLU A OE2 1 
ATOM   554  N N   . LEU A 1 90  ? -1.410  -4.200  -5.754  1.00 12.17 ? 1381 LEU A N   1 
ATOM   555  C CA  . LEU A 1 90  ? -1.766  -3.412  -4.550  1.00 12.24 ? 1381 LEU A CA  1 
ATOM   556  C C   . LEU A 1 90  ? -0.478  -2.883  -3.891  1.00 12.32 ? 1381 LEU A C   1 
ATOM   557  O O   . LEU A 1 90  ? -0.434  -1.712  -3.471  1.00 11.74 ? 1381 LEU A O   1 
ATOM   558  C CB  . LEU A 1 90  ? -2.568  -4.314  -3.597  1.00 13.70 ? 1381 LEU A CB  1 
ATOM   559  C CG  . LEU A 1 90  ? -3.029  -3.645  -2.291  1.00 13.38 ? 1381 LEU A CG  1 
ATOM   560  C CD1 . LEU A 1 90  ? -4.398  -4.096  -1.846  1.00 14.66 ? 1381 LEU A CD1 1 
ATOM   561  C CD2 . LEU A 1 90  ? -1.994  -3.865  -1.172  1.00 13.60 ? 1381 LEU A CD2 1 
ATOM   562  N N   A CYS A 1 91  ? 0.557   -3.731  -3.821  0.35 12.74 ? 1382 CYS A N   1 
ATOM   563  N N   B CYS A 1 91  ? 0.552   -3.718  -3.767  0.15 12.49 ? 1382 CYS A N   1 
ATOM   564  C CA  A CYS A 1 91  ? 1.840   -3.399  -3.158  0.35 13.88 ? 1382 CYS A CA  1 
ATOM   565  C CA  B CYS A 1 91  ? 1.836   -3.294  -3.157  0.15 12.90 ? 1382 CYS A CA  1 
ATOM   566  C C   A CYS A 1 91  ? 2.481   -2.203  -3.882  0.35 13.47 ? 1382 CYS A C   1 
ATOM   567  C C   B CYS A 1 91  ? 2.374   -2.076  -3.887  0.15 13.00 ? 1382 CYS A C   1 
ATOM   568  O O   A CYS A 1 91  ? 3.047   -1.323  -3.197  0.35 14.07 ? 1382 CYS A O   1 
ATOM   569  O O   B CYS A 1 91  ? 2.763   -1.093  -3.221  0.15 13.13 ? 1382 CYS A O   1 
ATOM   570  C CB  A CYS A 1 91  ? 2.741   -4.634  -3.107  0.35 13.92 ? 1382 CYS A CB  1 
ATOM   571  C CB  B CYS A 1 91  ? 2.879   -4.386  -3.247  0.15 12.76 ? 1382 CYS A CB  1 
ATOM   572  S SG  A CYS A 1 91  ? 4.182   -4.420  -2.025  0.35 14.75 ? 1382 CYS A SG  1 
ATOM   573  S SG  B CYS A 1 91  ? 2.633   -5.568  -1.914  0.15 12.39 ? 1382 CYS A SG  1 
ATOM   574  N N   . LYS A 1 92  ? 2.383   -2.154  -5.212  1.00 13.38 ? 1383 LYS A N   1 
ATOM   575  C CA  . LYS A 1 92  ? 3.017   -1.097  -6.010  1.00 14.00 ? 1383 LYS A CA  1 
ATOM   576  C C   . LYS A 1 92  ? 2.301   0.216   -5.670  1.00 13.01 ? 1383 LYS A C   1 
ATOM   577  O O   . LYS A 1 92  ? 2.954   1.246   -5.478  1.00 14.51 ? 1383 LYS A O   1 
ATOM   578  C CB  . LYS A 1 92  ? 2.877   -1.440  -7.492  1.00 16.39 ? 1383 LYS A CB  1 
ATOM   579  C CG  . LYS A 1 92  ? 3.524   -0.432  -8.411  1.00 20.00 ? 1383 LYS A CG  1 
ATOM   580  C CD  . LYS A 1 92  ? 3.546   -0.843  -9.851  1.00 23.10 ? 1383 LYS A CD  1 
ATOM   581  C CE  . LYS A 1 92  ? 3.806   0.323   -10.777 1.00 32.65 ? 1383 LYS A CE  1 
ATOM   582  N NZ  . LYS A 1 92  ? 3.901   -0.097  -12.197 1.00 35.57 ? 1383 LYS A NZ  1 
ATOM   583  N N   . ASP A 1 93  ? 0.979   0.203   -5.601  1.00 12.88 ? 1384 ASP A N   1 
ATOM   584  C CA  . ASP A 1 93  ? 0.253   1.440   -5.207  1.00 13.12 ? 1384 ASP A CA  1 
ATOM   585  C C   . ASP A 1 93  ? 0.582   1.886   -3.770  1.00 11.63 ? 1384 ASP A C   1 
ATOM   586  O O   . ASP A 1 93  ? 0.742   3.093   -3.510  1.00 13.26 ? 1384 ASP A O   1 
ATOM   587  C CB  . ASP A 1 93  ? -1.243  1.287   -5.410  1.00 13.49 ? 1384 ASP A CB  1 
ATOM   588  C CG  . ASP A 1 93  ? -1.727  1.456   -6.834  1.00 17.48 ? 1384 ASP A CG  1 
ATOM   589  O OD1 . ASP A 1 93  ? -0.912  1.872   -7.687  1.00 20.02 ? 1384 ASP A OD1 1 
ATOM   590  O OD2 . ASP A 1 93  ? -2.926  1.190   -7.057  1.00 16.90 ? 1384 ASP A OD2 1 
ATOM   591  N N   . VAL A 1 94  ? 0.628   0.963   -2.804  1.00 11.95 ? 1385 VAL A N   1 
ATOM   592  C CA  . VAL A 1 94  ? 0.930   1.338   -1.401  1.00 12.50 ? 1385 VAL A CA  1 
ATOM   593  C C   . VAL A 1 94  ? 2.347   1.931   -1.380  1.00 12.42 ? 1385 VAL A C   1 
ATOM   594  O O   . VAL A 1 94  ? 2.565   2.960   -0.706  1.00 11.66 ? 1385 VAL A O   1 
ATOM   595  C CB  . VAL A 1 94  ? 0.775   0.154   -0.440  1.00 13.01 ? 1385 VAL A CB  1 
ATOM   596  C CG1 . VAL A 1 94  ? 1.382   0.481   0.887   1.00 11.90 ? 1385 VAL A CG1 1 
ATOM   597  C CG2 . VAL A 1 94  ? -0.703  -0.201  -0.259  1.00 12.20 ? 1385 VAL A CG2 1 
ATOM   598  N N   . ARG A 1 95  ? 3.320   1.340   -2.084  1.00 12.40 ? 1386 ARG A N   1 
ATOM   599  C CA  . ARG A 1 95  ? 4.699   1.848   -2.079  1.00 12.86 ? 1386 ARG A CA  1 
ATOM   600  C C   . ARG A 1 95  ? 4.760   3.248   -2.710  1.00 11.60 ? 1386 ARG A C   1 
ATOM   601  O O   . ARG A 1 95  ? 5.585   4.065   -2.308  1.00 12.64 ? 1386 ARG A O   1 
ATOM   602  C CB  . ARG A 1 95  ? 5.607   0.833   -2.765  1.00 13.48 ? 1386 ARG A CB  1 
ATOM   603  C CG  . ARG A 1 95  ? 5.896   -0.377  -1.872  1.00 13.80 ? 1386 ARG A CG  1 
ATOM   604  C CD  . ARG A 1 95  ? 6.538   -1.524  -2.662  1.00 17.03 ? 1386 ARG A CD  1 
ATOM   605  N NE  . ARG A 1 95  ? 6.857   -2.644  -1.766  1.00 16.91 ? 1386 ARG A NE  1 
ATOM   606  C CZ  . ARG A 1 95  ? 7.407   -3.787  -2.179  1.00 20.71 ? 1386 ARG A CZ  1 
ATOM   607  N NH1 . ARG A 1 95  ? 7.607   -4.010  -3.474  1.00 20.82 ? 1386 ARG A NH1 1 
ATOM   608  N NH2 . ARG A 1 95  ? 7.731   -4.717  -1.287  1.00 23.35 ? 1386 ARG A NH2 1 
ATOM   609  N N   . LEU A 1 96  ? 3.846   3.539   -3.644  1.00 13.08 ? 1387 LEU A N   1 
ATOM   610  C CA  . LEU A 1 96  ? 3.737   4.892   -4.265  1.00 14.32 ? 1387 LEU A CA  1 
ATOM   611  C C   . LEU A 1 96  ? 3.298   5.927   -3.230  1.00 12.87 ? 1387 LEU A C   1 
ATOM   612  O O   . LEU A 1 96  ? 3.792   7.079   -3.230  1.00 13.57 ? 1387 LEU A O   1 
ATOM   613  C CB  . LEU A 1 96  ? 2.765   4.794   -5.448  1.00 15.20 ? 1387 LEU A CB  1 
ATOM   614  C CG  . LEU A 1 96  ? 2.516   6.058   -6.237  1.00 16.27 ? 1387 LEU A CG  1 
ATOM   615  C CD1 . LEU A 1 96  ? 3.795   6.563   -6.835  1.00 17.61 ? 1387 LEU A CD1 1 
ATOM   616  C CD2 . LEU A 1 96  ? 1.452   5.827   -7.305  1.00 16.56 ? 1387 LEU A CD2 1 
ATOM   617  N N   . ILE A 1 97  ? 2.418   5.569   -2.260  1.00 13.22 ? 1388 ILE A N   1 
ATOM   618  C CA  . ILE A 1 97  ? 2.062   6.508   -1.167  1.00 12.94 ? 1388 ILE A CA  1 
ATOM   619  C C   . ILE A 1 97  ? 3.366   6.928   -0.495  1.00 12.87 ? 1388 ILE A C   1 
ATOM   620  O O   . ILE A 1 97  ? 3.619   8.108   -0.257  1.00 12.90 ? 1388 ILE A O   1 
ATOM   621  C CB  . ILE A 1 97  ? 1.076   5.830   -0.193  1.00 12.96 ? 1388 ILE A CB  1 
ATOM   622  C CG1 . ILE A 1 97  ? -0.238  5.482   -0.895  1.00 12.81 ? 1388 ILE A CG1 1 
ATOM   623  C CG2 . ILE A 1 97  ? 0.846   6.735   0.985   1.00 12.93 ? 1388 ILE A CG2 1 
ATOM   624  C CD1 . ILE A 1 97  ? -1.177  4.601   -0.071  1.00 14.33 ? 1388 ILE A CD1 1 
ATOM   625  N N   . PHE A 1 98  ? 4.226   5.972   -0.199  1.00 13.40 ? 1389 PHE A N   1 
ATOM   626  C CA  . PHE A 1 98  ? 5.447   6.252   0.605   1.00 14.06 ? 1389 PHE A CA  1 
ATOM   627  C C   . PHE A 1 98  ? 6.493   6.979   -0.252  1.00 14.35 ? 1389 PHE A C   1 
ATOM   628  O O   . PHE A 1 98  ? 7.092   7.930   0.276   1.00 14.00 ? 1389 PHE A O   1 
ATOM   629  C CB  . PHE A 1 98  ? 5.974   4.963   1.225   1.00 14.66 ? 1389 PHE A CB  1 
ATOM   630  C CG  . PHE A 1 98  ? 4.990   4.251   2.118   1.00 15.25 ? 1389 PHE A CG  1 
ATOM   631  C CD1 . PHE A 1 98  ? 4.254   4.947   3.048   1.00 17.40 ? 1389 PHE A CD1 1 
ATOM   632  C CD2 . PHE A 1 98  ? 4.795   2.876   2.013   1.00 14.96 ? 1389 PHE A CD2 1 
ATOM   633  C CE1 . PHE A 1 98  ? 3.388   4.294   3.924   1.00 17.48 ? 1389 PHE A CE1 1 
ATOM   634  C CE2 . PHE A 1 98  ? 3.871   2.237   2.847   1.00 14.84 ? 1389 PHE A CE2 1 
ATOM   635  C CZ  . PHE A 1 98  ? 3.176   2.951   3.787   1.00 15.81 ? 1389 PHE A CZ  1 
ATOM   636  N N   . SER A 1 99  ? 6.674   6.599   -1.510  1.00 13.81 ? 1390 SER A N   1 
ATOM   637  C CA  . SER A 1 99  ? 7.637   7.332   -2.385  1.00 14.81 ? 1390 SER A CA  1 
ATOM   638  C C   . SER A 1 99  ? 7.132   8.762   -2.616  1.00 15.47 ? 1390 SER A C   1 
ATOM   639  O O   . SER A 1 99  ? 7.955   9.711   -2.638  1.00 14.70 ? 1390 SER A O   1 
ATOM   640  C CB  . SER A 1 99  ? 7.938   6.564   -3.653  1.00 16.12 ? 1390 SER A CB  1 
ATOM   641  O OG  . SER A 1 99  ? 6.812   6.438   -4.476  1.00 17.40 ? 1390 SER A OG  1 
ATOM   642  N N   . ASN A 1 100 ? 5.819   8.983   -2.744  1.00 12.83 ? 1391 ASN A N   1 
ATOM   643  C CA  . ASN A 1 100 ? 5.282   10.366  -2.915  1.00 14.37 ? 1391 ASN A CA  1 
ATOM   644  C C   . ASN A 1 100 ? 5.642   11.203  -1.676  1.00 14.81 ? 1391 ASN A C   1 
ATOM   645  O O   . ASN A 1 100 ? 6.103   12.372  -1.816  1.00 16.46 ? 1391 ASN A O   1 
ATOM   646  C CB  . ASN A 1 100 ? 3.800   10.407  -3.191  1.00 15.11 ? 1391 ASN A CB  1 
ATOM   647  C CG  . ASN A 1 100 ? 3.418   9.940   -4.582  1.00 13.97 ? 1391 ASN A CG  1 
ATOM   648  O OD1 . ASN A 1 100 ? 4.226   9.800   -5.490  1.00 14.68 ? 1391 ASN A OD1 1 
ATOM   649  N ND2 . ASN A 1 100 ? 2.148   9.710   -4.751  1.00 15.52 ? 1391 ASN A ND2 1 
ATOM   650  N N   . SER A 1 101 ? 5.498   10.637  -0.476  1.00 14.54 ? 1392 SER A N   1 
ATOM   651  C CA  . SER A 1 101 ? 5.827   11.358  0.783   1.00 14.49 ? 1392 SER A CA  1 
ATOM   652  C C   . SER A 1 101 ? 7.333   11.662  0.818   1.00 15.01 ? 1392 SER A C   1 
ATOM   653  O O   . SER A 1 101 ? 7.719   12.757  1.275   1.00 14.09 ? 1392 SER A O   1 
ATOM   654  C CB  . SER A 1 101 ? 5.346   10.596  2.007   1.00 14.46 ? 1392 SER A CB  1 
ATOM   655  O OG  . SER A 1 101 ? 5.295   11.440  3.157   1.00 14.72 ? 1392 SER A OG  1 
ATOM   656  N N   . LYS A 1 102 ? 8.170   10.752  0.323   1.00 15.38 ? 1393 LYS A N   1 
ATOM   657  C CA  . LYS A 1 102 ? 9.632   10.982  0.209   1.00 16.14 ? 1393 LYS A CA  1 
ATOM   658  C C   . LYS A 1 102 ? 9.870   12.151  -0.754  1.00 16.95 ? 1393 LYS A C   1 
ATOM   659  O O   . LYS A 1 102 ? 10.688  13.039  -0.430  1.00 15.97 ? 1393 LYS A O   1 
ATOM   660  C CB  . LYS A 1 102 ? 10.344  9.705   -0.238  1.00 16.43 ? 1393 LYS A CB  1 
ATOM   661  C CG  . LYS A 1 102 ? 11.840  9.660   0.035   1.00 17.01 ? 1393 LYS A CG  1 
ATOM   662  C CD  . LYS A 1 102 ? 12.352  8.261   0.210   1.00 17.06 ? 1393 LYS A CD  1 
ATOM   663  C CE  . LYS A 1 102 ? 13.850  8.200   0.433   1.00 17.65 ? 1393 LYS A CE  1 
ATOM   664  N NZ  . LYS A 1 102 ? 14.353  6.812   0.346   1.00 18.27 ? 1393 LYS A NZ  1 
ATOM   665  N N   . ALA A 1 103 ? 9.152   12.189  -1.875  1.00 17.28 ? 1394 ALA A N   1 
ATOM   666  C CA  . ALA A 1 103 ? 9.346   13.217  -2.926  1.00 18.63 ? 1394 ALA A CA  1 
ATOM   667  C C   . ALA A 1 103 ? 8.883   14.593  -2.419  1.00 18.93 ? 1394 ALA A C   1 
ATOM   668  O O   . ALA A 1 103 ? 9.381   15.622  -2.946  1.00 17.55 ? 1394 ALA A O   1 
ATOM   669  C CB  . ALA A 1 103 ? 8.627   12.816  -4.187  1.00 18.31 ? 1394 ALA A CB  1 
ATOM   670  N N   . TYR A 1 104 ? 7.987   14.652  -1.430  1.00 18.55 ? 1395 TYR A N   1 
ATOM   671  C CA  . TYR A 1 104 ? 7.393   15.936  -0.975  1.00 18.58 ? 1395 TYR A CA  1 
ATOM   672  C C   . TYR A 1 104 ? 8.119   16.504  0.253   1.00 18.47 ? 1395 TYR A C   1 
ATOM   673  O O   . TYR A 1 104 ? 8.032   17.721  0.418   1.00 17.89 ? 1395 TYR A O   1 
ATOM   674  C CB  . TYR A 1 104 ? 5.894   15.808  -0.701  1.00 18.80 ? 1395 TYR A CB  1 
ATOM   675  C CG  . TYR A 1 104 ? 5.219   17.153  -0.633  1.00 20.81 ? 1395 TYR A CG  1 
ATOM   676  C CD1 . TYR A 1 104 ? 5.034   17.907  -1.780  1.00 21.17 ? 1395 TYR A CD1 1 
ATOM   677  C CD2 . TYR A 1 104 ? 4.831   17.704  0.578   1.00 21.85 ? 1395 TYR A CD2 1 
ATOM   678  C CE1 . TYR A 1 104 ? 4.452   19.164  -1.734  1.00 22.25 ? 1395 TYR A CE1 1 
ATOM   679  C CE2 . TYR A 1 104 ? 4.239   18.954  0.638   1.00 22.56 ? 1395 TYR A CE2 1 
ATOM   680  C CZ  . TYR A 1 104 ? 4.045   19.687  -0.520  1.00 22.64 ? 1395 TYR A CZ  1 
ATOM   681  O OH  . TYR A 1 104 ? 3.467   20.921  -0.460  1.00 24.44 ? 1395 TYR A OH  1 
ATOM   682  N N   . THR A 1 105 ? 8.796   15.693  1.076   1.00 17.73 ? 1396 THR A N   1 
ATOM   683  C CA  . THR A 1 105 ? 9.390   16.118  2.375   1.00 18.93 ? 1396 THR A CA  1 
ATOM   684  C C   . THR A 1 105 ? 10.519  17.130  2.155   1.00 19.35 ? 1396 THR A C   1 
ATOM   685  O O   . THR A 1 105 ? 11.400  16.915  1.322   1.00 18.24 ? 1396 THR A O   1 
ATOM   686  C CB  . THR A 1 105 ? 9.861   14.914  3.202   1.00 18.91 ? 1396 THR A CB  1 
ATOM   687  O OG1 . THR A 1 105 ? 10.044  15.364  4.544   1.00 18.80 ? 1396 THR A OG1 1 
ATOM   688  C CG2 . THR A 1 105 ? 11.144  14.278  2.714   1.00 18.90 ? 1396 THR A CG2 1 
ATOM   689  N N   . PRO A 1 106 ? 10.537  18.250  2.919   1.00 21.01 ? 1397 PRO A N   1 
ATOM   690  C CA  . PRO A 1 106 ? 11.638  19.212  2.850   1.00 22.77 ? 1397 PRO A CA  1 
ATOM   691  C C   . PRO A 1 106 ? 12.931  18.641  3.444   1.00 24.32 ? 1397 PRO A C   1 
ATOM   692  O O   . PRO A 1 106 ? 13.996  18.990  2.969   1.00 27.36 ? 1397 PRO A O   1 
ATOM   693  C CB  . PRO A 1 106 ? 11.143  20.385  3.709   1.00 23.43 ? 1397 PRO A CB  1 
ATOM   694  C CG  . PRO A 1 106 ? 10.199  19.742  4.694   1.00 23.11 ? 1397 PRO A CG  1 
ATOM   695  C CD  . PRO A 1 106 ? 9.516   18.641  3.904   1.00 22.26 ? 1397 PRO A CD  1 
ATOM   696  N N   . SER A 1 107 ? 12.786  17.814  4.485   1.00 24.06 ? 1398 SER A N   1 
ATOM   697  C CA  . SER A 1 107 ? 13.886  17.114  5.192   1.00 24.91 ? 1398 SER A CA  1 
ATOM   698  C C   . SER A 1 107 ? 13.421  15.726  5.645   1.00 25.42 ? 1398 SER A C   1 
ATOM   699  O O   . SER A 1 107 ? 12.213  15.418  5.552   1.00 24.16 ? 1398 SER A O   1 
ATOM   700  C CB  . SER A 1 107 ? 14.344  17.903  6.387   1.00 25.27 ? 1398 SER A CB  1 
ATOM   701  O OG  . SER A 1 107 ? 13.298  17.993  7.350   1.00 26.09 ? 1398 SER A OG  1 
ATOM   702  N N   . LYS A 1 108 ? 14.354  14.951  6.196   1.00 26.94 ? 1399 LYS A N   1 
ATOM   703  C CA  . LYS A 1 108 ? 14.111  13.609  6.777   1.00 29.93 ? 1399 LYS A CA  1 
ATOM   704  C C   . LYS A 1 108 ? 13.598  13.746  8.218   1.00 32.91 ? 1399 LYS A C   1 
ATOM   705  O O   . LYS A 1 108 ? 13.516  12.709  8.901   1.00 34.82 ? 1399 LYS A O   1 
ATOM   706  C CB  . LYS A 1 108 ? 15.405  12.793  6.702   1.00 29.99 ? 1399 LYS A CB  1 
ATOM   707  C CG  . LYS A 1 108 ? 15.745  12.295  5.303   1.00 30.56 ? 1399 LYS A CG  1 
ATOM   708  C CD  . LYS A 1 108 ? 17.197  11.920  5.111   1.00 30.85 ? 1399 LYS A CD  1 
ATOM   709  C CE  . LYS A 1 108 ? 17.395  10.673  4.272   1.00 30.49 ? 1399 LYS A CE  1 
ATOM   710  N NZ  . LYS A 1 108 ? 16.680  10.741  2.973   1.00 32.09 ? 1399 LYS A NZ  1 
ATOM   711  N N   . ARG A 1 109 ? 13.250  14.964  8.655   1.00 35.14 ? 1400 ARG A N   1 
ATOM   712  C CA  . ARG A 1 109 ? 12.913  15.278  10.071  1.00 37.13 ? 1400 ARG A CA  1 
ATOM   713  C C   . ARG A 1 109 ? 11.516  15.906  10.172  1.00 35.85 ? 1400 ARG A C   1 
ATOM   714  O O   . ARG A 1 109 ? 11.293  16.700  11.108  1.00 36.56 ? 1400 ARG A O   1 
ATOM   715  C CB  . ARG A 1 109 ? 13.981  16.207  10.652  1.00 40.13 ? 1400 ARG A CB  1 
ATOM   716  C CG  . ARG A 1 109 ? 15.344  15.548  10.808  1.00 43.75 ? 1400 ARG A CG  1 
ATOM   717  C CD  . ARG A 1 109 ? 16.301  16.391  11.629  1.00 46.97 ? 1400 ARG A CD  1 
ATOM   718  N NE  . ARG A 1 109 ? 15.718  16.767  12.910  1.00 49.89 ? 1400 ARG A NE  1 
ATOM   719  C CZ  . ARG A 1 109 ? 16.225  17.655  13.757  1.00 51.47 ? 1400 ARG A CZ  1 
ATOM   720  N NH1 . ARG A 1 109 ? 17.353  18.287  13.476  1.00 53.08 ? 1400 ARG A NH1 1 
ATOM   721  N NH2 . ARG A 1 109 ? 15.592  17.912  14.890  1.00 51.97 ? 1400 ARG A NH2 1 
ATOM   722  N N   . SER A 1 110 ? 10.602  15.545  9.268   1.00 33.67 ? 1401 SER A N   1 
ATOM   723  C CA  . SER A 1 110 ? 9.200   16.035  9.246   1.00 32.53 ? 1401 SER A CA  1 
ATOM   724  C C   . SER A 1 110 ? 8.302   15.033  9.977   1.00 29.94 ? 1401 SER A C   1 
ATOM   725  O O   . SER A 1 110 ? 8.608   13.819  9.914   1.00 29.11 ? 1401 SER A O   1 
ATOM   726  C CB  . SER A 1 110 ? 8.740   16.259  7.833   1.00 33.68 ? 1401 SER A CB  1 
ATOM   727  O OG  . SER A 1 110 ? 9.852   16.274  6.956   1.00 36.29 ? 1401 SER A OG  1 
ATOM   728  N N   . ARG A 1 111 ? 7.242   15.529  10.628  1.00 27.65 ? 1402 ARG A N   1 
ATOM   729  C CA  . ARG A 1 111 ? 6.191   14.715  11.303  1.00 26.53 ? 1402 ARG A CA  1 
ATOM   730  C C   . ARG A 1 111 ? 5.579   13.737  10.298  1.00 24.99 ? 1402 ARG A C   1 
ATOM   731  O O   . ARG A 1 111 ? 5.427   12.558  10.645  1.00 23.71 ? 1402 ARG A O   1 
ATOM   732  C CB  . ARG A 1 111 ? 5.056   15.596  11.843  1.00 26.48 ? 1402 ARG A CB  1 
ATOM   733  C CG  . ARG A 1 111 ? 3.889   14.826  12.448  1.00 27.30 ? 1402 ARG A CG  1 
ATOM   734  C CD  . ARG A 1 111 ? 4.217   14.304  13.834  1.00 27.97 ? 1402 ARG A CD  1 
ATOM   735  N NE  . ARG A 1 111 ? 3.141   13.543  14.462  1.00 29.06 ? 1402 ARG A NE  1 
ATOM   736  C CZ  . ARG A 1 111 ? 2.101   14.060  15.116  1.00 30.56 ? 1402 ARG A CZ  1 
ATOM   737  N NH1 . ARG A 1 111 ? 1.952   15.368  15.229  1.00 31.86 ? 1402 ARG A NH1 1 
ATOM   738  N NH2 . ARG A 1 111 ? 1.197   13.260  15.656  1.00 31.76 ? 1402 ARG A NH2 1 
ATOM   739  N N   . ILE A 1 112 ? 5.215   14.233  9.117   1.00 22.97 ? 1403 ILE A N   1 
ATOM   740  C CA  . ILE A 1 112 ? 4.411   13.473  8.111   1.00 21.45 ? 1403 ILE A CA  1 
ATOM   741  C C   . ILE A 1 112 ? 5.319   12.478  7.376   1.00 20.42 ? 1403 ILE A C   1 
ATOM   742  O O   . ILE A 1 112 ? 4.856   11.345  7.126   1.00 17.76 ? 1403 ILE A O   1 
ATOM   743  C CB  . ILE A 1 112 ? 3.660   14.434  7.167   1.00 21.46 ? 1403 ILE A CB  1 
ATOM   744  C CG1 . ILE A 1 112 ? 2.673   15.302  7.957   1.00 22.96 ? 1403 ILE A CG1 1 
ATOM   745  C CG2 . ILE A 1 112 ? 2.966   13.674  6.042   1.00 21.99 ? 1403 ILE A CG2 1 
ATOM   746  C CD1 . ILE A 1 112 ? 2.159   16.516  7.213   1.00 23.06 ? 1403 ILE A CD1 1 
ATOM   747  N N   . TYR A 1 113 ? 6.571   12.839  7.077   1.00 19.18 ? 1404 TYR A N   1 
ATOM   748  C CA  . TYR A 1 113 ? 7.523   11.913  6.406   1.00 19.28 ? 1404 TYR A CA  1 
ATOM   749  C C   . TYR A 1 113 ? 7.928   10.825  7.402   1.00 19.38 ? 1404 TYR A C   1 
ATOM   750  O O   . TYR A 1 113 ? 7.965   9.641   7.019   1.00 18.44 ? 1404 TYR A O   1 
ATOM   751  C CB  . TYR A 1 113 ? 8.745   12.641  5.845   1.00 19.92 ? 1404 TYR A CB  1 
ATOM   752  C CG  . TYR A 1 113 ? 9.781   11.721  5.247   1.00 20.17 ? 1404 TYR A CG  1 
ATOM   753  C CD1 . TYR A 1 113 ? 9.455   10.866  4.206   1.00 21.23 ? 1404 TYR A CD1 1 
ATOM   754  C CD2 . TYR A 1 113 ? 11.089  11.702  5.711   1.00 20.69 ? 1404 TYR A CD2 1 
ATOM   755  C CE1 . TYR A 1 113 ? 10.390  10.008  3.647   1.00 22.16 ? 1404 TYR A CE1 1 
ATOM   756  C CE2 . TYR A 1 113 ? 12.043  10.870  5.146   1.00 21.45 ? 1404 TYR A CE2 1 
ATOM   757  C CZ  . TYR A 1 113 ? 11.694  10.015  4.114   1.00 21.86 ? 1404 TYR A CZ  1 
ATOM   758  O OH  . TYR A 1 113 ? 12.620  9.172   3.566   1.00 22.95 ? 1404 TYR A OH  1 
ATOM   759  N N   A SER A 1 114 ? 8.201   11.216  8.648   0.25 18.85 ? 1405 SER A N   1 
ATOM   760  N N   B SER A 1 114 ? 8.204   11.105  8.680   0.25 18.63 ? 1405 SER A N   1 
ATOM   761  C CA  A SER A 1 114 ? 8.556   10.297  9.759   0.25 18.92 ? 1405 SER A CA  1 
ATOM   762  C CA  B SER A 1 114 ? 8.588   10.082  9.689   0.25 18.44 ? 1405 SER A CA  1 
ATOM   763  C C   A SER A 1 114 ? 7.439   9.260   9.966   0.25 18.00 ? 1405 SER A C   1 
ATOM   764  C C   B SER A 1 114 ? 7.415   9.138   9.965   0.25 17.99 ? 1405 SER A C   1 
ATOM   765  O O   A SER A 1 114 ? 7.762   8.059   10.114  0.25 16.62 ? 1405 SER A O   1 
ATOM   766  O O   B SER A 1 114 ? 7.655   7.927   10.165  0.25 16.10 ? 1405 SER A O   1 
ATOM   767  C CB  A SER A 1 114 ? 8.859   11.046  11.036  0.25 19.75 ? 1405 SER A CB  1 
ATOM   768  C CB  B SER A 1 114 ? 9.093   10.691  10.965  0.25 18.06 ? 1405 SER A CB  1 
ATOM   769  O OG  A SER A 1 114 ? 7.675   11.551  11.630  0.25 19.75 ? 1405 SER A OG  1 
ATOM   770  O OG  B SER A 1 114 ? 10.388  11.231  10.769  0.25 16.12 ? 1405 SER A OG  1 
ATOM   771  N N   . MET A 1 115 ? 6.177   9.696   10.014  1.00 17.25 ? 1406 MET A N   1 
ATOM   772  C CA  . MET A 1 115 ? 4.968   8.826   10.072  1.00 17.24 ? 1406 MET A CA  1 
ATOM   773  C C   . MET A 1 115 ? 4.969   7.867   8.872   1.00 16.31 ? 1406 MET A C   1 
ATOM   774  O O   . MET A 1 115 ? 4.617   6.681   9.039   1.00 15.14 ? 1406 MET A O   1 
ATOM   775  C CB  . MET A 1 115 ? 3.693   9.671   10.024  1.00 18.14 ? 1406 MET A CB  1 
ATOM   776  C CG  . MET A 1 115 ? 3.181   10.111  11.383  1.00 19.54 ? 1406 MET A CG  1 
ATOM   777  S SD  . MET A 1 115 ? 1.812   11.262  11.166  1.00 21.90 ? 1406 MET A SD  1 
ATOM   778  C CE  . MET A 1 115 ? 0.963   11.156  12.739  1.00 22.14 ? 1406 MET A CE  1 
ATOM   779  N N   . SER A 1 116 ? 5.345   8.366   7.693   1.00 15.95 ? 1407 SER A N   1 
ATOM   780  C CA  . SER A 1 116 ? 5.354   7.575   6.437   1.00 15.69 ? 1407 SER A CA  1 
ATOM   781  C C   . SER A 1 116 ? 6.337   6.406   6.577   1.00 15.20 ? 1407 SER A C   1 
ATOM   782  O O   . SER A 1 116 ? 5.982   5.302   6.159   1.00 14.52 ? 1407 SER A O   1 
ATOM   783  C CB  . SER A 1 116 ? 5.637   8.427   5.211   1.00 16.38 ? 1407 SER A CB  1 
ATOM   784  O OG  . SER A 1 116 ? 7.022   8.497   4.910   1.00 16.68 ? 1407 SER A OG  1 
ATOM   785  N N   . LEU A 1 117 ? 7.532   6.637   7.128   1.00 15.00 ? 1408 LEU A N   1 
ATOM   786  C CA  . LEU A 1 117 ? 8.584   5.589   7.211   1.00 15.40 ? 1408 LEU A CA  1 
ATOM   787  C C   . LEU A 1 117 ? 8.196   4.534   8.255   1.00 14.82 ? 1408 LEU A C   1 
ATOM   788  O O   . LEU A 1 117 ? 8.568   3.369   8.053   1.00 14.52 ? 1408 LEU A O   1 
ATOM   789  C CB  . LEU A 1 117 ? 9.938   6.217   7.545   1.00 15.42 ? 1408 LEU A CB  1 
ATOM   790  C CG  . LEU A 1 117 ? 10.513  7.176   6.500   1.00 15.32 ? 1408 LEU A CG  1 
ATOM   791  C CD1 . LEU A 1 117 ? 11.811  7.799   7.008   1.00 15.76 ? 1408 LEU A CD1 1 
ATOM   792  C CD2 . LEU A 1 117 ? 10.732  6.482   5.156   1.00 16.63 ? 1408 LEU A CD2 1 
ATOM   793  N N   . ARG A 1 118 ? 7.488   4.906   9.330   1.00 14.96 ? 1409 ARG A N   1 
ATOM   794  C CA  . ARG A 1 118 ? 7.004   3.906   10.324  1.00 14.37 ? 1409 ARG A CA  1 
ATOM   795  C C   . ARG A 1 118 ? 5.882   3.068   9.701   1.00 14.17 ? 1409 ARG A C   1 
ATOM   796  O O   . ARG A 1 118 ? 5.884   1.831   9.852   1.00 12.77 ? 1409 ARG A O   1 
ATOM   797  C CB  . ARG A 1 118 ? 6.509   4.569   11.613  1.00 14.56 ? 1409 ARG A CB  1 
ATOM   798  C CG  . ARG A 1 118 ? 7.612   5.048   12.547  1.00 15.03 ? 1409 ARG A CG  1 
ATOM   799  C CD  . ARG A 1 118 ? 7.042   5.487   13.886  1.00 14.95 ? 1409 ARG A CD  1 
ATOM   800  N NE  . ARG A 1 118 ? 6.099   6.588   13.772  1.00 15.36 ? 1409 ARG A NE  1 
ATOM   801  C CZ  . ARG A 1 118 ? 6.408   7.882   13.806  1.00 14.79 ? 1409 ARG A CZ  1 
ATOM   802  N NH1 . ARG A 1 118 ? 7.662   8.277   13.943  1.00 15.00 ? 1409 ARG A NH1 1 
ATOM   803  N NH2 . ARG A 1 118 ? 5.445   8.774   13.646  1.00 15.75 ? 1409 ARG A NH2 1 
ATOM   804  N N   . LEU A 1 119 ? 4.927   3.709   9.025   1.00 13.99 ? 1410 LEU A N   1 
ATOM   805  C CA  . LEU A 1 119 ? 3.805   2.976   8.401   1.00 14.37 ? 1410 LEU A CA  1 
ATOM   806  C C   . LEU A 1 119 ? 4.370   2.026   7.335   1.00 12.92 ? 1410 LEU A C   1 
ATOM   807  O O   . LEU A 1 119 ? 3.879   0.877   7.235   1.00 12.84 ? 1410 LEU A O   1 
ATOM   808  C CB  . LEU A 1 119 ? 2.814   3.982   7.812   1.00 15.48 ? 1410 LEU A CB  1 
ATOM   809  C CG  . LEU A 1 119 ? 1.373   3.497   7.677   1.00 16.33 ? 1410 LEU A CG  1 
ATOM   810  C CD1 . LEU A 1 119 ? 0.698   3.346   9.035   1.00 17.35 ? 1410 LEU A CD1 1 
ATOM   811  C CD2 . LEU A 1 119 ? 0.589   4.459   6.803   1.00 16.18 ? 1410 LEU A CD2 1 
ATOM   812  N N   . SER A 1 120 ? 5.400   2.459   6.587   1.00 12.39 ? 1411 SER A N   1 
ATOM   813  C CA  . SER A 1 120 ? 6.020   1.619   5.553   1.00 13.30 ? 1411 SER A CA  1 
ATOM   814  C C   . SER A 1 120 ? 6.633   0.361   6.205   1.00 12.93 ? 1411 SER A C   1 
ATOM   815  O O   . SER A 1 120 ? 6.499   -0.732  5.664   1.00 13.20 ? 1411 SER A O   1 
ATOM   816  C CB  . SER A 1 120 ? 7.023   2.449   4.846   1.00 13.56 ? 1411 SER A CB  1 
ATOM   817  O OG  . SER A 1 120 ? 7.774   1.632   3.955   1.00 14.87 ? 1411 SER A OG  1 
ATOM   818  N N   . ALA A 1 121 ? 7.390   0.511   7.303   1.00 13.38 ? 1412 ALA A N   1 
ATOM   819  C CA  . ALA A 1 121 ? 7.980   -0.658  7.991   1.00 14.49 ? 1412 ALA A CA  1 
ATOM   820  C C   . ALA A 1 121 ? 6.904   -1.649  8.383   1.00 12.87 ? 1412 ALA A C   1 
ATOM   821  O O   . ALA A 1 121 ? 7.025   -2.868  8.232   1.00 13.61 ? 1412 ALA A O   1 
ATOM   822  C CB  . ALA A 1 121 ? 8.740   -0.258  9.219   1.00 13.85 ? 1412 ALA A CB  1 
ATOM   823  N N   . PHE A 1 122 ? 5.803   -1.135  8.937   1.00 12.28 ? 1413 PHE A N   1 
ATOM   824  C CA  . PHE A 1 122 ? 4.672   -1.987  9.375   1.00 12.82 ? 1413 PHE A CA  1 
ATOM   825  C C   . PHE A 1 122 ? 4.058   -2.714  8.175   1.00 12.54 ? 1413 PHE A C   1 
ATOM   826  O O   . PHE A 1 122 ? 3.825   -3.924  8.191   1.00 13.41 ? 1413 PHE A O   1 
ATOM   827  C CB  . PHE A 1 122 ? 3.630   -1.131  10.098  1.00 13.22 ? 1413 PHE A CB  1 
ATOM   828  C CG  . PHE A 1 122 ? 2.375   -1.855  10.472  1.00 15.38 ? 1413 PHE A CG  1 
ATOM   829  C CD1 . PHE A 1 122 ? 2.326   -2.634  11.615  1.00 17.63 ? 1413 PHE A CD1 1 
ATOM   830  C CD2 . PHE A 1 122 ? 1.243   -1.774  9.689   1.00 16.16 ? 1413 PHE A CD2 1 
ATOM   831  C CE1 . PHE A 1 122 ? 1.175   -3.328  11.946  1.00 19.47 ? 1413 PHE A CE1 1 
ATOM   832  C CE2 . PHE A 1 122 ? 0.072   -2.412  10.068  1.00 17.44 ? 1413 PHE A CE2 1 
ATOM   833  C CZ  . PHE A 1 122 ? 0.049   -3.219  11.173  1.00 19.25 ? 1413 PHE A CZ  1 
ATOM   834  N N   . PHE A 1 123 ? 3.785   -1.958  7.103   1.00 12.55 ? 1414 PHE A N   1 
ATOM   835  C CA  . PHE A 1 123 ? 3.218   -2.538  5.872   1.00 12.75 ? 1414 PHE A CA  1 
ATOM   836  C C   . PHE A 1 123 ? 4.136   -3.634  5.342   1.00 12.55 ? 1414 PHE A C   1 
ATOM   837  O O   . PHE A 1 123 ? 3.667   -4.757  5.012   1.00 13.74 ? 1414 PHE A O   1 
ATOM   838  C CB  . PHE A 1 123 ? 2.995   -1.467  4.789   1.00 13.47 ? 1414 PHE A CB  1 
ATOM   839  C CG  . PHE A 1 123 ? 2.546   -2.012  3.458   1.00 13.38 ? 1414 PHE A CG  1 
ATOM   840  C CD1 . PHE A 1 123 ? 1.248   -2.453  3.303   1.00 12.86 ? 1414 PHE A CD1 1 
ATOM   841  C CD2 . PHE A 1 123 ? 3.443   -2.146  2.401   1.00 13.60 ? 1414 PHE A CD2 1 
ATOM   842  C CE1 . PHE A 1 123 ? 0.858   -3.023  2.094   1.00 13.36 ? 1414 PHE A CE1 1 
ATOM   843  C CE2 . PHE A 1 123 ? 3.030   -2.699  1.187   1.00 14.13 ? 1414 PHE A CE2 1 
ATOM   844  C CZ  . PHE A 1 123 ? 1.754   -3.146  1.051   1.00 13.67 ? 1414 PHE A CZ  1 
ATOM   845  N N   . GLU A 1 124 ? 5.433   -3.348  5.176   1.00 12.70 ? 1415 GLU A N   1 
ATOM   846  C CA  . GLU A 1 124 ? 6.384   -4.335  4.601   1.00 13.39 ? 1415 GLU A CA  1 
ATOM   847  C C   . GLU A 1 124 ? 6.443   -5.599  5.460   1.00 13.75 ? 1415 GLU A C   1 
ATOM   848  O O   . GLU A 1 124 ? 6.479   -6.699  4.957   1.00 14.29 ? 1415 GLU A O   1 
ATOM   849  C CB  . GLU A 1 124 ? 7.746   -3.677  4.420   1.00 14.61 ? 1415 GLU A CB  1 
ATOM   850  C CG  . GLU A 1 124 ? 7.743   -2.611  3.313   1.00 15.61 ? 1415 GLU A CG  1 
ATOM   851  C CD  . GLU A 1 124 ? 7.456   -3.041  1.880   1.00 16.10 ? 1415 GLU A CD  1 
ATOM   852  O OE1 . GLU A 1 124 ? 7.714   -4.250  1.537   1.00 18.19 ? 1415 GLU A OE1 1 
ATOM   853  O OE2 . GLU A 1 124 ? 6.933   -2.212  1.086   1.00 16.16 ? 1415 GLU A OE2 1 
ATOM   854  N N   . GLU A 1 125 ? 6.447   -5.445  6.774   1.00 13.50 ? 1416 GLU A N   1 
ATOM   855  C CA  . GLU A 1 125 ? 6.448   -6.588  7.735   1.00 14.55 ? 1416 GLU A CA  1 
ATOM   856  C C   . GLU A 1 125 ? 5.244   -7.491  7.488   1.00 13.64 ? 1416 GLU A C   1 
ATOM   857  O O   . GLU A 1 125 ? 5.377   -8.728  7.551   1.00 15.19 ? 1416 GLU A O   1 
ATOM   858  C CB  . GLU A 1 125 ? 6.391   -6.003  9.145   1.00 14.58 ? 1416 GLU A CB  1 
ATOM   859  C CG  . GLU A 1 125 ? 6.324   -7.028  10.257  1.00 16.05 ? 1416 GLU A CG  1 
ATOM   860  C CD  . GLU A 1 125 ? 6.386   -6.297  11.584  1.00 16.33 ? 1416 GLU A CD  1 
ATOM   861  O OE1 . GLU A 1 125 ? 7.462   -5.677  11.876  1.00 16.96 ? 1416 GLU A OE1 1 
ATOM   862  O OE2 . GLU A 1 125 ? 5.339   -6.226  12.264  1.00 17.37 ? 1416 GLU A OE2 1 
ATOM   863  N N   . HIS A 1 126 ? 4.066   -6.942  7.228   1.00 13.66 ? 1417 HIS A N   1 
ATOM   864  C CA  . HIS A 1 126 ? 2.816   -7.712  7.076   1.00 15.22 ? 1417 HIS A CA  1 
ATOM   865  C C   . HIS A 1 126 ? 2.562   -8.218  5.635   1.00 14.57 ? 1417 HIS A C   1 
ATOM   866  O O   . HIS A 1 126 ? 1.926   -9.272  5.474   1.00 16.81 ? 1417 HIS A O   1 
ATOM   867  C CB  . HIS A 1 126 ? 1.636   -6.894  7.597   1.00 16.39 ? 1417 HIS A CB  1 
ATOM   868  C CG  . HIS A 1 126 ? 1.614   -6.840  9.077   1.00 20.49 ? 1417 HIS A CG  1 
ATOM   869  N ND1 . HIS A 1 126 ? 2.501   -6.089  9.824   1.00 23.03 ? 1417 HIS A ND1 1 
ATOM   870  C CD2 . HIS A 1 126 ? 0.725   -7.373  9.933   1.00 22.46 ? 1417 HIS A CD2 1 
ATOM   871  C CE1 . HIS A 1 126 ? 2.224   -6.297  11.109  1.00 24.32 ? 1417 HIS A CE1 1 
ATOM   872  N NE2 . HIS A 1 126 ? 1.117   -7.006  11.199  1.00 29.01 ? 1417 HIS A NE2 1 
ATOM   873  N N   . ILE A 1 127 ? 2.985   -7.496  4.604   1.00 15.15 ? 1418 ILE A N   1 
ATOM   874  C CA  . ILE A 1 127 ? 2.702   -7.897  3.196   1.00 14.23 ? 1418 ILE A CA  1 
ATOM   875  C C   . ILE A 1 127 ? 3.610   -9.024  2.682   1.00 14.09 ? 1418 ILE A C   1 
ATOM   876  O O   . ILE A 1 127 ? 3.248   -9.700  1.736   1.00 14.05 ? 1418 ILE A O   1 
ATOM   877  C CB  . ILE A 1 127 ? 2.775   -6.678  2.259   1.00 13.21 ? 1418 ILE A CB  1 
ATOM   878  C CG1 . ILE A 1 127 ? 1.940   -6.865  0.978   1.00 14.06 ? 1418 ILE A CG1 1 
ATOM   879  C CG2 . ILE A 1 127 ? 4.218   -6.311  1.944   1.00 13.44 ? 1418 ILE A CG2 1 
ATOM   880  C CD1 . ILE A 1 127 ? 0.476   -6.877  1.188   1.00 14.45 ? 1418 ILE A CD1 1 
ATOM   881  N N   A SER A 1 128 ? 4.777   -9.232  3.283   0.25 13.88 ? 1419 SER A N   1 
ATOM   882  N N   B SER A 1 128 ? 4.778   -9.198  3.304   0.25 14.18 ? 1419 SER A N   1 
ATOM   883  C CA  A SER A 1 128 ? 5.740   -10.239 2.769   0.25 13.99 ? 1419 SER A CA  1 
ATOM   884  C CA  B SER A 1 128 ? 5.769   -10.236 2.921   0.25 14.47 ? 1419 SER A CA  1 
ATOM   885  C C   A SER A 1 128 ? 5.096   -11.639 2.720   0.25 13.94 ? 1419 SER A C   1 
ATOM   886  C C   B SER A 1 128 ? 5.073   -11.590 2.730   0.25 14.29 ? 1419 SER A C   1 
ATOM   887  O O   A SER A 1 128 ? 5.217   -12.308 1.662   0.25 14.52 ? 1419 SER A O   1 
ATOM   888  O O   B SER A 1 128 ? 5.157   -12.156 1.612   0.25 14.88 ? 1419 SER A O   1 
ATOM   889  C CB  A SER A 1 128 ? 7.018   -10.197 3.540   0.25 14.58 ? 1419 SER A CB  1 
ATOM   890  C CB  B SER A 1 128 ? 6.882   -10.325 3.921   0.25 16.01 ? 1419 SER A CB  1 
ATOM   891  O OG  A SER A 1 128 ? 6.749   -10.395 4.914   0.25 15.87 ? 1419 SER A OG  1 
ATOM   892  O OG  B SER A 1 128 ? 7.845   -11.275 3.490   0.25 17.33 ? 1419 SER A OG  1 
ATOM   893  N N   . SER A 1 129 ? 4.365   -12.065 3.752   1.00 14.20 ? 1420 SER A N   1 
ATOM   894  C CA  . SER A 1 129 ? 3.725   -13.405 3.721   1.00 14.84 ? 1420 SER A CA  1 
ATOM   895  C C   . SER A 1 129 ? 2.586   -13.455 2.686   1.00 15.48 ? 1420 SER A C   1 
ATOM   896  O O   . SER A 1 129 ? 2.326   -14.514 2.096   1.00 14.54 ? 1420 SER A O   1 
ATOM   897  C CB  . SER A 1 129 ? 3.241   -13.844 5.054   1.00 16.75 ? 1420 SER A CB  1 
ATOM   898  O OG  . SER A 1 129 ? 2.260   -12.991 5.562   1.00 22.09 ? 1420 SER A OG  1 
ATOM   899  N N   . VAL A 1 130 ? 1.875   -12.332 2.540   1.00 14.10 ? 1421 VAL A N   1 
ATOM   900  C CA  . VAL A 1 130 ? 0.767   -12.263 1.538   1.00 14.71 ? 1421 VAL A CA  1 
ATOM   901  C C   . VAL A 1 130 ? 1.345   -12.528 0.148   1.00 13.62 ? 1421 VAL A C   1 
ATOM   902  O O   . VAL A 1 130 ? 0.808   -13.354 -0.672  1.00 13.35 ? 1421 VAL A O   1 
ATOM   903  C CB  . VAL A 1 130 ? 0.046   -10.928 1.636   1.00 12.39 ? 1421 VAL A CB  1 
ATOM   904  C CG1 . VAL A 1 130 ? -1.070  -10.849 0.595   1.00 14.36 ? 1421 VAL A CG1 1 
ATOM   905  C CG2 . VAL A 1 130 ? -0.519  -10.703 3.020   1.00 13.93 ? 1421 VAL A CG2 1 
ATOM   906  N N   . LEU A 1 131 ? 2.442   -11.859 -0.180  1.00 12.42 ? 1422 LEU A N   1 
ATOM   907  C CA  . LEU A 1 131 ? 3.089   -12.008 -1.507  1.00 12.91 ? 1422 LEU A CA  1 
ATOM   908  C C   . LEU A 1 131 ? 3.621   -13.419 -1.659  1.00 14.32 ? 1422 LEU A C   1 
ATOM   909  O O   . LEU A 1 131 ? 3.445   -14.030 -2.722  1.00 14.40 ? 1422 LEU A O   1 
ATOM   910  C CB  . LEU A 1 131 ? 4.221   -10.984 -1.676  1.00 14.27 ? 1422 LEU A CB  1 
ATOM   911  C CG  . LEU A 1 131 ? 3.775   -9.532  -1.746  1.00 15.36 ? 1422 LEU A CG  1 
ATOM   912  C CD1 . LEU A 1 131 ? 4.949   -8.601  -1.548  1.00 17.33 ? 1422 LEU A CD1 1 
ATOM   913  C CD2 . LEU A 1 131 ? 3.064   -9.234  -3.053  1.00 15.44 ? 1422 LEU A CD2 1 
ATOM   914  N N   A SER A 1 132 ? 4.311   -13.924 -0.636  0.40 14.08 ? 1423 SER A N   1 
ATOM   915  N N   B SER A 1 132 ? 4.305   -13.904 -0.623  0.10 14.32 ? 1423 SER A N   1 
ATOM   916  C CA  A SER A 1 132 ? 4.938   -15.271 -0.705  0.40 14.68 ? 1423 SER A CA  1 
ATOM   917  C CA  B SER A 1 132 ? 4.942   -15.242 -0.597  0.10 14.78 ? 1423 SER A CA  1 
ATOM   918  C C   A SER A 1 132 ? 3.846   -16.329 -0.909  0.40 14.50 ? 1423 SER A C   1 
ATOM   919  C C   B SER A 1 132 ? 3.883   -16.319 -0.863  0.10 14.66 ? 1423 SER A C   1 
ATOM   920  O O   A SER A 1 132 ? 4.002   -17.197 -1.783  0.40 15.20 ? 1423 SER A O   1 
ATOM   921  O O   B SER A 1 132 ? 4.106   -17.174 -1.743  0.10 15.06 ? 1423 SER A O   1 
ATOM   922  C CB  A SER A 1 132 ? 5.744   -15.572 0.549   0.40 14.98 ? 1423 SER A CB  1 
ATOM   923  C CB  B SER A 1 132 ? 5.636   -15.467 0.719   0.10 14.89 ? 1423 SER A CB  1 
ATOM   924  O OG  A SER A 1 132 ? 6.921   -14.784 0.599   0.40 16.35 ? 1423 SER A OG  1 
ATOM   925  O OG  B SER A 1 132 ? 6.702   -16.382 0.558   0.10 15.61 ? 1423 SER A OG  1 
ATOM   926  N N   . ASP A 1 133 ? 2.762   -16.250 -0.144  1.00 14.79 ? 1424 ASP A N   1 
ATOM   927  C CA  . ASP A 1 133 ? 1.694   -17.272 -0.244  1.00 14.24 ? 1424 ASP A CA  1 
ATOM   928  C C   . ASP A 1 133 ? 1.039   -17.220 -1.624  1.00 13.71 ? 1424 ASP A C   1 
ATOM   929  O O   . ASP A 1 133 ? 0.777   -18.286 -2.204  1.00 14.49 ? 1424 ASP A O   1 
ATOM   930  C CB  . ASP A 1 133 ? 0.689   -17.135 0.885   1.00 16.34 ? 1424 ASP A CB  1 
ATOM   931  C CG  . ASP A 1 133 ? 1.157   -17.537 2.263   1.00 20.47 ? 1424 ASP A CG  1 
ATOM   932  O OD1 . ASP A 1 133 ? 2.298   -17.975 2.412   1.00 20.54 ? 1424 ASP A OD1 1 
ATOM   933  O OD2 . ASP A 1 133 ? 0.372   -17.335 3.164   1.00 25.98 ? 1424 ASP A OD2 1 
ATOM   934  N N   . TYR A 1 134 ? 0.739   -16.028 -2.115  1.00 12.73 ? 1425 TYR A N   1 
ATOM   935  C CA  . TYR A 1 134 ? 0.166   -15.874 -3.474  1.00 12.66 ? 1425 TYR A CA  1 
ATOM   936  C C   . TYR A 1 134 ? 1.094   -16.486 -4.528  1.00 12.43 ? 1425 TYR A C   1 
ATOM   937  O O   . TYR A 1 134 ? 0.654   -17.298 -5.396  1.00 13.96 ? 1425 TYR A O   1 
ATOM   938  C CB  . TYR A 1 134 ? -0.159  -14.406 -3.799  1.00 12.00 ? 1425 TYR A CB  1 
ATOM   939  C CG  . TYR A 1 134 ? -0.660  -14.206 -5.197  1.00 13.82 ? 1425 TYR A CG  1 
ATOM   940  C CD1 . TYR A 1 134 ? -1.984  -14.496 -5.502  1.00 14.04 ? 1425 TYR A CD1 1 
ATOM   941  C CD2 . TYR A 1 134 ? 0.176   -13.784 -6.200  1.00 15.44 ? 1425 TYR A CD2 1 
ATOM   942  C CE1 . TYR A 1 134 ? -2.469  -14.332 -6.785  1.00 14.20 ? 1425 TYR A CE1 1 
ATOM   943  C CE2 . TYR A 1 134 ? -0.302  -13.593 -7.484  1.00 17.51 ? 1425 TYR A CE2 1 
ATOM   944  C CZ  . TYR A 1 134 ? -1.612  -13.903 -7.779  1.00 15.98 ? 1425 TYR A CZ  1 
ATOM   945  O OH  . TYR A 1 134 ? -2.162  -13.676 -9.013  1.00 18.95 ? 1425 TYR A OH  1 
ATOM   946  N N   . LYS A 1 135 ? 2.382   -16.144 -4.505  1.00 12.25 ? 1426 LYS A N   1 
ATOM   947  C CA  . LYS A 1 135 ? 3.264   -16.612 -5.608  1.00 12.95 ? 1426 LYS A CA  1 
ATOM   948  C C   . LYS A 1 135 ? 3.404   -18.146 -5.510  1.00 12.60 ? 1426 LYS A C   1 
ATOM   949  O O   . LYS A 1 135 ? 3.498   -18.798 -6.538  1.00 12.74 ? 1426 LYS A O   1 
ATOM   950  C CB  . LYS A 1 135 ? 4.620   -15.877 -5.556  1.00 14.98 ? 1426 LYS A CB  1 
ATOM   951  C CG  . LYS A 1 135 ? 4.463   -14.365 -5.795  1.00 15.31 ? 1426 LYS A CG  1 
ATOM   952  C CD  . LYS A 1 135 ? 5.791   -13.605 -5.722  1.00 17.22 ? 1426 LYS A CD  1 
ATOM   953  C CE  . LYS A 1 135 ? 5.665   -12.113 -5.962  1.00 21.69 ? 1426 LYS A CE  1 
ATOM   954  N NZ  . LYS A 1 135 ? 6.991   -11.457 -6.183  1.00 26.80 ? 1426 LYS A NZ  1 
ATOM   955  N N   A SER A 1 136 ? 3.431   -18.676 -4.286  0.40 12.67 ? 1427 SER A N   1 
ATOM   956  N N   B SER A 1 136 ? 3.382   -18.702 -4.297  0.10 12.89 ? 1427 SER A N   1 
ATOM   957  C CA  A SER A 1 136 ? 3.466   -20.144 -4.012  0.40 14.15 ? 1427 SER A CA  1 
ATOM   958  C CA  B SER A 1 136 ? 3.505   -20.167 -4.067  0.10 13.38 ? 1427 SER A CA  1 
ATOM   959  C C   A SER A 1 136 ? 2.215   -20.816 -4.604  0.40 13.72 ? 1427 SER A C   1 
ATOM   960  C C   B SER A 1 136 ? 2.210   -20.888 -4.485  0.10 13.71 ? 1427 SER A C   1 
ATOM   961  O O   A SER A 1 136 ? 2.330   -21.823 -5.332  0.40 12.96 ? 1427 SER A O   1 
ATOM   962  O O   B SER A 1 136 ? 2.310   -22.041 -4.947  0.10 13.88 ? 1427 SER A O   1 
ATOM   963  C CB  A SER A 1 136 ? 3.594   -20.411 -2.535  0.40 15.62 ? 1427 SER A CB  1 
ATOM   964  C CB  B SER A 1 136 ? 3.913   -20.464 -2.645  0.10 13.43 ? 1427 SER A CB  1 
ATOM   965  O OG  A SER A 1 136 ? 3.261   -21.765 -2.223  0.40 18.31 ? 1427 SER A OG  1 
ATOM   966  O OG  B SER A 1 136 ? 2.794   -20.501 -1.772  0.10 13.56 ? 1427 SER A OG  1 
ATOM   967  N N   . ALA A 1 137 ? 1.045   -20.238 -4.350  1.00 13.91 ? 1428 ALA A N   1 
ATOM   968  C CA  . ALA A 1 137 ? -0.258  -20.744 -4.858  1.00 15.53 ? 1428 ALA A CA  1 
ATOM   969  C C   . ALA A 1 137 ? -0.236  -20.744 -6.380  1.00 14.16 ? 1428 ALA A C   1 
ATOM   970  O O   . ALA A 1 137 ? -0.701  -21.726 -6.984  1.00 15.61 ? 1428 ALA A O   1 
ATOM   971  C CB  . ALA A 1 137 ? -1.378  -19.872 -4.324  1.00 18.14 ? 1428 ALA A CB  1 
ATOM   972  N N   . LEU A 1 138 ? 0.284   -19.706 -7.023  1.00 14.66 ? 1429 LEU A N   1 
ATOM   973  C CA  . LEU A 1 138 ? 0.295   -19.682 -8.494  1.00 15.76 ? 1429 LEU A CA  1 
ATOM   974  C C   . LEU A 1 138 ? 1.284   -20.725 -9.024  1.00 13.81 ? 1429 LEU A C   1 
ATOM   975  O O   . LEU A 1 138 ? 0.923   -21.451 -9.992  1.00 14.28 ? 1429 LEU A O   1 
ATOM   976  C CB  . LEU A 1 138 ? 0.620   -18.285 -9.003  1.00 20.66 ? 1429 LEU A CB  1 
ATOM   977  C CG  . LEU A 1 138 ? -0.275  -17.721 -10.082 1.00 26.32 ? 1429 LEU A CG  1 
ATOM   978  C CD1 . LEU A 1 138 ? -1.762  -17.736 -9.746  1.00 25.15 ? 1429 LEU A CD1 1 
ATOM   979  C CD2 . LEU A 1 138 ? 0.210   -16.305 -10.350 1.00 26.56 ? 1429 LEU A CD2 1 
ATOM   980  N N   . ARG A 1 139 ? 2.440   -20.918 -8.360  1.00 13.43 ? 1430 ARG A N   1 
ATOM   981  C CA  . ARG A 1 139 ? 3.374   -21.942 -8.857  1.00 14.08 ? 1430 ARG A CA  1 
ATOM   982  C C   . ARG A 1 139 ? 2.710   -23.323 -8.705  1.00 14.00 ? 1430 ARG A C   1 
ATOM   983  O O   . ARG A 1 139 ? 2.855   -24.161 -9.584  1.00 15.00 ? 1430 ARG A O   1 
ATOM   984  C CB  . ARG A 1 139 ? 4.691   -21.922 -8.091  1.00 14.58 ? 1430 ARG A CB  1 
ATOM   985  C CG  . ARG A 1 139 ? 5.528   -20.668 -8.331  1.00 14.84 ? 1430 ARG A CG  1 
ATOM   986  C CD  . ARG A 1 139 ? 6.868   -20.833 -7.682  1.00 15.09 ? 1430 ARG A CD  1 
ATOM   987  N NE  . ARG A 1 139 ? 6.923   -20.787 -6.265  1.00 13.44 ? 1430 ARG A NE  1 
ATOM   988  C CZ  . ARG A 1 139 ? 7.104   -19.711 -5.507  1.00 12.18 ? 1430 ARG A CZ  1 
ATOM   989  N NH1 . ARG A 1 139 ? 7.141   -18.488 -6.008  1.00 14.88 ? 1430 ARG A NH1 1 
ATOM   990  N NH2 . ARG A 1 139 ? 7.208   -19.875 -4.200  1.00 13.66 ? 1430 ARG A NH2 1 
ATOM   991  N N   . PHE A 1 140 ? 1.999   -23.583 -7.604  1.00 12.86 ? 1431 PHE A N   1 
ATOM   992  C CA  . PHE A 1 140 ? 1.325   -24.895 -7.424  1.00 13.24 ? 1431 PHE A CA  1 
ATOM   993  C C   . PHE A 1 140 ? 0.282   -25.104 -8.519  1.00 14.22 ? 1431 PHE A C   1 
ATOM   994  O O   . PHE A 1 140 ? 0.214   -26.180 -9.144  1.00 15.17 ? 1431 PHE A O   1 
ATOM   995  C CB  . PHE A 1 140 ? 0.745   -25.035 -6.025  1.00 14.32 ? 1431 PHE A CB  1 
ATOM   996  C CG  . PHE A 1 140 ? 0.173   -26.396 -5.716  1.00 17.21 ? 1431 PHE A CG  1 
ATOM   997  C CD1 . PHE A 1 140 ? 1.001   -27.423 -5.282  1.00 19.14 ? 1431 PHE A CD1 1 
ATOM   998  C CD2 . PHE A 1 140 ? -1.177  -26.650 -5.829  1.00 17.41 ? 1431 PHE A CD2 1 
ATOM   999  C CE1 . PHE A 1 140 ? 0.482   -28.670 -4.972  1.00 17.45 ? 1431 PHE A CE1 1 
ATOM   1000 C CE2 . PHE A 1 140 ? -1.686  -27.921 -5.568  1.00 18.37 ? 1431 PHE A CE2 1 
ATOM   1001 C CZ  . PHE A 1 140 ? -0.862  -28.902 -5.094  1.00 17.92 ? 1431 PHE A CZ  1 
ATOM   1002 N N   . HIS A 1 141 ? -0.480  -24.060 -8.813  1.00 15.18 ? 1432 HIS A N   1 
ATOM   1003 C CA  . HIS A 1 141 ? -1.527  -24.149 -9.863  1.00 17.73 ? 1432 HIS A CA  1 
ATOM   1004 C C   . HIS A 1 141 ? -0.901  -24.534 -11.204 1.00 19.44 ? 1432 HIS A C   1 
ATOM   1005 O O   . HIS A 1 141 ? -1.565  -25.309 -11.960 1.00 19.78 ? 1432 HIS A O   1 
ATOM   1006 C CB  . HIS A 1 141 ? -2.279  -22.831 -9.916  1.00 16.54 ? 1432 HIS A CB  1 
ATOM   1007 C CG  . HIS A 1 141 ? -3.460  -22.915 -10.835 1.00 17.00 ? 1432 HIS A CG  1 
ATOM   1008 N ND1 . HIS A 1 141 ? -4.595  -23.593 -10.461 1.00 17.64 ? 1432 HIS A ND1 1 
ATOM   1009 C CD2 . HIS A 1 141 ? -3.694  -22.398 -12.062 1.00 20.84 ? 1432 HIS A CD2 1 
ATOM   1010 C CE1 . HIS A 1 141 ? -5.500  -23.498 -11.431 1.00 17.03 ? 1432 HIS A CE1 1 
ATOM   1011 N NE2 . HIS A 1 141 ? -4.969  -22.746 -12.414 1.00 18.52 ? 1432 HIS A NE2 1 
ATOM   1012 N N   . LYS A 1 142 ? 0.339   -24.137 -11.490 1.00 21.76 ? 1433 LYS A N   1 
ATOM   1013 C CA  . LYS A 1 142 ? 1.042   -24.494 -12.755 1.00 25.09 ? 1433 LYS A CA  1 
ATOM   1014 C C   . LYS A 1 142 ? 1.986   -25.699 -12.616 1.00 26.61 ? 1433 LYS A C   1 
ATOM   1015 O O   . LYS A 1 142 ? 2.797   -25.920 -13.540 1.00 34.32 ? 1433 LYS A O   1 
ATOM   1016 C CB  . LYS A 1 142 ? 1.782   -23.240 -13.241 1.00 32.98 ? 1433 LYS A CB  1 
ATOM   1017 C CG  . LYS A 1 142 ? 0.837   -22.086 -13.550 1.00 38.98 ? 1433 LYS A CG  1 
ATOM   1018 C CD  . LYS A 1 142 ? 1.358   -20.705 -13.233 1.00 43.50 ? 1433 LYS A CD  1 
ATOM   1019 C CE  . LYS A 1 142 ? 0.277   -19.652 -13.354 1.00 48.86 ? 1433 LYS A CE  1 
ATOM   1020 N NZ  . LYS A 1 142 ? 0.068   -19.242 -14.767 1.00 51.40 ? 1433 LYS A NZ  1 
ATOM   1021 N N   . ARG A 1 143 ? 1.927   -26.489 -11.559 1.00 24.84 ? 1434 ARG A N   1 
ATOM   1022 C CA  . ARG A 1 143 ? 2.962   -27.517 -11.278 1.00 27.95 ? 1434 ARG A CA  1 
ATOM   1023 C C   . ARG A 1 143 ? 3.033   -28.590 -12.390 1.00 36.59 ? 1434 ARG A C   1 
ATOM   1024 O O   . ARG A 1 143 ? 4.148   -29.118 -12.637 1.00 39.85 ? 1434 ARG A O   1 
ATOM   1025 C CB  . ARG A 1 143 ? 2.732   -28.107 -9.891  1.00 27.96 ? 1434 ARG A CB  1 
ATOM   1026 C CG  . ARG A 1 143 ? 1.504   -28.995 -9.809  1.00 25.76 ? 1434 ARG A CG  1 
ATOM   1027 C CD  . ARG A 1 143 ? 1.138   -29.293 -8.392  1.00 25.43 ? 1434 ARG A CD  1 
ATOM   1028 N NE  . ARG A 1 143 ? -0.021  -30.156 -8.327  1.00 25.68 ? 1434 ARG A NE  1 
ATOM   1029 C CZ  . ARG A 1 143 ? -1.273  -29.784 -8.456  1.00 28.07 ? 1434 ARG A CZ  1 
ATOM   1030 N NH1 . ARG A 1 143 ? -1.576  -28.508 -8.672  1.00 23.09 ? 1434 ARG A NH1 1 
ATOM   1031 N NH2 . ARG A 1 143 ? -2.233  -30.694 -8.343  1.00 27.17 ? 1434 ARG A NH2 1 
ATOM   1032 N N   . ASN A 1 144 ? 1.885   -28.979 -12.954 1.00 35.29 ? 1435 ASN A N   1 
ATOM   1033 C CA  . ASN A 1 144 ? 1.768   -30.033 -14.004 1.00 36.88 ? 1435 ASN A CA  1 
ATOM   1034 C C   . ASN A 1 144 ? 1.430   -29.372 -15.344 1.00 38.32 ? 1435 ASN A C   1 
ATOM   1035 O O   . ASN A 1 144 ? 1.587   -30.044 -16.383 1.00 40.43 ? 1435 ASN A O   1 
ATOM   1036 C CB  . ASN A 1 144 ? 0.672   -31.064 -13.709 1.00 35.56 ? 1435 ASN A CB  1 
ATOM   1037 C CG  . ASN A 1 144 ? 0.809   -31.761 -12.370 1.00 34.18 ? 1435 ASN A CG  1 
ATOM   1038 O OD1 . ASN A 1 144 ? 1.797   -32.444 -12.111 1.00 32.01 ? 1435 ASN A OD1 1 
ATOM   1039 N ND2 . ASN A 1 144 ? -0.200  -31.626 -11.524 1.00 32.21 ? 1435 ASN A ND2 1 
ATOM   1040 N N   . THR A 1 145 ? 0.951   -28.122 -15.302 1.00 39.15 ? 1436 THR A N   1 
ATOM   1041 C CA  . THR A 1 145 ? 0.404   -27.368 -16.464 1.00 40.25 ? 1436 THR A CA  1 
ATOM   1042 C C   . THR A 1 145 ? 0.194   -28.334 -17.635 1.00 40.89 ? 1436 THR A C   1 
ATOM   1043 O O   . THR A 1 145 ? -0.238  -27.848 -18.700 1.00 44.22 ? 1436 THR A O   1 
ATOM   1044 C CB  . THR A 1 145 ? 1.316   -26.196 -16.857 1.00 40.47 ? 1436 THR A CB  1 
ATOM   1045 O OG1 . THR A 1 145 ? 1.518   -25.372 -15.710 1.00 42.47 ? 1436 THR A OG1 1 
ATOM   1046 C CG2 . THR A 1 145 ? 0.747   -25.353 -17.977 1.00 40.74 ? 1436 THR A CG2 1 
HETATM 1047 N N1  . ZL3 B 2 .   ? -0.750  15.468  3.164   0.50 22.84 ? 1501 ZL3 A N1  1 
HETATM 1048 C C4  . ZL3 B 2 .   ? 0.899   14.049  2.058   0.50 23.16 ? 1501 ZL3 A C4  1 
HETATM 1049 C C5  . ZL3 B 2 .   ? 1.466   16.354  2.564   0.50 23.61 ? 1501 ZL3 A C5  1 
HETATM 1050 C C6  . ZL3 B 2 .   ? 0.275   16.457  3.510   0.50 22.84 ? 1501 ZL3 A C6  1 
HETATM 1051 C C7  . ZL3 B 2 .   ? 1.153   16.975  1.211   0.50 24.27 ? 1501 ZL3 A C7  1 
HETATM 1052 C C8  . ZL3 B 2 .   ? 3.214   14.501  2.643   0.50 21.82 ? 1501 ZL3 A C8  1 
HETATM 1053 C C10 . ZL3 B 2 .   ? 5.145   16.956  4.417   0.50 21.07 ? 1501 ZL3 A C10 1 
HETATM 1054 C C13 . ZL3 B 2 .   ? -4.701  14.866  5.191   0.50 24.18 ? 1501 ZL3 A C13 1 
HETATM 1055 N N   . ZL3 B 2 .   ? -2.907  14.714  3.548   0.50 22.94 ? 1501 ZL3 A N   1 
HETATM 1056 C C   . ZL3 B 2 .   ? -5.091  13.821  2.935   0.50 23.23 ? 1501 ZL3 A C   1 
HETATM 1057 O O   . ZL3 B 2 .   ? 3.968   16.487  3.888   0.50 20.66 ? 1501 ZL3 A O   1 
HETATM 1058 C C1  . ZL3 B 2 .   ? -4.352  14.891  3.715   0.50 23.80 ? 1501 ZL3 A C1  1 
HETATM 1059 C C11 . ZL3 B 2 .   ? 6.143   16.139  4.132   0.50 20.17 ? 1501 ZL3 A C11 1 
HETATM 1060 C C12 . ZL3 B 2 .   ? 5.608   15.082  3.370   0.50 21.35 ? 1501 ZL3 A C12 1 
HETATM 1061 C C2  . ZL3 B 2 .   ? -2.077  15.754  3.322   0.50 23.25 ? 1501 ZL3 A C2  1 
HETATM 1062 C C3  . ZL3 B 2 .   ? -0.201  14.106  3.093   0.50 23.01 ? 1501 ZL3 A C3  1 
HETATM 1063 C C9  . ZL3 B 2 .   ? 4.284   15.325  3.250   0.50 21.89 ? 1501 ZL3 A C9  1 
HETATM 1064 N N2  . ZL3 B 2 .   ? 1.973   14.974  2.419   0.50 22.80 ? 1501 ZL3 A N2  1 
HETATM 1065 O O1  . ZL3 B 2 .   ? 3.522   13.366  2.300   0.50 22.20 ? 1501 ZL3 A O1  1 
HETATM 1066 O O2  . ZL3 B 2 .   ? -2.488  16.907  3.314   0.50 20.55 ? 1501 ZL3 A O2  1 
HETATM 1067 O O   . HOH C 3 .   ? 16.257  19.048  3.779   1.00 29.73 ? 1601 HOH A O   1 
HETATM 1068 O O   . HOH C 3 .   ? 10.980  15.777  -4.771  1.00 24.79 ? 1602 HOH A O   1 
HETATM 1069 O O   . HOH C 3 .   ? 9.347   -11.941 -6.637  1.00 36.57 ? 1603 HOH A O   1 
HETATM 1070 O O   . HOH C 3 .   ? 0.532   -8.882  -10.909 1.00 31.17 ? 1604 HOH A O   1 
HETATM 1071 O O   . HOH C 3 .   ? 8.463   -11.462 -4.225  1.00 38.93 ? 1605 HOH A O   1 
HETATM 1072 O O   . HOH C 3 .   ? -4.652  -12.675 -16.259 1.00 39.79 ? 1606 HOH A O   1 
HETATM 1073 O O   . HOH C 3 .   ? -4.418  14.279  -4.167  0.50 22.73 ? 1607 HOH A O   1 
HETATM 1074 O O   . HOH C 3 .   ? -8.044  15.776  0.838   1.00 48.46 ? 1608 HOH A O   1 
HETATM 1075 O O   . HOH C 3 .   ? -8.000  -19.920 1.963   1.00 32.03 ? 1609 HOH A O   1 
HETATM 1076 O O   . HOH C 3 .   ? 4.050   4.435   15.325  0.50 15.97 ? 1610 HOH A O   1 
HETATM 1077 O O   . HOH C 3 .   ? -4.487  -14.408 -9.729  1.00 33.00 ? 1611 HOH A O   1 
HETATM 1078 O O   . HOH C 3 .   ? 6.064   11.607  13.600  1.00 31.33 ? 1612 HOH A O   1 
HETATM 1079 O O   . HOH C 3 .   ? 1.528   15.982  -12.188 1.00 39.76 ? 1613 HOH A O   1 
HETATM 1080 O O   . HOH C 3 .   ? -0.876  11.780  15.405  1.00 33.60 ? 1614 HOH A O   1 
HETATM 1081 O O   . HOH C 3 .   ? 2.115   19.644  4.857   0.50 23.46 ? 1615 HOH A O   1 
HETATM 1082 O O   . HOH C 3 .   ? -3.511  8.921   -8.975  1.00 30.46 ? 1616 HOH A O   1 
HETATM 1083 O O   . HOH C 3 .   ? -14.772 -6.877  -5.344  1.00 18.02 ? 1617 HOH A O   1 
HETATM 1084 O O   . HOH C 3 .   ? -6.774  2.842   -8.613  1.00 33.43 ? 1618 HOH A O   1 
HETATM 1085 O O   . HOH C 3 .   ? -6.081  11.729  5.249   0.50 32.90 ? 1619 HOH A O   1 
HETATM 1086 O O   . HOH C 3 .   ? -5.991  -16.069 4.677   1.00 39.54 ? 1620 HOH A O   1 
HETATM 1087 O O   . HOH C 3 .   ? -2.184  -30.164 -12.316 1.00 47.18 ? 1621 HOH A O   1 
HETATM 1088 O O   . HOH C 3 .   ? 6.781   0.309   1.665   1.00 19.09 ? 1622 HOH A O   1 
HETATM 1089 O O   . HOH C 3 .   ? -16.359 -2.872  -9.560  1.00 30.27 ? 1623 HOH A O   1 
HETATM 1090 O O   . HOH C 3 .   ? 3.862   -32.079 -10.574 1.00 45.48 ? 1624 HOH A O   1 
HETATM 1091 O O   . HOH C 3 .   ? -1.641  18.339  5.977   1.00 46.19 ? 1625 HOH A O   1 
HETATM 1092 O O   . HOH C 3 .   ? 16.473  8.137   2.838   1.00 45.33 ? 1626 HOH A O   1 
HETATM 1093 O O   . HOH C 3 .   ? 4.814   -18.611 2.054   1.00 33.44 ? 1627 HOH A O   1 
HETATM 1094 O O   . HOH C 3 .   ? -0.720  10.313  -0.156  0.50 15.70 ? 1628 HOH A O   1 
HETATM 1095 O O   . HOH C 3 .   ? 10.096  7.268   14.215  1.00 19.24 ? 1629 HOH A O   1 
HETATM 1096 O O   . HOH C 3 .   ? 9.802   -6.454  10.909  1.00 22.97 ? 1630 HOH A O   1 
HETATM 1097 O O   . HOH C 3 .   ? -0.320  11.229  -2.740  0.50 12.25 ? 1631 HOH A O   1 
HETATM 1098 O O   . HOH C 3 .   ? -17.418 -3.654  -5.349  1.00 44.86 ? 1632 HOH A O   1 
HETATM 1099 O O   . HOH C 3 .   ? -4.423  -24.652 -8.026  1.00 16.70 ? 1633 HOH A O   1 
HETATM 1100 O O   . HOH C 3 .   ? -6.813  12.179  7.805   0.50 34.47 ? 1634 HOH A O   1 
HETATM 1101 O O   . HOH C 3 .   ? -2.810  11.668  1.446   0.50 13.04 ? 1635 HOH A O   1 
HETATM 1102 O O   . HOH C 3 .   ? 10.580  2.302   6.646   1.00 23.90 ? 1636 HOH A O   1 
HETATM 1103 O O   . HOH C 3 .   ? 6.631   8.748   -6.018  1.00 18.93 ? 1637 HOH A O   1 
HETATM 1104 O O   . HOH C 3 .   ? 0.267   -10.680 7.065   1.00 28.01 ? 1638 HOH A O   1 
HETATM 1105 O O   . HOH C 3 .   ? -0.641  -12.907 -11.102 1.00 26.87 ? 1639 HOH A O   1 
HETATM 1106 O O   . HOH C 3 .   ? 5.120   -24.397 -11.043 1.00 31.62 ? 1640 HOH A O   1 
HETATM 1107 O O   . HOH C 3 .   ? 3.062   12.850  -0.484  0.50 13.70 ? 1641 HOH A O   1 
HETATM 1108 O O   . HOH C 3 .   ? 7.137   23.502  -5.456  1.00 35.47 ? 1642 HOH A O   1 
HETATM 1109 O O   . HOH C 3 .   ? 5.241   -23.625 -2.250  1.00 27.72 ? 1643 HOH A O   1 
HETATM 1110 O O   . HOH C 3 .   ? 1.866   9.603   14.797  1.00 36.13 ? 1644 HOH A O   1 
HETATM 1111 O O   . HOH C 3 .   ? 6.714   -9.021  -7.359  1.00 38.74 ? 1645 HOH A O   1 
HETATM 1112 O O   . HOH C 3 .   ? -9.048  5.446   10.511  0.50 20.16 ? 1646 HOH A O   1 
HETATM 1113 O O   . HOH C 3 .   ? 6.291   19.864  -12.851 1.00 46.17 ? 1647 HOH A O   1 
HETATM 1114 O O   . HOH C 3 .   ? -3.739  0.586   -9.586  1.00 37.78 ? 1648 HOH A O   1 
HETATM 1115 O O   . HOH C 3 .   ? 5.220   -3.769  13.446  1.00 16.87 ? 1649 HOH A O   1 
HETATM 1116 O O   . HOH C 3 .   ? -0.954  -27.855 -12.751 1.00 34.38 ? 1650 HOH A O   1 
HETATM 1117 O O   . HOH C 3 .   ? -4.367  10.194  -3.936  1.00 18.34 ? 1651 HOH A O   1 
HETATM 1118 O O   . HOH C 3 .   ? -6.510  7.123   14.157  1.00 39.86 ? 1652 HOH A O   1 
HETATM 1119 O O   . HOH C 3 .   ? 8.319   7.429   2.737   1.00 18.76 ? 1653 HOH A O   1 
HETATM 1120 O O   . HOH C 3 .   ? -13.223 -9.967  -0.584  1.00 29.34 ? 1654 HOH A O   1 
HETATM 1121 O O   . HOH C 3 .   ? 1.957   10.248  0.214   0.50 12.52 ? 1655 HOH A O   1 
HETATM 1122 O O   . HOH C 3 .   ? 4.753   -4.897  -6.372  1.00 22.56 ? 1656 HOH A O   1 
HETATM 1123 O O   . HOH C 3 .   ? -2.855  -23.343 -6.198  1.00 17.39 ? 1657 HOH A O   1 
HETATM 1124 O O   . HOH C 3 .   ? -7.945  8.433   -6.384  1.00 28.62 ? 1658 HOH A O   1 
HETATM 1125 O O   . HOH C 3 .   ? -4.704  17.881  1.809   0.50 25.03 ? 1659 HOH A O   1 
HETATM 1126 O O   . HOH C 3 .   ? -9.723  -13.461 -0.286  1.00 15.02 ? 1660 HOH A O   1 
HETATM 1127 O O   . HOH C 3 .   ? -9.736  0.088   10.689  1.00 29.32 ? 1661 HOH A O   1 
HETATM 1128 O O   . HOH C 3 .   ? 7.768   -6.884  2.384   1.00 18.05 ? 1662 HOH A O   1 
HETATM 1129 O O   . HOH C 3 .   ? 5.357   2.085   -6.567  1.00 18.86 ? 1663 HOH A O   1 
HETATM 1130 O O   . HOH C 3 .   ? 12.881  6.219   2.616   1.00 29.73 ? 1664 HOH A O   1 
HETATM 1131 O O   . HOH C 3 .   ? 7.028   4.030   -5.832  1.00 19.66 ? 1665 HOH A O   1 
HETATM 1132 O O   . HOH C 3 .   ? 8.201   3.382   -1.677  1.00 15.91 ? 1666 HOH A O   1 
HETATM 1133 O O   . HOH C 3 .   ? 1.412   2.248   -9.160  1.00 31.46 ? 1667 HOH A O   1 
HETATM 1134 O O   . HOH C 3 .   ? 8.220   -6.644  -4.121  1.00 32.17 ? 1668 HOH A O   1 
HETATM 1135 O O   . HOH C 3 .   ? 4.785   -8.846  13.027  1.00 25.51 ? 1669 HOH A O   1 
HETATM 1136 O O   . HOH C 3 .   ? -2.117  11.051  13.526  1.00 29.54 ? 1670 HOH A O   1 
HETATM 1137 O O   . HOH C 3 .   ? -14.077 -10.883 -4.372  1.00 19.92 ? 1671 HOH A O   1 
HETATM 1138 O O   . HOH C 3 .   ? 6.774   -23.457 -5.445  1.00 19.59 ? 1672 HOH A O   1 
HETATM 1139 O O   . HOH C 3 .   ? -5.303  -1.433  -10.748 1.00 25.92 ? 1673 HOH A O   1 
HETATM 1140 O O   . HOH C 3 .   ? 3.307   2.776   11.943  1.00 24.48 ? 1674 HOH A O   1 
HETATM 1141 O O   . HOH C 3 .   ? -1.791  -14.662 -0.187  1.00 13.60 ? 1675 HOH A O   1 
HETATM 1142 O O   . HOH C 3 .   ? -3.479  -9.612  6.687   1.00 23.75 ? 1676 HOH A O   1 
HETATM 1143 O O   . HOH C 3 .   ? -2.968  12.181  -2.817  0.50 17.85 ? 1677 HOH A O   1 
HETATM 1144 O O   . HOH C 3 .   ? -9.218  -6.188  -6.430  1.00 14.18 ? 1678 HOH A O   1 
HETATM 1145 O O   . HOH C 3 .   ? -14.188 -0.336  -11.809 1.00 31.02 ? 1679 HOH A O   1 
HETATM 1146 O O   . HOH C 3 .   ? -0.666  -1.112  -9.293  1.00 20.92 ? 1680 HOH A O   1 
HETATM 1147 O O   . HOH C 3 .   ? 4.211   -24.116 -4.914  1.00 16.96 ? 1681 HOH A O   1 
HETATM 1148 O O   . HOH C 3 .   ? 7.577   -11.730 0.237   1.00 19.90 ? 1682 HOH A O   1 
HETATM 1149 O O   . HOH C 3 .   ? 12.341  15.583  -0.977  1.00 27.22 ? 1683 HOH A O   1 
HETATM 1150 O O   . HOH C 3 .   ? 7.432   -14.546 3.364   1.00 20.88 ? 1684 HOH A O   1 
HETATM 1151 O O   . HOH C 3 .   ? 4.120   -17.316 -8.866  1.00 18.62 ? 1685 HOH A O   1 
HETATM 1152 O O   . HOH C 3 .   ? 8.720   -9.322  6.638   1.00 30.61 ? 1686 HOH A O   1 
HETATM 1153 O O   . HOH C 3 .   ? 4.477   -11.246 6.613   1.00 21.07 ? 1687 HOH A O   1 
HETATM 1154 O O   . HOH C 3 .   ? 4.187   10.109  -8.306  1.00 20.08 ? 1688 HOH A O   1 
HETATM 1155 O O   . HOH C 3 .   ? -7.834  -14.891 3.073   1.00 21.04 ? 1689 HOH A O   1 
HETATM 1156 O O   . HOH C 3 .   ? -4.200  -27.407 -8.546  1.00 22.44 ? 1690 HOH A O   1 
HETATM 1157 O O   . HOH C 3 .   ? -1.305  20.422  -7.241  1.00 39.61 ? 1691 HOH A O   1 
HETATM 1158 O O   . HOH C 3 .   ? 0.449   22.521  -9.595  1.00 41.41 ? 1692 HOH A O   1 
HETATM 1159 O O   . HOH C 3 .   ? -1.611  4.052   16.444  1.00 33.97 ? 1693 HOH A O   1 
HETATM 1160 O O   . HOH C 3 .   ? 7.902   -9.948  8.082   1.00 27.07 ? 1694 HOH A O   1 
HETATM 1161 O O   . HOH C 3 .   ? -12.334 -8.471  5.377   1.00 33.11 ? 1695 HOH A O   1 
HETATM 1162 O O   . HOH C 3 .   ? 10.272  19.370  11.198  1.00 32.62 ? 1696 HOH A O   1 
HETATM 1163 O O   . HOH C 3 .   ? -10.089 -2.744  4.136   1.00 32.60 ? 1697 HOH A O   1 
HETATM 1164 O O   . HOH C 3 .   ? -7.786  -6.245  10.438  1.00 32.20 ? 1698 HOH A O   1 
HETATM 1165 O O   . HOH C 3 .   ? -2.516  -18.679 -0.403  1.00 17.78 ? 1699 HOH A O   1 
HETATM 1166 O O   . HOH C 3 .   ? 10.299  7.429   11.301  1.00 19.88 ? 1700 HOH A O   1 
HETATM 1167 O O   . HOH C 3 .   ? 10.629  9.236   -3.575  1.00 22.82 ? 1701 HOH A O   1 
HETATM 1168 O O   . HOH C 3 .   ? 9.691   -3.874  7.832   1.00 24.15 ? 1702 HOH A O   1 
HETATM 1169 O O   . HOH C 3 .   ? 5.764   0.795   12.535  1.00 17.95 ? 1703 HOH A O   1 
HETATM 1170 O O   . HOH C 3 .   ? 6.122   11.891  -8.902  1.00 28.54 ? 1704 HOH A O   1 
HETATM 1171 O O   . HOH C 3 .   ? 9.937   0.099   5.096   1.00 21.92 ? 1705 HOH A O   1 
HETATM 1172 O O   . HOH C 3 .   ? 6.985   -13.072 6.062   1.00 29.64 ? 1706 HOH A O   1 
HETATM 1173 O O   . HOH C 3 .   ? 1.804   12.469  18.407  1.00 42.98 ? 1707 HOH A O   1 
HETATM 1174 O O   . HOH C 3 .   ? -9.783  -16.887 -0.768  1.00 19.42 ? 1708 HOH A O   1 
HETATM 1175 O O   . HOH C 3 .   ? -15.003 -2.826  -11.348 1.00 27.66 ? 1709 HOH A O   1 
HETATM 1176 O O   . HOH C 3 .   ? 9.979   3.070   2.645   1.00 29.09 ? 1710 HOH A O   1 
HETATM 1177 O O   . HOH C 3 .   ? -1.434  -8.783  -13.263 1.00 31.91 ? 1711 HOH A O   1 
HETATM 1178 O O   . HOH C 3 .   ? 6.906   -17.445 -8.762  1.00 19.45 ? 1712 HOH A O   1 
HETATM 1179 O O   . HOH C 3 .   ? -6.591  7.852   18.099  1.00 27.29 ? 1713 HOH A O   1 
HETATM 1180 O O   . HOH C 3 .   ? -3.399  -15.725 -2.319  1.00 13.70 ? 1714 HOH A O   1 
HETATM 1181 O O   . HOH C 3 .   ? -2.556  -17.639 2.109   1.00 20.05 ? 1715 HOH A O   1 
HETATM 1182 O O   . HOH C 3 .   ? -0.356  -14.577 4.028   1.00 28.33 ? 1716 HOH A O   1 
HETATM 1183 O O   . HOH C 3 .   ? 6.873   -0.300  -12.072 1.00 38.94 ? 1717 HOH A O   1 
HETATM 1184 O O   . HOH C 3 .   ? 8.783   -7.481  -1.722  1.00 26.29 ? 1718 HOH A O   1 
HETATM 1185 O O   . HOH C 3 .   ? 15.119  8.386   5.013   1.00 38.83 ? 1719 HOH A O   1 
HETATM 1186 O O   . HOH C 3 .   ? -8.014  -15.726 -9.398  1.00 23.26 ? 1720 HOH A O   1 
HETATM 1187 O O   . HOH C 3 .   ? -7.763  -13.463 -6.953  1.00 23.74 ? 1721 HOH A O   1 
HETATM 1188 O O   . HOH C 3 .   ? -0.914  15.297  16.364  0.50 42.89 ? 1722 HOH A O   1 
HETATM 1189 O O   . HOH C 3 .   ? -9.199  -12.852 -4.737  1.00 16.31 ? 1723 HOH A O   1 
HETATM 1190 O O   . HOH C 3 .   ? -10.402 7.827   -2.750  1.00 36.17 ? 1724 HOH A O   1 
HETATM 1191 O O   . HOH C 3 .   ? -1.455  3.738   -10.012 1.00 38.58 ? 1725 HOH A O   1 
HETATM 1192 O O   . HOH C 3 .   ? 12.372  8.948   10.982  1.00 29.30 ? 1726 HOH A O   1 
HETATM 1193 O O   . HOH C 3 .   ? -4.795  22.907  -7.777  1.00 49.12 ? 1727 HOH A O   1 
HETATM 1194 O O   . HOH C 3 .   ? -3.025  -1.262  13.894  1.00 32.55 ? 1728 HOH A O   1 
HETATM 1195 O O   . HOH C 3 .   ? 5.892   2.065   -13.014 1.00 35.59 ? 1729 HOH A O   1 
HETATM 1196 O O   . HOH C 3 .   ? -11.529 1.142   -8.852  1.00 43.97 ? 1730 HOH A O   1 
HETATM 1197 O O   . HOH C 3 .   ? -4.222  -21.330 1.233   1.00 25.02 ? 1731 HOH A O   1 
HETATM 1198 O O   . HOH C 3 .   ? 6.366   -2.673  -5.971  1.00 19.13 ? 1732 HOH A O   1 
HETATM 1199 O O   . HOH C 3 .   ? -12.074 3.630   0.589   1.00 33.97 ? 1733 HOH A O   1 
HETATM 1200 O O   . HOH C 3 .   ? 6.496   24.344  -7.924  1.00 31.59 ? 1734 HOH A O   1 
HETATM 1201 O O   . HOH C 3 .   ? 17.202  16.211  6.012   0.50 22.52 ? 1735 HOH A O   1 
HETATM 1202 O O   . HOH C 3 .   ? -11.843 4.047   3.302   1.00 42.25 ? 1736 HOH A O   1 
HETATM 1203 O O   . HOH C 3 .   ? 5.369   17.264  8.308   1.00 21.93 ? 1737 HOH A O   1 
HETATM 1204 O O   . HOH C 3 .   ? -6.443  5.518   16.110  1.00 31.20 ? 1738 HOH A O   1 
HETATM 1205 O O   . HOH C 3 .   ? -11.208 9.634   -0.599  0.50 28.27 ? 1739 HOH A O   1 
HETATM 1206 O O   . HOH C 3 .   ? -0.052  12.364  -14.731 1.00 48.19 ? 1740 HOH A O   1 
HETATM 1207 O O   . HOH C 3 .   ? -4.392  -26.844 -11.563 1.00 40.12 ? 1741 HOH A O   1 
HETATM 1208 O O   . HOH C 3 .   ? 9.498   -6.614  6.366   1.00 42.35 ? 1742 HOH A O   1 
HETATM 1209 O O   . HOH C 3 .   ? 10.571  -10.151 1.854   1.00 42.03 ? 1743 HOH A O   1 
HETATM 1210 O O   . HOH C 3 .   ? 1.588   5.731   16.309  1.00 42.39 ? 1744 HOH A O   1 
HETATM 1211 O O   . HOH C 3 .   ? 2.679   -4.974  -9.999  1.00 30.28 ? 1745 HOH A O   1 
HETATM 1212 O O   . HOH C 3 .   ? 5.490   -19.787 0.399   1.00 35.77 ? 1746 HOH A O   1 
HETATM 1213 O O   . HOH C 3 .   ? 9.936   5.312   -0.909  1.00 19.95 ? 1747 HOH A O   1 
HETATM 1214 O O   . HOH C 3 .   ? 4.801   7.947   -10.125 1.00 34.61 ? 1748 HOH A O   1 
HETATM 1215 O O   . HOH C 3 .   ? 4.254   -26.320 -6.912  1.00 18.11 ? 1749 HOH A O   1 
HETATM 1216 O O   . HOH C 3 .   ? 3.540   -18.858 -11.160 1.00 31.13 ? 1750 HOH A O   1 
HETATM 1217 O O   . HOH C 3 .   ? 8.160   -8.916  0.592   1.00 20.99 ? 1751 HOH A O   1 
HETATM 1218 O O   . HOH C 3 .   ? 16.868  10.867  -0.779  0.50 26.24 ? 1752 HOH A O   1 
HETATM 1219 O O   . HOH C 3 .   ? 10.494  2.387   11.149  1.00 26.11 ? 1753 HOH A O   1 
HETATM 1220 O O   . HOH C 3 .   ? 6.506   -17.474 4.171   1.00 30.02 ? 1754 HOH A O   1 
HETATM 1221 O O   . HOH C 3 .   ? 6.056   -26.063 -8.866  1.00 41.29 ? 1755 HOH A O   1 
HETATM 1222 O O   . HOH C 3 .   ? 8.398   5.289   -7.745  1.00 30.44 ? 1756 HOH A O   1 
HETATM 1223 O O   . HOH C 3 .   ? 5.425   -13.018 -9.337  1.00 37.77 ? 1757 HOH A O   1 
HETATM 1224 O O   . HOH C 3 .   ? -9.756  13.881  3.563   0.50 35.94 ? 1758 HOH A O   1 
HETATM 1225 O O   . HOH C 3 .   ? -10.572 9.013   12.472  1.00 29.06 ? 1759 HOH A O   1 
HETATM 1226 O O   . HOH C 3 .   ? 10.499  -5.844  -5.432  1.00 50.08 ? 1760 HOH A O   1 
HETATM 1227 O O   . HOH C 3 .   ? 3.246   -14.224 9.190   1.00 41.52 ? 1761 HOH A O   1 
HETATM 1228 O O   . HOH C 3 .   ? 10.563  -1.383  -3.294  1.00 42.47 ? 1762 HOH A O   1 
HETATM 1229 O O   . HOH C 3 .   ? 6.608   2.521   -10.906 1.00 32.73 ? 1763 HOH A O   1 
HETATM 1230 O O   . HOH C 3 .   ? -15.897 -12.221 9.445   1.00 25.81 ? 1764 HOH A O   1 
HETATM 1231 O O   . HOH C 3 .   ? -12.373 -3.636  11.549  1.00 36.34 ? 1765 HOH A O   1 
HETATM 1232 O O   . HOH C 3 .   ? 12.645  11.049  -3.574  1.00 26.74 ? 1766 HOH A O   1 
HETATM 1233 O O   . HOH C 3 .   ? 2.633   -22.260 2.349   1.00 47.71 ? 1767 HOH A O   1 
HETATM 1234 O O   . HOH C 3 .   ? -1.266  -8.731  7.977   1.00 36.03 ? 1768 HOH A O   1 
HETATM 1235 O O   . HOH C 3 .   ? 5.655   -7.170  -5.213  1.00 29.83 ? 1769 HOH A O   1 
HETATM 1236 O O   . HOH C 3 .   ? -6.275  -8.007  11.338  1.00 36.35 ? 1770 HOH A O   1 
HETATM 1237 O O   . HOH C 3 .   ? 8.976   2.751   -4.270  1.00 24.94 ? 1771 HOH A O   1 
HETATM 1238 O O   . HOH C 3 .   ? 8.847   1.351   -0.034  1.00 23.05 ? 1772 HOH A O   1 
HETATM 1239 O O   . HOH C 3 .   ? -10.067 -15.513 1.635   1.00 27.40 ? 1773 HOH A O   1 
HETATM 1240 O O   . HOH C 3 .   ? -7.151  -2.225  14.107  1.00 43.42 ? 1774 HOH A O   1 
HETATM 1241 O O   . HOH C 3 .   ? -12.138 -12.411 -1.061  1.00 20.69 ? 1775 HOH A O   1 
HETATM 1242 O O   . HOH C 3 .   ? 10.222  5.597   1.925   1.00 18.88 ? 1776 HOH A O   1 
HETATM 1243 O O   . HOH C 3 .   ? 2.690   -7.367  -10.928 1.00 45.74 ? 1777 HOH A O   1 
HETATM 1244 O O   . HOH C 3 .   ? -7.255  16.482  3.404   0.50 33.29 ? 1778 HOH A O   1 
HETATM 1245 O O   . HOH C 3 .   ? 11.674  4.809   10.633  1.00 38.36 ? 1779 HOH A O   1 
HETATM 1246 O O   . HOH C 3 .   ? 4.550   3.063   -9.035  1.00 24.84 ? 1780 HOH A O   1 
HETATM 1247 O O   . HOH C 3 .   ? -5.963  10.780  -6.161  1.00 35.01 ? 1781 HOH A O   1 
HETATM 1248 O O   . HOH C 3 .   ? -12.595 -7.083  11.073  1.00 47.94 ? 1782 HOH A O   1 
HETATM 1249 O O   . HOH C 3 .   ? 10.463  -6.066  8.490   1.00 29.63 ? 1783 HOH A O   1 
HETATM 1250 O O   . HOH C 3 .   ? 15.494  8.978   7.512   1.00 42.12 ? 1784 HOH A O   1 
HETATM 1251 O O   . HOH C 3 .   ? 14.308  4.651   4.300   1.00 35.79 ? 1785 HOH A O   1 
HETATM 1252 O O   . HOH C 3 .   ? -12.187 -13.555 -4.318  0.50 13.48 ? 1786 HOH A O   1 
HETATM 1253 O O   . HOH C 3 .   ? 5.417   -20.639 -11.952 1.00 38.89 ? 1787 HOH A O   1 
HETATM 1254 O O   . HOH C 3 .   ? -6.078  5.243   -9.052  1.00 36.74 ? 1788 HOH A O   1 
HETATM 1255 O O   . HOH C 3 .   ? 8.052   -18.819 -10.726 1.00 36.61 ? 1789 HOH A O   1 
HETATM 1256 O O   . HOH C 3 .   ? 11.047  -2.304  5.378   1.00 35.58 ? 1790 HOH A O   1 
HETATM 1257 O O   . HOH C 3 .   ? 10.253  -20.194 -9.748  1.00 32.24 ? 1791 HOH A O   1 
HETATM 1258 O O   . HOH C 3 .   ? 6.181   -14.935 7.755   1.00 41.05 ? 1792 HOH A O   1 
HETATM 1259 O O   . HOH C 3 .   ? 3.276   -14.487 -9.238  1.00 23.83 ? 1793 HOH A O   1 
# 
